data_8PWV
#
_entry.id   8PWV
#
_cell.length_a   85.970
_cell.length_b   158.011
_cell.length_c   113.017
_cell.angle_alpha   90.000
_cell.angle_beta   94.590
_cell.angle_gamma   90.000
#
_symmetry.space_group_name_H-M   'P 1 21 1'
#
loop_
_entity.id
_entity.type
_entity.pdbx_description
1 polymer 'Reticulocyte-binding protein homolog 5'
2 polymer 'monoclonal antibody MAD8-502'
3 water water
#
loop_
_entity_poly.entity_id
_entity_poly.type
_entity_poly.pdbx_seq_one_letter_code
_entity_poly.pdbx_strand_id
1 'polypeptide(L)'
;KNVNFLQYHFKELSNYNIANSIDILQEKEGHLDFVIIPHYTFLDYYKHLSYNSIYHKSSTYGKYIAVDAFIKKINEAYDK
VKSKCNDIKNDLIATIKKLEHPYDINNKNRAFKKMMDEYNTKKKKLIKCIKNHENDFNKICMDMKNYGTNLFEQLSCYNN
NFCNTNGIRYHYDEYIHKLILSVKSKNLNKDLSDMTNILQQSELLLTNLNKKMGSYIYIDTIKFIHKEMKHIFNRIEYHT
KIINDKTKIIQDKIKLNIWRTFQKDELLKRILDMSNEYSLFITSDHLRQMLYNTFYSKEKHLNNIFHHLIYVLQMKFNDV
PIKMEYFQTYKKNKPLTQ
;
A,C,E,G
2 'polypeptide(L)'
;QVQLVQSGAEVKKPGSSVKVSCKASGGTFSSYAINWVRQAPGQGPEWLGGIIPILDRVNYAQKFQGRVTITADELGGTAY
MELTSLRSEDTAMYYCARLADGPFDYWGQGTQVIVSSGGGGSGGGGSGGGGSNIVMTQTPLSLSVSPGQPASISCKSSQS
LLHSDGQTYMYWYLQKPGQSPQLLISEVSSRFSGVPDRFSGSGSGTTFTLKISRVEAEDVGVYYCMQAKDPYSFGQGTKL
EIKGTKHHHHHH
;
B,D,F,H
#
# COMPACT_ATOMS: atom_id res chain seq x y z
N ASN A 17 -20.13 55.06 2.24
CA ASN A 17 -21.45 55.09 1.60
C ASN A 17 -21.33 54.87 0.11
N ILE A 18 -21.72 53.66 -0.36
CA ILE A 18 -21.68 53.30 -1.77
C ILE A 18 -22.64 54.11 -2.65
N ALA A 19 -23.55 54.91 -2.07
CA ALA A 19 -24.46 55.73 -2.86
C ALA A 19 -23.73 56.84 -3.63
N ASN A 20 -22.61 57.33 -3.07
CA ASN A 20 -21.79 58.39 -3.68
C ASN A 20 -20.63 57.84 -4.54
N SER A 21 -20.49 56.49 -4.66
CA SER A 21 -19.40 55.89 -5.41
C SER A 21 -19.90 54.89 -6.48
N ILE A 22 -20.90 55.31 -7.27
CA ILE A 22 -21.45 54.49 -8.35
C ILE A 22 -21.28 55.19 -9.68
N ASP A 23 -20.63 54.53 -10.64
CA ASP A 23 -20.49 55.08 -11.99
C ASP A 23 -21.60 54.51 -12.87
N ILE A 24 -22.12 55.33 -13.78
CA ILE A 24 -23.16 54.88 -14.71
C ILE A 24 -22.63 54.91 -16.14
N LEU A 25 -22.75 53.79 -16.84
CA LEU A 25 -22.21 53.65 -18.18
C LEU A 25 -23.32 53.42 -19.22
N GLN A 26 -23.15 53.98 -20.42
CA GLN A 26 -24.07 53.84 -21.56
C GLN A 26 -23.18 53.75 -22.80
N GLU A 27 -22.46 52.64 -22.95
CA GLU A 27 -21.49 52.46 -24.03
C GLU A 27 -22.11 52.49 -25.42
N LYS A 28 -23.30 51.90 -25.56
CA LYS A 28 -24.10 51.89 -26.78
C LYS A 28 -25.47 52.53 -26.45
N GLU A 29 -26.16 53.08 -27.46
CA GLU A 29 -27.48 53.68 -27.25
C GLU A 29 -28.49 52.60 -26.83
N GLY A 30 -29.34 52.92 -25.86
CA GLY A 30 -30.32 51.96 -25.34
C GLY A 30 -29.77 50.99 -24.30
N HIS A 31 -28.53 51.21 -23.86
CA HIS A 31 -27.89 50.35 -22.88
C HIS A 31 -27.46 51.13 -21.64
N LEU A 32 -27.50 50.49 -20.48
CA LEU A 32 -27.14 51.14 -19.22
C LEU A 32 -26.55 50.08 -18.32
N ASP A 33 -25.42 50.40 -17.70
CA ASP A 33 -24.80 49.53 -16.72
C ASP A 33 -24.31 50.41 -15.56
N PHE A 34 -24.08 49.81 -14.40
CA PHE A 34 -23.59 50.55 -13.25
C PHE A 34 -22.42 49.80 -12.59
N VAL A 35 -21.51 50.55 -11.98
CA VAL A 35 -20.37 49.97 -11.30
C VAL A 35 -20.30 50.58 -9.94
N ILE A 36 -20.42 49.75 -8.90
CA ILE A 36 -20.25 50.18 -7.54
C ILE A 36 -18.74 50.07 -7.38
N ILE A 37 -18.04 51.22 -7.52
CA ILE A 37 -16.59 51.34 -7.48
C ILE A 37 -15.92 50.66 -6.28
N PRO A 38 -16.37 50.83 -5.00
CA PRO A 38 -15.67 50.12 -3.91
C PRO A 38 -15.75 48.59 -4.03
N HIS A 39 -16.82 48.05 -4.62
CA HIS A 39 -16.94 46.60 -4.80
C HIS A 39 -16.04 46.10 -5.93
N TYR A 40 -15.89 46.90 -6.99
CA TYR A 40 -15.05 46.53 -8.12
C TYR A 40 -13.59 46.42 -7.67
N THR A 41 -13.13 47.42 -6.91
CA THR A 41 -11.78 47.50 -6.37
C THR A 41 -11.50 46.34 -5.39
N PHE A 42 -12.45 46.06 -4.50
CA PHE A 42 -12.37 45.02 -3.49
C PHE A 42 -12.29 43.63 -4.12
N LEU A 43 -13.14 43.35 -5.12
CA LEU A 43 -13.12 42.04 -5.79
C LEU A 43 -11.85 41.85 -6.60
N ASP A 44 -11.36 42.93 -7.23
CA ASP A 44 -10.12 42.88 -7.98
C ASP A 44 -8.89 42.65 -7.06
N TYR A 45 -8.91 43.25 -5.88
CA TYR A 45 -7.84 43.12 -4.89
C TYR A 45 -7.68 41.67 -4.47
N TYR A 46 -8.78 41.00 -4.11
CA TYR A 46 -8.71 39.61 -3.68
C TYR A 46 -8.46 38.64 -4.82
N LYS A 47 -8.63 39.08 -6.08
CA LYS A 47 -8.31 38.28 -7.27
C LYS A 47 -6.77 38.28 -7.41
N HIS A 48 -6.15 39.47 -7.34
CA HIS A 48 -4.69 39.59 -7.39
C HIS A 48 -4.01 38.92 -6.19
N LEU A 49 -4.63 39.00 -5.00
CA LEU A 49 -4.10 38.36 -3.79
C LEU A 49 -4.12 36.84 -3.96
N SER A 50 -5.19 36.28 -4.55
CA SER A 50 -5.33 34.84 -4.78
C SER A 50 -4.22 34.30 -5.69
N TYR A 51 -3.98 34.96 -6.85
CA TYR A 51 -2.97 34.54 -7.81
C TYR A 51 -1.55 34.68 -7.29
N ASN A 52 -1.25 35.74 -6.53
CA ASN A 52 0.10 35.93 -5.98
C ASN A 52 0.47 34.80 -4.98
N SER A 53 -0.52 34.36 -4.20
CA SER A 53 -0.39 33.33 -3.19
C SER A 53 -0.16 31.92 -3.74
N ILE A 54 -0.74 31.61 -4.91
CA ILE A 54 -0.59 30.29 -5.51
C ILE A 54 0.61 30.22 -6.45
N TYR A 55 0.93 31.33 -7.13
CA TYR A 55 2.06 31.36 -8.04
C TYR A 55 3.40 31.38 -7.32
N HIS A 56 3.41 31.60 -5.98
CA HIS A 56 4.59 31.66 -5.14
C HIS A 56 5.39 30.34 -5.18
N LYS A 57 4.70 29.18 -5.17
CA LYS A 57 5.34 27.86 -5.22
C LYS A 57 4.83 27.02 -6.40
N SER A 58 5.71 26.16 -6.97
CA SER A 58 5.37 25.28 -8.10
C SER A 58 4.34 24.22 -7.70
N SER A 59 4.39 23.76 -6.44
CA SER A 59 3.45 22.78 -5.91
C SER A 59 2.01 23.35 -5.76
N THR A 60 1.86 24.69 -5.74
CA THR A 60 0.54 25.31 -5.61
C THR A 60 0.09 26.02 -6.91
N TYR A 61 1.00 26.23 -7.90
CA TYR A 61 0.72 26.92 -9.17
C TYR A 61 -0.49 26.34 -9.91
N GLY A 62 -0.65 25.01 -9.86
CA GLY A 62 -1.73 24.29 -10.50
C GLY A 62 -3.12 24.59 -9.99
N LYS A 63 -3.22 25.25 -8.81
CA LYS A 63 -4.52 25.62 -8.26
C LYS A 63 -5.20 26.76 -9.06
N TYR A 64 -4.54 27.31 -10.12
CA TYR A 64 -5.11 28.38 -10.97
C TYR A 64 -6.40 27.95 -11.63
N ILE A 65 -6.57 26.66 -11.95
CA ILE A 65 -7.81 26.15 -12.55
C ILE A 65 -8.98 26.37 -11.59
N ALA A 66 -8.76 26.08 -10.30
CA ALA A 66 -9.76 26.23 -9.25
C ALA A 66 -10.02 27.70 -8.89
N VAL A 67 -8.97 28.55 -8.95
CA VAL A 67 -9.08 29.97 -8.65
C VAL A 67 -9.90 30.63 -9.75
N ASP A 68 -9.58 30.36 -11.04
CA ASP A 68 -10.30 30.89 -12.21
C ASP A 68 -11.78 30.54 -12.11
N ALA A 69 -12.09 29.30 -11.71
CA ALA A 69 -13.46 28.81 -11.59
C ALA A 69 -14.19 29.43 -10.40
N PHE A 70 -13.47 29.73 -9.30
CA PHE A 70 -14.09 30.37 -8.14
C PHE A 70 -14.39 31.83 -8.46
N ILE A 71 -13.45 32.55 -9.09
CA ILE A 71 -13.62 33.95 -9.46
C ILE A 71 -14.78 34.09 -10.45
N LYS A 72 -14.90 33.17 -11.41
CA LYS A 72 -15.99 33.16 -12.39
C LYS A 72 -17.33 33.01 -11.67
N LYS A 73 -17.40 32.13 -10.65
CA LYS A 73 -18.57 31.84 -9.85
C LYS A 73 -18.98 33.07 -9.00
N ILE A 74 -17.98 33.83 -8.52
CA ILE A 74 -18.21 35.04 -7.73
C ILE A 74 -18.76 36.16 -8.61
N ASN A 75 -18.25 36.27 -9.85
CA ASN A 75 -18.68 37.28 -10.81
C ASN A 75 -20.11 37.04 -11.25
N GLU A 76 -20.49 35.76 -11.47
CA GLU A 76 -21.85 35.40 -11.84
C GLU A 76 -22.84 35.67 -10.72
N ALA A 77 -22.42 35.46 -9.47
CA ALA A 77 -23.25 35.71 -8.30
C ALA A 77 -23.45 37.22 -8.14
N TYR A 78 -22.40 38.02 -8.36
CA TYR A 78 -22.50 39.47 -8.28
C TYR A 78 -23.46 39.99 -9.35
N ASP A 79 -23.35 39.46 -10.59
CA ASP A 79 -24.22 39.86 -11.70
C ASP A 79 -25.67 39.45 -11.49
N LYS A 80 -25.89 38.36 -10.72
CA LYS A 80 -27.23 37.88 -10.39
C LYS A 80 -27.90 38.87 -9.41
N VAL A 81 -27.13 39.47 -8.49
CA VAL A 81 -27.65 40.49 -7.57
C VAL A 81 -27.92 41.78 -8.35
N LYS A 82 -27.03 42.14 -9.30
CA LYS A 82 -27.20 43.33 -10.15
C LYS A 82 -28.50 43.22 -10.96
N SER A 83 -28.81 42.00 -11.47
CA SER A 83 -30.03 41.73 -12.25
C SER A 83 -31.34 41.97 -11.47
N LYS A 84 -31.27 42.09 -10.14
CA LYS A 84 -32.45 42.41 -9.34
C LYS A 84 -32.92 43.87 -9.58
N CYS A 85 -32.00 44.75 -10.04
CA CYS A 85 -32.25 46.15 -10.38
C CYS A 85 -32.54 46.37 -11.86
N ASN A 86 -32.75 45.30 -12.66
CA ASN A 86 -32.97 45.39 -14.10
C ASN A 86 -34.26 46.14 -14.53
N ASP A 87 -35.42 45.91 -13.89
CA ASP A 87 -36.66 46.61 -14.28
C ASP A 87 -36.53 48.12 -14.08
N ILE A 88 -35.98 48.54 -12.94
CA ILE A 88 -35.73 49.93 -12.58
C ILE A 88 -34.69 50.55 -13.53
N LYS A 89 -33.66 49.77 -13.90
CA LYS A 89 -32.61 50.19 -14.82
C LYS A 89 -33.18 50.42 -16.22
N ASN A 90 -34.03 49.51 -16.69
CA ASN A 90 -34.69 49.61 -18.00
C ASN A 90 -35.66 50.78 -18.06
N ASP A 91 -36.31 51.09 -16.93
CA ASP A 91 -37.22 52.21 -16.79
C ASP A 91 -36.45 53.53 -16.93
N LEU A 92 -35.23 53.61 -16.37
CA LEU A 92 -34.37 54.78 -16.50
C LEU A 92 -33.90 54.96 -17.95
N ILE A 93 -33.56 53.85 -18.67
CA ILE A 93 -33.12 53.88 -20.07
C ILE A 93 -34.23 54.52 -20.93
N ALA A 94 -35.49 54.10 -20.72
CA ALA A 94 -36.64 54.63 -21.45
C ALA A 94 -36.80 56.14 -21.26
N THR A 95 -36.52 56.65 -20.05
CA THR A 95 -36.60 58.09 -19.80
C THR A 95 -35.46 58.84 -20.49
N ILE A 96 -34.23 58.31 -20.44
CA ILE A 96 -33.06 58.91 -21.09
C ILE A 96 -33.30 58.99 -22.60
N LYS A 97 -33.85 57.92 -23.19
CA LYS A 97 -34.17 57.81 -24.60
C LYS A 97 -35.22 58.85 -25.00
N LYS A 98 -36.23 59.10 -24.14
CA LYS A 98 -37.27 60.09 -24.38
C LYS A 98 -36.70 61.51 -24.28
N LEU A 99 -35.84 61.75 -23.28
CA LEU A 99 -35.18 63.04 -23.07
C LEU A 99 -34.15 63.37 -24.15
N GLU A 100 -33.67 62.36 -24.89
CA GLU A 100 -32.68 62.57 -25.93
C GLU A 100 -33.28 62.62 -27.33
N HIS A 101 -34.49 62.06 -27.52
CA HIS A 101 -35.15 62.06 -28.81
C HIS A 101 -36.35 63.01 -28.80
N PRO A 102 -36.14 64.29 -29.18
CA PRO A 102 -37.27 65.24 -29.16
C PRO A 102 -38.19 65.11 -30.37
N PHE A 112 -40.99 69.37 -20.72
CA PHE A 112 -39.62 68.94 -20.48
C PHE A 112 -39.29 68.86 -18.99
N LYS A 113 -39.86 69.76 -18.18
CA LYS A 113 -39.63 69.76 -16.73
C LYS A 113 -40.10 68.43 -16.12
N LYS A 114 -41.24 67.89 -16.62
CA LYS A 114 -41.82 66.62 -16.17
C LYS A 114 -40.81 65.48 -16.43
N MET A 115 -40.20 65.49 -17.63
CA MET A 115 -39.22 64.51 -18.07
C MET A 115 -37.92 64.61 -17.27
N MET A 116 -37.48 65.84 -16.95
CA MET A 116 -36.27 66.04 -16.16
C MET A 116 -36.50 65.59 -14.70
N ASP A 117 -37.74 65.79 -14.18
CA ASP A 117 -38.14 65.35 -12.85
C ASP A 117 -38.13 63.81 -12.83
N GLU A 118 -38.70 63.20 -13.88
CA GLU A 118 -38.82 61.77 -14.14
C GLU A 118 -37.42 61.09 -14.16
N TYR A 119 -36.44 61.76 -14.78
CA TYR A 119 -35.07 61.25 -14.91
C TYR A 119 -34.40 61.23 -13.54
N ASN A 120 -34.58 62.31 -12.77
CA ASN A 120 -33.97 62.43 -11.46
C ASN A 120 -34.51 61.42 -10.47
N THR A 121 -35.82 61.14 -10.52
CA THR A 121 -36.40 60.19 -9.58
C THR A 121 -36.17 58.73 -10.04
N LYS A 122 -35.98 58.49 -11.35
CA LYS A 122 -35.67 57.14 -11.83
C LYS A 122 -34.20 56.75 -11.57
N LYS A 123 -33.29 57.75 -11.60
CA LYS A 123 -31.89 57.56 -11.28
C LYS A 123 -31.73 57.33 -9.77
N LYS A 124 -32.52 58.05 -8.94
CA LYS A 124 -32.53 57.90 -7.48
C LYS A 124 -33.04 56.50 -7.09
N LYS A 125 -34.03 55.99 -7.85
CA LYS A 125 -34.60 54.65 -7.69
C LYS A 125 -33.56 53.54 -7.97
N LEU A 126 -32.67 53.75 -8.96
CA LEU A 126 -31.62 52.81 -9.30
C LEU A 126 -30.61 52.74 -8.15
N ILE A 127 -30.19 53.91 -7.63
CA ILE A 127 -29.30 53.98 -6.49
C ILE A 127 -29.95 53.36 -5.24
N LYS A 128 -31.28 53.52 -5.07
CA LYS A 128 -31.99 52.94 -3.94
C LYS A 128 -32.03 51.42 -4.06
N CYS A 129 -32.26 50.92 -5.28
CA CYS A 129 -32.27 49.48 -5.56
C CYS A 129 -30.91 48.83 -5.24
N ILE A 130 -29.81 49.51 -5.61
CA ILE A 130 -28.47 49.08 -5.32
C ILE A 130 -28.25 49.02 -3.78
N LYS A 131 -28.68 50.08 -3.10
CA LYS A 131 -28.60 50.25 -1.66
C LYS A 131 -29.43 49.19 -0.88
N ASN A 132 -30.59 48.78 -1.44
CA ASN A 132 -31.53 47.79 -0.90
C ASN A 132 -30.96 46.37 -0.90
N HIS A 133 -30.05 46.10 -1.87
CA HIS A 133 -29.40 44.80 -1.99
C HIS A 133 -27.93 44.83 -1.54
N GLU A 134 -27.52 45.86 -0.75
CA GLU A 134 -26.13 46.02 -0.33
C GLU A 134 -25.56 44.80 0.39
N ASN A 135 -26.29 44.19 1.32
CA ASN A 135 -25.82 43.00 2.05
C ASN A 135 -25.65 41.79 1.14
N ASP A 136 -26.42 41.70 0.05
CA ASP A 136 -26.31 40.63 -0.94
C ASP A 136 -24.95 40.75 -1.64
N PHE A 137 -24.55 42.00 -2.01
CA PHE A 137 -23.27 42.28 -2.64
C PHE A 137 -22.15 42.04 -1.63
N ASN A 138 -22.32 42.52 -0.39
CA ASN A 138 -21.36 42.36 0.71
C ASN A 138 -21.10 40.88 0.98
N LYS A 139 -22.15 40.03 0.94
CA LYS A 139 -22.00 38.59 1.16
C LYS A 139 -21.09 37.97 0.08
N ILE A 140 -21.24 38.40 -1.19
CA ILE A 140 -20.42 37.93 -2.30
C ILE A 140 -18.99 38.47 -2.20
N CYS A 141 -18.82 39.74 -1.79
CA CYS A 141 -17.51 40.35 -1.58
C CYS A 141 -16.77 39.63 -0.47
N MET A 142 -17.48 39.22 0.58
CA MET A 142 -16.88 38.53 1.71
C MET A 142 -16.49 37.10 1.38
N ASP A 143 -17.20 36.45 0.43
CA ASP A 143 -16.83 35.11 -0.02
C ASP A 143 -15.48 35.19 -0.73
N MET A 144 -15.29 36.23 -1.60
CA MET A 144 -14.07 36.48 -2.34
C MET A 144 -12.90 36.82 -1.39
N LYS A 145 -13.18 37.64 -0.36
CA LYS A 145 -12.17 37.99 0.64
C LYS A 145 -11.75 36.75 1.42
N ASN A 146 -12.70 35.95 1.89
CA ASN A 146 -12.38 34.75 2.66
C ASN A 146 -11.55 33.73 1.85
N TYR A 147 -11.79 33.65 0.55
CA TYR A 147 -11.09 32.78 -0.38
C TYR A 147 -9.65 33.27 -0.61
N GLY A 148 -9.50 34.56 -0.94
CA GLY A 148 -8.20 35.18 -1.18
C GLY A 148 -7.34 35.18 0.06
N THR A 149 -7.94 35.44 1.22
CA THR A 149 -7.27 35.47 2.53
C THR A 149 -6.82 34.08 2.96
N ASN A 150 -7.63 33.03 2.68
CA ASN A 150 -7.23 31.67 3.03
C ASN A 150 -5.99 31.25 2.23
N LEU A 151 -5.95 31.56 0.93
CA LEU A 151 -4.79 31.24 0.10
C LEU A 151 -3.56 32.03 0.57
N PHE A 152 -3.77 33.31 0.92
CA PHE A 152 -2.70 34.19 1.39
C PHE A 152 -2.12 33.68 2.71
N GLU A 153 -2.96 33.12 3.58
CA GLU A 153 -2.53 32.59 4.87
C GLU A 153 -1.78 31.26 4.72
N GLN A 154 -2.07 30.49 3.65
CA GLN A 154 -1.43 29.24 3.34
C GLN A 154 -0.05 29.41 2.66
N LEU A 155 0.34 30.66 2.30
CA LEU A 155 1.61 31.02 1.69
C LEU A 155 2.72 30.60 2.67
N SER A 156 3.69 29.81 2.23
CA SER A 156 4.79 29.41 3.11
C SER A 156 6.13 29.41 2.41
N CYS A 157 7.17 29.69 3.19
CA CYS A 157 8.55 29.67 2.72
C CYS A 157 9.31 28.62 3.48
N TYR A 158 10.24 27.93 2.81
CA TYR A 158 11.10 26.96 3.44
C TYR A 158 11.98 27.67 4.51
N ASN A 159 12.52 28.82 4.17
CA ASN A 159 13.29 29.66 5.07
C ASN A 159 12.56 31.00 5.06
N ASN A 160 11.93 31.35 6.18
CA ASN A 160 11.17 32.60 6.28
C ASN A 160 12.07 33.87 6.21
N ASN A 161 13.38 33.71 6.06
CA ASN A 161 14.34 34.80 5.85
C ASN A 161 14.64 34.98 4.35
N PHE A 162 14.36 33.94 3.51
CA PHE A 162 14.63 33.93 2.07
C PHE A 162 13.43 33.42 1.30
N CYS A 163 12.40 34.26 1.23
CA CYS A 163 11.15 33.98 0.53
C CYS A 163 11.31 34.46 -0.89
N ASN A 164 11.13 33.56 -1.86
CA ASN A 164 11.23 33.94 -3.26
C ASN A 164 10.05 34.83 -3.72
N THR A 165 10.29 35.64 -4.77
CA THR A 165 9.30 36.55 -5.32
C THR A 165 8.89 36.16 -6.75
N ASN A 166 8.99 34.86 -7.08
CA ASN A 166 8.68 34.37 -8.42
C ASN A 166 7.19 34.54 -8.75
N GLY A 167 6.31 34.40 -7.74
CA GLY A 167 4.88 34.56 -7.89
C GLY A 167 4.45 35.98 -8.22
N ILE A 168 5.18 36.97 -7.67
CA ILE A 168 4.93 38.39 -7.96
C ILE A 168 5.18 38.67 -9.45
N ARG A 169 6.26 38.12 -9.98
CA ARG A 169 6.62 38.22 -11.39
C ARG A 169 5.65 37.50 -12.28
N TYR A 170 5.26 36.24 -11.97
CA TYR A 170 4.32 35.52 -12.83
C TYR A 170 2.98 36.21 -12.90
N HIS A 171 2.45 36.65 -11.75
CA HIS A 171 1.19 37.37 -11.74
C HIS A 171 1.27 38.74 -12.46
N TYR A 172 2.38 39.48 -12.27
CA TYR A 172 2.54 40.76 -12.95
C TYR A 172 2.61 40.55 -14.49
N ASP A 173 3.40 39.58 -14.96
CA ASP A 173 3.55 39.30 -16.39
C ASP A 173 2.22 38.89 -17.00
N GLU A 174 1.43 38.10 -16.27
CA GLU A 174 0.17 37.58 -16.78
C GLU A 174 -1.02 38.54 -16.80
N TYR A 175 -1.23 39.30 -15.71
CA TYR A 175 -2.41 40.14 -15.57
C TYR A 175 -2.15 41.64 -15.66
N ILE A 176 -0.93 42.11 -15.35
CA ILE A 176 -0.68 43.55 -15.25
C ILE A 176 0.12 44.18 -16.38
N HIS A 177 1.28 43.58 -16.73
CA HIS A 177 2.20 44.13 -17.72
C HIS A 177 1.56 44.65 -19.02
N LYS A 178 0.70 43.86 -19.67
CA LYS A 178 0.07 44.29 -20.92
C LYS A 178 -0.85 45.53 -20.73
N LEU A 179 -1.51 45.68 -19.57
CA LEU A 179 -2.31 46.87 -19.30
C LEU A 179 -1.39 48.10 -19.15
N ILE A 180 -0.21 47.95 -18.51
CA ILE A 180 0.73 49.07 -18.37
C ILE A 180 1.21 49.53 -19.77
N LEU A 181 1.56 48.58 -20.68
CA LEU A 181 2.01 48.85 -22.05
C LEU A 181 0.95 49.56 -22.88
N SER A 182 -0.30 49.08 -22.74
CA SER A 182 -1.48 49.59 -23.41
C SER A 182 -1.71 51.05 -23.01
N VAL A 183 -1.59 51.37 -21.71
CA VAL A 183 -1.74 52.71 -21.16
C VAL A 183 -0.66 53.62 -21.73
N LYS A 184 0.59 53.16 -21.69
CA LYS A 184 1.75 53.91 -22.19
C LYS A 184 1.74 54.13 -23.71
N SER A 185 0.99 53.32 -24.46
CA SER A 185 0.88 53.49 -25.90
C SER A 185 -0.20 54.54 -26.30
N LYS A 186 -1.00 55.02 -25.32
CA LYS A 186 -2.07 55.97 -25.55
C LYS A 186 -1.74 57.34 -24.97
N ASN A 187 -2.40 58.37 -25.47
CA ASN A 187 -2.23 59.71 -24.94
C ASN A 187 -3.57 60.03 -24.27
N LEU A 188 -3.76 59.57 -23.02
CA LEU A 188 -5.00 59.81 -22.27
C LEU A 188 -5.25 61.28 -21.99
N ASN A 189 -4.19 62.08 -21.89
CA ASN A 189 -4.29 63.51 -21.65
C ASN A 189 -4.78 64.23 -22.91
N LYS A 190 -4.33 63.76 -24.10
CA LYS A 190 -4.81 64.28 -25.38
C LYS A 190 -6.28 63.90 -25.57
N ASP A 191 -6.71 62.73 -25.09
CA ASP A 191 -8.10 62.30 -25.15
C ASP A 191 -8.98 63.27 -24.34
N LEU A 192 -8.49 63.70 -23.17
CA LEU A 192 -9.19 64.66 -22.32
C LEU A 192 -9.33 66.00 -23.05
N SER A 193 -8.26 66.44 -23.72
CA SER A 193 -8.18 67.68 -24.47
C SER A 193 -9.17 67.65 -25.64
N ASP A 194 -9.26 66.51 -26.34
CA ASP A 194 -10.19 66.34 -27.46
C ASP A 194 -11.63 66.41 -26.97
N MET A 195 -11.90 65.84 -25.79
CA MET A 195 -13.22 65.86 -25.17
C MET A 195 -13.61 67.28 -24.72
N THR A 196 -12.66 68.08 -24.20
CA THR A 196 -12.97 69.46 -23.81
C THR A 196 -13.29 70.30 -25.04
N ASN A 197 -12.61 70.03 -26.18
CA ASN A 197 -12.85 70.74 -27.42
C ASN A 197 -14.27 70.45 -27.90
N ILE A 198 -14.72 69.18 -27.82
CA ILE A 198 -16.08 68.80 -28.19
C ILE A 198 -17.12 69.49 -27.26
N LEU A 199 -16.87 69.48 -25.95
CA LEU A 199 -17.77 70.12 -24.99
C LEU A 199 -17.88 71.63 -25.25
N GLN A 200 -16.74 72.28 -25.56
CA GLN A 200 -16.68 73.72 -25.84
C GLN A 200 -17.46 74.09 -27.09
N GLN A 201 -17.45 73.21 -28.10
CA GLN A 201 -18.18 73.41 -29.36
C GLN A 201 -19.68 73.33 -29.11
N SER A 202 -20.12 72.45 -28.21
CA SER A 202 -21.53 72.32 -27.86
C SER A 202 -21.98 73.58 -27.10
N GLU A 203 -21.13 74.09 -26.19
CA GLU A 203 -21.38 75.31 -25.41
C GLU A 203 -21.53 76.49 -26.37
N LEU A 204 -20.67 76.58 -27.40
CA LEU A 204 -20.68 77.64 -28.41
C LEU A 204 -22.00 77.63 -29.20
N LEU A 205 -22.43 76.44 -29.62
CA LEU A 205 -23.65 76.20 -30.39
C LEU A 205 -24.86 76.58 -29.52
N LEU A 206 -24.84 76.17 -28.25
CA LEU A 206 -25.90 76.41 -27.27
C LEU A 206 -26.04 77.91 -26.95
N THR A 207 -24.90 78.61 -26.80
CA THR A 207 -24.81 80.03 -26.47
C THR A 207 -25.44 80.88 -27.58
N ASN A 208 -25.06 80.61 -28.83
CA ASN A 208 -25.57 81.36 -29.98
C ASN A 208 -26.97 80.93 -30.45
N LEU A 209 -27.59 79.96 -29.78
CA LEU A 209 -28.95 79.52 -30.11
C LEU A 209 -29.96 80.32 -29.29
N ASN A 210 -30.35 81.51 -29.78
CA ASN A 210 -31.32 82.37 -29.08
C ASN A 210 -32.48 82.80 -30.01
N TYR A 216 -36.89 76.65 -27.11
CA TYR A 216 -37.25 75.46 -27.89
C TYR A 216 -36.96 74.15 -27.15
N ILE A 217 -37.66 73.09 -27.54
CA ILE A 217 -37.52 71.76 -26.97
C ILE A 217 -36.16 71.14 -27.34
N TYR A 218 -35.66 71.44 -28.57
CA TYR A 218 -34.34 70.98 -29.02
C TYR A 218 -33.22 71.57 -28.16
N ILE A 219 -33.38 72.80 -27.69
CA ILE A 219 -32.40 73.47 -26.84
C ILE A 219 -32.32 72.75 -25.47
N ASP A 220 -33.47 72.29 -24.95
CA ASP A 220 -33.55 71.55 -23.70
C ASP A 220 -32.90 70.16 -23.81
N THR A 221 -33.02 69.49 -24.98
CA THR A 221 -32.35 68.20 -25.15
C THR A 221 -30.85 68.43 -25.38
N ILE A 222 -30.47 69.50 -26.11
CA ILE A 222 -29.06 69.84 -26.28
C ILE A 222 -28.41 70.19 -24.93
N LYS A 223 -29.18 70.77 -24.00
CA LYS A 223 -28.76 71.15 -22.65
C LYS A 223 -28.61 69.89 -21.76
N PHE A 224 -29.53 68.93 -21.89
CA PHE A 224 -29.54 67.69 -21.12
C PHE A 224 -28.38 66.79 -21.58
N ILE A 225 -28.21 66.61 -22.90
CA ILE A 225 -27.14 65.79 -23.43
C ILE A 225 -25.78 66.39 -23.11
N HIS A 226 -25.66 67.73 -23.17
CA HIS A 226 -24.40 68.38 -22.84
C HIS A 226 -24.06 68.24 -21.34
N LYS A 227 -25.09 68.23 -20.49
CA LYS A 227 -24.92 68.06 -19.05
C LYS A 227 -24.45 66.63 -18.74
N GLU A 228 -25.02 65.63 -19.43
CA GLU A 228 -24.58 64.23 -19.27
C GLU A 228 -23.11 64.12 -19.69
N MET A 229 -22.77 64.65 -20.88
CA MET A 229 -21.42 64.61 -21.41
C MET A 229 -20.38 65.30 -20.51
N LYS A 230 -20.77 66.36 -19.81
CA LYS A 230 -19.86 67.08 -18.92
C LYS A 230 -19.62 66.27 -17.63
N HIS A 231 -20.65 65.55 -17.15
CA HIS A 231 -20.53 64.70 -15.97
C HIS A 231 -19.66 63.49 -16.32
N ILE A 232 -19.88 62.90 -17.52
CA ILE A 232 -19.12 61.77 -18.03
C ILE A 232 -17.65 62.20 -18.16
N PHE A 233 -17.41 63.39 -18.74
CA PHE A 233 -16.07 63.92 -18.87
C PHE A 233 -15.38 64.08 -17.49
N ASN A 234 -16.10 64.61 -16.49
CA ASN A 234 -15.52 64.80 -15.16
C ASN A 234 -15.11 63.47 -14.51
N ARG A 235 -15.87 62.39 -14.79
CA ARG A 235 -15.55 61.07 -14.30
C ARG A 235 -14.34 60.49 -15.09
N ILE A 236 -14.24 60.78 -16.39
CA ILE A 236 -13.11 60.34 -17.22
C ILE A 236 -11.84 61.02 -16.70
N GLU A 237 -11.91 62.31 -16.39
CA GLU A 237 -10.76 63.07 -15.89
C GLU A 237 -10.31 62.55 -14.51
N TYR A 238 -11.28 62.16 -13.66
CA TYR A 238 -11.05 61.59 -12.34
C TYR A 238 -10.31 60.24 -12.47
N HIS A 239 -10.80 59.34 -13.33
CA HIS A 239 -10.19 58.03 -13.54
C HIS A 239 -8.85 58.12 -14.26
N THR A 240 -8.68 59.11 -15.14
CA THR A 240 -7.43 59.35 -15.89
C THR A 240 -6.30 59.79 -14.98
N LYS A 241 -6.63 60.57 -13.94
CA LYS A 241 -5.66 61.03 -12.97
C LYS A 241 -5.14 59.82 -12.18
N ILE A 242 -6.06 58.91 -11.78
CA ILE A 242 -5.70 57.69 -11.07
C ILE A 242 -4.84 56.77 -11.93
N ILE A 243 -5.14 56.66 -13.24
CA ILE A 243 -4.38 55.81 -14.15
C ILE A 243 -2.96 56.33 -14.33
N ASN A 244 -2.80 57.62 -14.58
CA ASN A 244 -1.48 58.21 -14.79
C ASN A 244 -0.60 58.07 -13.54
N ASP A 245 -1.21 58.24 -12.35
CA ASP A 245 -0.56 58.10 -11.05
C ASP A 245 -0.17 56.63 -10.80
N LYS A 246 -1.12 55.69 -10.93
CA LYS A 246 -0.85 54.29 -10.64
C LYS A 246 0.03 53.61 -11.68
N THR A 247 0.12 54.14 -12.91
CA THR A 247 1.00 53.58 -13.92
C THR A 247 2.45 53.84 -13.50
N LYS A 248 2.74 55.05 -12.97
CA LYS A 248 4.09 55.37 -12.53
C LYS A 248 4.44 54.57 -11.27
N ILE A 249 3.49 54.43 -10.33
CA ILE A 249 3.69 53.69 -9.08
C ILE A 249 3.89 52.21 -9.33
N ILE A 250 3.09 51.58 -10.21
CA ILE A 250 3.22 50.15 -10.55
C ILE A 250 4.58 49.88 -11.21
N GLN A 251 5.01 50.76 -12.10
CA GLN A 251 6.30 50.63 -12.77
C GLN A 251 7.48 50.74 -11.81
N ASP A 252 7.38 51.62 -10.81
CA ASP A 252 8.46 51.80 -9.83
C ASP A 252 8.48 50.67 -8.80
N LYS A 253 7.30 50.28 -8.30
CA LYS A 253 7.17 49.26 -7.27
C LYS A 253 7.49 47.85 -7.74
N ILE A 254 7.17 47.48 -9.00
CA ILE A 254 7.47 46.14 -9.50
C ILE A 254 8.98 45.89 -9.47
N LYS A 255 9.78 46.90 -9.82
CA LYS A 255 11.22 46.84 -9.83
C LYS A 255 11.84 46.59 -8.47
N LEU A 256 11.14 46.97 -7.39
CA LEU A 256 11.65 46.76 -6.03
C LEU A 256 11.20 45.43 -5.42
N ASN A 257 10.21 44.75 -6.02
CA ASN A 257 9.63 43.53 -5.48
C ASN A 257 9.94 42.26 -6.23
N ILE A 258 10.85 42.31 -7.21
CA ILE A 258 11.20 41.15 -8.04
C ILE A 258 12.73 40.91 -8.06
N TRP A 259 13.17 39.69 -8.48
CA TRP A 259 14.59 39.27 -8.58
C TRP A 259 15.39 39.54 -7.32
N ARG A 260 14.72 39.26 -6.20
CA ARG A 260 15.09 39.53 -4.84
C ARG A 260 14.38 38.48 -3.97
N THR A 261 14.85 38.31 -2.75
CA THR A 261 14.15 37.51 -1.74
C THR A 261 13.72 38.47 -0.64
N PHE A 262 12.71 38.11 0.12
CA PHE A 262 12.28 38.90 1.26
C PHE A 262 12.13 38.03 2.51
N GLN A 263 12.04 38.67 3.69
CA GLN A 263 11.65 37.97 4.92
C GLN A 263 10.10 37.74 4.72
N LYS A 264 9.54 36.63 5.22
CA LYS A 264 8.13 36.32 5.03
C LYS A 264 7.16 37.47 5.32
N ASP A 265 7.31 38.18 6.44
CA ASP A 265 6.43 39.30 6.77
C ASP A 265 6.58 40.46 5.78
N GLU A 266 7.78 40.67 5.26
CA GLU A 266 8.03 41.72 4.27
C GLU A 266 7.42 41.34 2.91
N LEU A 267 7.50 40.06 2.53
CA LEU A 267 6.94 39.52 1.29
C LEU A 267 5.40 39.65 1.30
N LEU A 268 4.78 39.28 2.43
CA LEU A 268 3.32 39.38 2.60
C LEU A 268 2.83 40.81 2.49
N LYS A 269 3.56 41.75 3.10
CA LYS A 269 3.21 43.16 3.05
C LYS A 269 3.33 43.75 1.65
N ARG A 270 4.33 43.29 0.89
CA ARG A 270 4.56 43.78 -0.45
C ARG A 270 3.57 43.16 -1.45
N ILE A 271 3.00 41.95 -1.15
CA ILE A 271 1.93 41.33 -1.94
C ILE A 271 0.61 42.09 -1.73
N LEU A 272 0.34 42.53 -0.49
CA LEU A 272 -0.86 43.32 -0.21
C LEU A 272 -0.72 44.69 -0.86
N ASP A 273 0.49 45.28 -0.79
CA ASP A 273 0.78 46.58 -1.38
C ASP A 273 0.59 46.57 -2.90
N MET A 274 1.13 45.55 -3.61
CA MET A 274 0.95 45.43 -5.06
C MET A 274 -0.48 45.17 -5.40
N SER A 275 -1.17 44.22 -4.71
CA SER A 275 -2.59 43.92 -4.95
C SER A 275 -3.45 45.19 -4.85
N ASN A 276 -3.10 46.11 -3.92
CA ASN A 276 -3.80 47.38 -3.73
C ASN A 276 -3.57 48.32 -4.92
N GLU A 277 -2.31 48.50 -5.30
CA GLU A 277 -1.88 49.32 -6.44
C GLU A 277 -2.56 48.84 -7.72
N TYR A 278 -2.55 47.51 -7.99
CA TYR A 278 -3.15 46.92 -9.19
C TYR A 278 -4.66 47.13 -9.23
N SER A 279 -5.33 46.93 -8.11
CA SER A 279 -6.78 47.05 -8.02
C SER A 279 -7.26 48.48 -8.29
N LEU A 280 -6.54 49.48 -7.75
CA LEU A 280 -6.86 50.89 -7.97
C LEU A 280 -6.64 51.27 -9.44
N PHE A 281 -5.56 50.75 -10.04
CA PHE A 281 -5.24 50.97 -11.44
C PHE A 281 -6.26 50.31 -12.37
N ILE A 282 -6.57 49.02 -12.16
CA ILE A 282 -7.49 48.27 -13.01
C ILE A 282 -8.92 48.85 -12.96
N THR A 283 -9.38 49.26 -11.76
CA THR A 283 -10.72 49.87 -11.58
C THR A 283 -10.88 51.11 -12.45
N SER A 284 -9.91 52.03 -12.38
CA SER A 284 -9.93 53.26 -13.13
C SER A 284 -9.74 53.06 -14.61
N ASP A 285 -8.90 52.10 -14.98
CA ASP A 285 -8.64 51.80 -16.38
C ASP A 285 -9.91 51.28 -17.06
N HIS A 286 -10.60 50.37 -16.39
CA HIS A 286 -11.82 49.75 -16.89
C HIS A 286 -12.95 50.81 -17.00
N LEU A 287 -13.10 51.64 -15.95
CA LEU A 287 -14.13 52.65 -15.92
C LEU A 287 -13.87 53.79 -16.90
N ARG A 288 -12.60 54.19 -17.07
CA ARG A 288 -12.27 55.26 -18.01
C ARG A 288 -12.59 54.85 -19.44
N GLN A 289 -12.37 53.58 -19.78
CA GLN A 289 -12.68 53.10 -21.13
C GLN A 289 -14.18 53.05 -21.33
N MET A 290 -14.92 52.55 -20.33
CA MET A 290 -16.39 52.48 -20.41
C MET A 290 -17.03 53.88 -20.53
N LEU A 291 -16.48 54.88 -19.81
CA LEU A 291 -16.94 56.26 -19.84
C LEU A 291 -16.57 56.96 -21.13
N TYR A 292 -15.40 56.64 -21.70
CA TYR A 292 -14.92 57.15 -22.98
C TYR A 292 -15.91 56.74 -24.08
N ASN A 293 -16.34 55.46 -24.06
CA ASN A 293 -17.30 54.93 -25.02
C ASN A 293 -18.66 55.62 -24.85
N THR A 294 -19.08 55.87 -23.60
CA THR A 294 -20.32 56.53 -23.22
C THR A 294 -20.32 57.98 -23.76
N PHE A 295 -19.19 58.69 -23.60
CA PHE A 295 -19.01 60.06 -24.08
C PHE A 295 -19.22 60.18 -25.61
N TYR A 296 -18.56 59.29 -26.40
CA TYR A 296 -18.65 59.33 -27.85
C TYR A 296 -19.95 58.78 -28.40
N SER A 297 -20.64 57.92 -27.64
CA SER A 297 -21.96 57.44 -28.04
C SER A 297 -22.96 58.62 -27.92
N LYS A 298 -22.86 59.41 -26.84
CA LYS A 298 -23.73 60.58 -26.64
C LYS A 298 -23.37 61.70 -27.63
N GLU A 299 -22.07 61.83 -27.98
CA GLU A 299 -21.57 62.81 -28.92
C GLU A 299 -22.11 62.52 -30.33
N LYS A 300 -22.22 61.23 -30.70
CA LYS A 300 -22.75 60.82 -31.99
C LYS A 300 -24.25 61.19 -32.06
N HIS A 301 -24.98 60.96 -30.96
CA HIS A 301 -26.40 61.29 -30.92
C HIS A 301 -26.65 62.82 -30.94
N LEU A 302 -25.81 63.59 -30.22
CA LEU A 302 -25.88 65.06 -30.18
C LEU A 302 -25.65 65.64 -31.58
N ASN A 303 -24.68 65.09 -32.35
CA ASN A 303 -24.38 65.55 -33.69
C ASN A 303 -25.53 65.34 -34.67
N ASN A 304 -26.34 64.29 -34.45
CA ASN A 304 -27.53 64.01 -35.25
C ASN A 304 -28.62 65.05 -34.92
N ILE A 305 -28.73 65.48 -33.64
CA ILE A 305 -29.68 66.50 -33.22
C ILE A 305 -29.28 67.86 -33.83
N PHE A 306 -27.97 68.17 -33.83
CA PHE A 306 -27.43 69.37 -34.44
C PHE A 306 -27.76 69.38 -35.95
N HIS A 307 -27.67 68.21 -36.59
CA HIS A 307 -27.97 68.05 -37.99
C HIS A 307 -29.45 68.29 -38.28
N HIS A 308 -30.35 67.63 -37.53
CA HIS A 308 -31.77 67.79 -37.73
C HIS A 308 -32.26 69.21 -37.44
N LEU A 309 -31.62 69.88 -36.48
CA LEU A 309 -32.00 71.25 -36.11
C LEU A 309 -31.53 72.27 -37.13
N ILE A 310 -30.28 72.15 -37.61
CA ILE A 310 -29.71 73.11 -38.54
C ILE A 310 -30.19 72.90 -39.98
N TYR A 311 -30.08 71.66 -40.47
CA TYR A 311 -30.40 71.32 -41.84
C TYR A 311 -31.88 71.01 -42.09
N VAL A 312 -32.47 70.09 -41.32
CA VAL A 312 -33.84 69.65 -41.54
C VAL A 312 -34.91 70.58 -40.88
N LEU A 313 -34.49 71.54 -40.04
CA LEU A 313 -35.46 72.41 -39.35
C LEU A 313 -35.34 73.91 -39.64
N GLN A 314 -34.18 74.53 -39.35
CA GLN A 314 -34.03 75.97 -39.57
C GLN A 314 -33.11 76.26 -40.74
N VAL B 2 5.41 32.35 -25.16
CA VAL B 2 6.25 33.17 -26.04
C VAL B 2 7.26 32.29 -26.82
N GLN B 3 7.71 32.82 -27.96
CA GLN B 3 8.69 32.28 -28.89
C GLN B 3 9.79 33.34 -29.04
N LEU B 4 11.04 32.91 -29.19
CA LEU B 4 12.16 33.83 -29.36
C LEU B 4 12.74 33.62 -30.77
N VAL B 5 12.95 34.69 -31.52
CA VAL B 5 13.46 34.60 -32.89
C VAL B 5 14.76 35.38 -33.02
N GLN B 6 15.82 34.69 -33.40
CA GLN B 6 17.15 35.27 -33.53
C GLN B 6 17.52 35.64 -34.97
N SER B 7 18.55 36.48 -35.12
CA SER B 7 19.11 36.90 -36.40
C SER B 7 19.83 35.69 -37.11
N GLY B 8 20.18 35.87 -38.36
CA GLY B 8 20.78 34.82 -39.20
C GLY B 8 22.24 34.48 -39.00
N ALA B 9 22.66 33.40 -39.69
CA ALA B 9 24.02 32.88 -39.65
C ALA B 9 25.07 33.87 -40.09
N GLU B 10 26.26 33.76 -39.51
CA GLU B 10 27.38 34.65 -39.78
C GLU B 10 28.67 33.86 -39.94
N VAL B 11 29.59 34.42 -40.73
CA VAL B 11 30.95 33.96 -40.95
C VAL B 11 31.79 35.20 -40.75
N LYS B 12 32.63 35.23 -39.72
CA LYS B 12 33.44 36.41 -39.39
C LYS B 12 34.94 36.12 -39.36
N LYS B 13 35.74 37.14 -39.58
CA LYS B 13 37.20 37.02 -39.53
C LYS B 13 37.64 37.17 -38.05
N PRO B 14 38.82 36.64 -37.67
CA PRO B 14 39.29 36.84 -36.29
C PRO B 14 39.59 38.32 -36.06
N GLY B 15 39.29 38.80 -34.86
CA GLY B 15 39.48 40.21 -34.51
C GLY B 15 38.27 41.07 -34.75
N SER B 16 37.24 40.55 -35.44
CA SER B 16 36.01 41.31 -35.70
C SER B 16 34.97 41.15 -34.56
N SER B 17 33.80 41.77 -34.70
CA SER B 17 32.72 41.70 -33.72
C SER B 17 31.50 41.07 -34.35
N VAL B 18 30.63 40.49 -33.53
CA VAL B 18 29.37 39.95 -34.02
C VAL B 18 28.26 40.38 -33.04
N LYS B 19 27.13 40.82 -33.57
CA LYS B 19 26.01 41.24 -32.74
C LYS B 19 24.78 40.40 -33.08
N VAL B 20 24.31 39.60 -32.13
CA VAL B 20 23.15 38.72 -32.37
C VAL B 20 21.88 39.30 -31.70
N SER B 21 20.75 39.27 -32.39
CA SER B 21 19.49 39.80 -31.87
C SER B 21 18.57 38.66 -31.42
N CYS B 22 17.65 38.98 -30.51
CA CYS B 22 16.69 38.03 -29.94
C CYS B 22 15.34 38.75 -29.75
N LYS B 23 14.37 38.45 -30.61
CA LYS B 23 13.08 39.10 -30.53
C LYS B 23 12.04 38.24 -29.89
N ALA B 24 11.28 38.84 -28.97
CA ALA B 24 10.17 38.14 -28.34
C ALA B 24 8.98 38.28 -29.31
N SER B 25 8.25 37.18 -29.54
CA SER B 25 7.08 37.18 -30.44
C SER B 25 6.01 38.14 -29.99
N GLY B 26 5.80 38.24 -28.68
CA GLY B 26 4.78 39.10 -28.11
C GLY B 26 5.14 40.56 -27.98
N GLY B 27 6.38 40.92 -28.28
CA GLY B 27 6.81 42.31 -28.21
C GLY B 27 7.48 42.77 -26.94
N THR B 28 7.46 41.97 -25.86
CA THR B 28 8.13 42.33 -24.59
C THR B 28 8.76 41.16 -23.89
N PHE B 29 9.73 41.44 -23.02
CA PHE B 29 10.28 40.46 -22.11
C PHE B 29 9.68 40.63 -20.71
N SER B 30 8.51 41.31 -20.57
CA SER B 30 7.78 41.62 -19.32
C SER B 30 8.76 41.84 -18.12
N SER B 31 8.72 41.02 -17.05
CA SER B 31 9.65 41.19 -15.93
C SER B 31 10.66 40.02 -15.79
N TYR B 32 10.85 39.23 -16.86
CA TYR B 32 11.72 38.08 -16.81
C TYR B 32 13.11 38.33 -17.42
N ALA B 33 13.97 37.31 -17.37
CA ALA B 33 15.34 37.42 -17.86
C ALA B 33 15.56 36.70 -19.18
N ILE B 34 16.49 37.21 -19.99
CA ILE B 34 16.94 36.57 -21.22
C ILE B 34 18.42 36.26 -21.01
N ASN B 35 18.82 35.01 -21.22
CA ASN B 35 20.21 34.63 -21.09
C ASN B 35 20.78 34.18 -22.42
N TRP B 36 22.08 34.36 -22.59
CA TRP B 36 22.80 33.98 -23.79
C TRP B 36 23.71 32.78 -23.49
N VAL B 37 23.53 31.70 -24.26
CA VAL B 37 24.25 30.44 -24.09
C VAL B 37 24.80 30.01 -25.46
N ARG B 38 26.09 29.66 -25.52
CA ARG B 38 26.68 29.21 -26.79
C ARG B 38 27.09 27.73 -26.70
N GLN B 39 27.25 27.11 -27.84
CA GLN B 39 27.66 25.72 -27.91
C GLN B 39 28.62 25.49 -29.06
N ALA B 40 29.91 25.35 -28.73
CA ALA B 40 31.01 25.08 -29.66
C ALA B 40 30.96 23.61 -30.13
N PRO B 41 31.43 23.35 -31.37
CA PRO B 41 31.37 21.98 -31.92
C PRO B 41 31.70 20.80 -31.00
N GLY B 42 32.80 20.84 -30.24
CA GLY B 42 33.14 19.73 -29.37
C GLY B 42 32.80 19.86 -27.89
N GLN B 43 32.04 20.91 -27.50
CA GLN B 43 31.79 21.18 -26.10
C GLN B 43 30.32 21.31 -25.66
N GLY B 44 30.11 21.27 -24.35
CA GLY B 44 28.79 21.49 -23.76
C GLY B 44 28.44 22.97 -23.78
N PRO B 45 27.19 23.32 -23.42
CA PRO B 45 26.78 24.73 -23.45
C PRO B 45 27.60 25.59 -22.49
N GLU B 46 27.78 26.84 -22.85
CA GLU B 46 28.57 27.79 -22.07
C GLU B 46 27.77 29.09 -21.96
N TRP B 47 27.44 29.47 -20.73
CA TRP B 47 26.69 30.68 -20.45
C TRP B 47 27.59 31.91 -20.64
N LEU B 48 27.13 32.90 -21.40
CA LEU B 48 27.89 34.13 -21.64
C LEU B 48 27.45 35.27 -20.73
N GLY B 49 26.15 35.36 -20.49
CA GLY B 49 25.56 36.42 -19.71
C GLY B 49 24.08 36.54 -19.88
N GLY B 50 23.48 37.46 -19.15
CA GLY B 50 22.04 37.67 -19.20
C GLY B 50 21.61 39.08 -18.87
N ILE B 51 20.34 39.35 -19.17
CA ILE B 51 19.75 40.65 -18.92
C ILE B 51 18.34 40.51 -18.41
N ILE B 52 17.96 41.40 -17.49
CA ILE B 52 16.60 41.53 -17.00
C ILE B 52 16.22 42.91 -17.50
N PRO B 53 15.60 42.98 -18.70
CA PRO B 53 15.27 44.30 -19.29
C PRO B 53 14.46 45.26 -18.43
N ILE B 54 13.48 44.77 -17.63
CA ILE B 54 12.68 45.64 -16.78
C ILE B 54 13.52 46.35 -15.70
N LEU B 55 14.63 45.75 -15.29
CA LEU B 55 15.51 46.32 -14.27
C LEU B 55 16.74 47.00 -14.85
N ASP B 56 17.04 46.78 -16.14
CA ASP B 56 18.25 47.19 -16.85
C ASP B 56 19.47 46.60 -16.10
N ARG B 57 19.38 45.32 -15.78
CA ARG B 57 20.39 44.63 -15.03
C ARG B 57 21.07 43.57 -15.87
N VAL B 58 22.38 43.71 -16.10
CA VAL B 58 23.15 42.73 -16.85
C VAL B 58 24.10 41.95 -15.95
N ASN B 59 24.28 40.67 -16.25
CA ASN B 59 25.16 39.79 -15.48
C ASN B 59 26.04 39.09 -16.52
N TYR B 60 27.37 39.13 -16.38
CA TYR B 60 28.27 38.49 -17.35
C TYR B 60 29.10 37.38 -16.74
N ALA B 61 29.44 36.35 -17.54
CA ALA B 61 30.34 35.30 -17.12
C ALA B 61 31.74 35.92 -17.07
N GLN B 62 32.51 35.64 -16.01
CA GLN B 62 33.84 36.20 -15.80
C GLN B 62 34.80 36.03 -16.98
N LYS B 63 34.76 34.87 -17.65
CA LYS B 63 35.64 34.65 -18.79
C LYS B 63 35.27 35.49 -20.04
N PHE B 64 34.07 36.06 -20.07
CA PHE B 64 33.61 36.87 -21.19
C PHE B 64 33.50 38.37 -20.87
N GLN B 65 33.76 38.77 -19.60
CA GLN B 65 33.70 40.18 -19.22
C GLN B 65 34.70 41.01 -20.04
N GLY B 66 34.21 42.08 -20.64
CA GLY B 66 35.03 42.92 -21.49
C GLY B 66 34.79 42.64 -22.95
N ARG B 67 34.53 41.37 -23.32
CA ARG B 67 34.30 40.98 -24.70
C ARG B 67 32.81 40.88 -25.08
N VAL B 68 31.94 40.66 -24.08
CA VAL B 68 30.49 40.51 -24.28
C VAL B 68 29.75 41.75 -23.78
N THR B 69 28.82 42.25 -24.59
CA THR B 69 27.96 43.33 -24.19
C THR B 69 26.53 42.90 -24.46
N ILE B 70 25.71 42.87 -23.41
CA ILE B 70 24.31 42.50 -23.54
C ILE B 70 23.41 43.71 -23.30
N THR B 71 22.50 43.95 -24.25
CA THR B 71 21.59 45.10 -24.28
C THR B 71 20.15 44.67 -24.61
N ALA B 72 19.21 45.59 -24.39
CA ALA B 72 17.82 45.34 -24.71
C ALA B 72 17.15 46.61 -25.19
N ASP B 73 16.20 46.45 -26.11
CA ASP B 73 15.40 47.52 -26.69
C ASP B 73 14.50 48.07 -25.60
N GLU B 74 14.41 49.40 -25.55
CA GLU B 74 13.58 50.06 -24.57
C GLU B 74 12.22 50.21 -25.20
N LEU B 75 11.33 49.22 -24.96
CA LEU B 75 9.95 49.09 -25.45
C LEU B 75 9.79 48.25 -26.74
N GLY B 76 10.89 47.75 -27.31
CA GLY B 76 10.82 46.96 -28.54
C GLY B 76 10.87 45.43 -28.47
N GLY B 77 11.07 44.86 -27.26
CA GLY B 77 11.15 43.41 -27.07
C GLY B 77 12.28 42.70 -27.82
N THR B 78 13.43 43.37 -27.94
CA THR B 78 14.57 42.79 -28.61
C THR B 78 15.81 42.85 -27.72
N ALA B 79 16.49 41.70 -27.53
CA ALA B 79 17.71 41.62 -26.75
C ALA B 79 18.91 41.42 -27.71
N TYR B 80 20.09 41.85 -27.28
CA TYR B 80 21.27 41.78 -28.11
C TYR B 80 22.46 41.29 -27.34
N MET B 81 23.35 40.63 -28.04
CA MET B 81 24.59 40.15 -27.49
C MET B 81 25.68 40.48 -28.50
N GLU B 82 26.65 41.34 -28.10
CA GLU B 82 27.77 41.70 -28.96
C GLU B 82 29.08 41.12 -28.43
N LEU B 83 29.68 40.21 -29.21
CA LEU B 83 30.94 39.58 -28.85
C LEU B 83 32.03 40.16 -29.74
N THR B 84 33.00 40.86 -29.14
CA THR B 84 34.11 41.49 -29.86
C THR B 84 35.41 40.66 -29.80
N SER B 85 36.42 41.04 -30.63
CA SER B 85 37.74 40.38 -30.70
C SER B 85 37.59 38.87 -30.90
N LEU B 86 36.79 38.50 -31.91
CA LEU B 86 36.50 37.10 -32.20
C LEU B 86 37.72 36.25 -32.47
N ARG B 87 37.74 35.04 -31.91
CA ARG B 87 38.81 34.05 -32.11
C ARG B 87 38.15 32.79 -32.70
N SER B 88 38.95 31.85 -33.22
CA SER B 88 38.41 30.60 -33.75
C SER B 88 37.64 29.79 -32.69
N GLU B 89 37.99 29.97 -31.39
CA GLU B 89 37.29 29.32 -30.27
C GLU B 89 35.82 29.82 -30.13
N ASP B 90 35.50 30.99 -30.71
CA ASP B 90 34.17 31.57 -30.67
C ASP B 90 33.19 30.94 -31.67
N THR B 91 33.63 30.01 -32.54
CA THR B 91 32.73 29.33 -33.49
C THR B 91 31.77 28.47 -32.68
N ALA B 92 30.46 28.80 -32.75
CA ALA B 92 29.45 28.13 -31.93
C ALA B 92 28.02 28.46 -32.41
N MET B 93 27.02 27.69 -31.92
CA MET B 93 25.63 28.01 -32.07
C MET B 93 25.34 28.92 -30.86
N TYR B 94 24.88 30.17 -31.07
CA TYR B 94 24.57 31.09 -29.98
C TYR B 94 23.07 31.16 -29.77
N TYR B 95 22.60 31.03 -28.55
CA TYR B 95 21.18 31.03 -28.24
C TYR B 95 20.83 32.06 -27.22
N CYS B 96 19.64 32.61 -27.34
CA CYS B 96 19.04 33.42 -26.32
C CYS B 96 17.94 32.49 -25.75
N ALA B 97 17.64 32.64 -24.45
CA ALA B 97 16.65 31.80 -23.82
C ALA B 97 16.07 32.44 -22.58
N ARG B 98 14.83 32.04 -22.26
CA ARG B 98 14.27 32.35 -20.97
C ARG B 98 14.55 31.02 -20.26
N LEU B 99 15.58 30.98 -19.43
CA LEU B 99 16.03 29.75 -18.75
C LEU B 99 15.32 29.35 -17.46
N ALA B 100 14.85 28.11 -17.40
CA ALA B 100 14.33 27.42 -16.22
C ALA B 100 13.69 28.33 -15.15
N ASP B 101 12.60 28.99 -15.53
CA ASP B 101 11.89 29.91 -14.68
C ASP B 101 10.49 29.37 -14.32
N GLY B 102 10.42 28.46 -13.35
CA GLY B 102 9.15 27.82 -12.99
C GLY B 102 8.60 27.04 -14.16
N PRO B 103 7.36 27.32 -14.60
CA PRO B 103 6.81 26.61 -15.77
C PRO B 103 7.28 27.20 -17.11
N PHE B 104 8.22 28.17 -17.09
CA PHE B 104 8.68 28.86 -18.27
C PHE B 104 10.12 28.58 -18.64
N ASP B 105 10.31 27.93 -19.79
CA ASP B 105 11.60 27.65 -20.38
C ASP B 105 11.42 27.61 -21.87
N TYR B 106 12.07 28.51 -22.58
CA TYR B 106 11.99 28.55 -24.04
C TYR B 106 13.24 29.16 -24.64
N TRP B 107 13.54 28.79 -25.87
CA TRP B 107 14.78 29.16 -26.52
C TRP B 107 14.59 29.70 -27.90
N GLY B 108 15.54 30.50 -28.34
CA GLY B 108 15.59 30.91 -29.74
C GLY B 108 16.04 29.73 -30.60
N GLN B 109 15.98 29.88 -31.92
CA GLN B 109 16.37 28.81 -32.85
C GLN B 109 17.91 28.61 -32.95
N GLY B 110 18.67 29.57 -32.45
CA GLY B 110 20.12 29.52 -32.50
C GLY B 110 20.64 30.35 -33.64
N THR B 111 21.83 30.92 -33.47
CA THR B 111 22.50 31.69 -34.48
C THR B 111 23.89 31.12 -34.64
N GLN B 112 24.17 30.60 -35.84
CA GLN B 112 25.44 30.01 -36.18
C GLN B 112 26.46 31.10 -36.44
N VAL B 113 27.52 31.15 -35.61
CA VAL B 113 28.60 32.11 -35.82
C VAL B 113 29.86 31.32 -36.10
N ILE B 114 30.41 31.43 -37.30
CA ILE B 114 31.63 30.72 -37.67
C ILE B 114 32.77 31.72 -37.76
N VAL B 115 33.83 31.56 -36.95
CA VAL B 115 35.01 32.43 -37.02
C VAL B 115 36.05 31.74 -37.90
N SER B 116 36.26 32.29 -39.09
CA SER B 116 37.16 31.74 -40.10
C SER B 116 38.60 32.20 -39.91
N SER B 132 34.73 28.33 -14.65
CA SER B 132 33.53 28.72 -13.89
C SER B 132 33.66 28.43 -12.40
N ASN B 133 32.83 29.09 -11.56
CA ASN B 133 32.85 28.90 -10.11
C ASN B 133 32.30 27.52 -9.75
N ILE B 134 31.10 27.15 -10.25
CA ILE B 134 30.57 25.82 -10.01
C ILE B 134 30.82 25.01 -11.25
N VAL B 135 31.60 23.92 -11.14
CA VAL B 135 31.92 23.05 -12.28
C VAL B 135 31.01 21.81 -12.27
N MET B 136 30.47 21.45 -13.43
CA MET B 136 29.55 20.33 -13.56
C MET B 136 30.24 19.20 -14.30
N THR B 137 30.31 18.03 -13.68
CA THR B 137 30.97 16.85 -14.20
C THR B 137 29.93 15.82 -14.57
N GLN B 138 29.72 15.61 -15.86
CA GLN B 138 28.71 14.67 -16.34
C GLN B 138 29.31 13.31 -16.73
N THR B 139 28.60 12.24 -16.41
CA THR B 139 29.03 10.86 -16.61
C THR B 139 27.89 9.96 -17.09
N PRO B 140 28.08 9.16 -18.15
CA PRO B 140 29.24 9.11 -19.04
C PRO B 140 29.15 10.15 -20.18
N LEU B 141 30.13 10.19 -21.09
CA LEU B 141 30.10 11.13 -22.20
C LEU B 141 29.18 10.64 -23.33
N SER B 142 29.01 9.33 -23.47
CA SER B 142 28.16 8.73 -24.49
C SER B 142 27.48 7.46 -23.97
N LEU B 143 26.31 7.15 -24.51
CA LEU B 143 25.52 6.01 -24.08
C LEU B 143 24.84 5.36 -25.28
N SER B 144 25.10 4.08 -25.49
CA SER B 144 24.51 3.34 -26.60
C SER B 144 23.62 2.23 -26.02
N VAL B 145 22.33 2.31 -26.29
CA VAL B 145 21.36 1.35 -25.75
C VAL B 145 20.38 0.90 -26.84
N SER B 146 19.76 -0.25 -26.65
CA SER B 146 18.69 -0.72 -27.53
C SER B 146 17.35 -0.13 -27.00
N PRO B 147 16.29 -0.05 -27.84
CA PRO B 147 15.02 0.51 -27.34
C PRO B 147 14.44 -0.36 -26.24
N GLY B 148 13.96 0.26 -25.18
CA GLY B 148 13.43 -0.46 -24.02
C GLY B 148 14.44 -0.61 -22.90
N GLN B 149 15.73 -0.46 -23.20
CA GLN B 149 16.77 -0.56 -22.17
C GLN B 149 16.71 0.68 -21.27
N PRO B 150 16.96 0.51 -19.96
CA PRO B 150 17.03 1.71 -19.09
C PRO B 150 18.33 2.50 -19.33
N ALA B 151 18.32 3.79 -18.98
CA ALA B 151 19.51 4.64 -19.12
C ALA B 151 19.67 5.51 -17.86
N SER B 152 20.92 5.78 -17.50
CA SER B 152 21.22 6.58 -16.33
C SER B 152 22.36 7.55 -16.64
N ILE B 153 22.20 8.80 -16.21
CA ILE B 153 23.21 9.83 -16.43
C ILE B 153 23.45 10.51 -15.09
N SER B 154 24.71 10.71 -14.73
CA SER B 154 25.07 11.33 -13.47
C SER B 154 25.68 12.71 -13.67
N CYS B 155 25.47 13.58 -12.67
CA CYS B 155 26.06 14.90 -12.69
C CYS B 155 26.59 15.23 -11.30
N LYS B 156 27.85 15.67 -11.21
CA LYS B 156 28.45 16.05 -9.94
C LYS B 156 28.89 17.50 -9.98
N SER B 157 28.50 18.31 -9.00
CA SER B 157 28.89 19.72 -8.97
C SER B 157 30.07 19.94 -8.01
N SER B 158 30.96 20.91 -8.32
CA SER B 158 32.12 21.22 -7.47
C SER B 158 31.73 21.88 -6.13
N GLN B 159 30.52 22.43 -6.04
CA GLN B 159 29.92 23.07 -4.87
C GLN B 159 28.46 22.60 -4.79
N SER B 160 27.88 22.67 -3.60
CA SER B 160 26.48 22.30 -3.40
C SER B 160 25.49 23.22 -4.17
N LEU B 161 24.45 22.61 -4.80
CA LEU B 161 23.41 23.34 -5.54
C LEU B 161 22.20 23.73 -4.65
N LEU B 162 22.23 23.34 -3.36
CA LEU B 162 21.22 23.69 -2.36
C LEU B 162 21.41 25.14 -1.96
N HIS B 163 20.34 25.93 -2.05
CA HIS B 163 20.34 27.34 -1.72
C HIS B 163 19.69 27.53 -0.35
N SER B 164 19.97 28.67 0.30
CA SER B 164 19.36 29.01 1.59
C SER B 164 17.80 29.02 1.51
N ASP B 165 17.23 29.23 0.33
CA ASP B 165 15.78 29.20 0.13
C ASP B 165 15.17 27.78 0.14
N GLY B 166 16.01 26.75 0.22
CA GLY B 166 15.57 25.36 0.26
C GLY B 166 15.38 24.67 -1.06
N GLN B 167 15.74 25.35 -2.15
CA GLN B 167 15.66 24.77 -3.47
C GLN B 167 17.05 24.31 -3.87
N THR B 168 17.10 23.25 -4.66
CA THR B 168 18.36 22.71 -5.16
C THR B 168 18.31 22.94 -6.65
N TYR B 169 19.13 23.87 -7.12
CA TYR B 169 19.07 24.34 -8.51
C TYR B 169 19.82 23.48 -9.52
N MET B 170 19.26 22.32 -9.75
CA MET B 170 19.75 21.29 -10.65
C MET B 170 18.72 21.07 -11.75
N TYR B 171 19.16 21.12 -13.01
CA TYR B 171 18.28 20.99 -14.15
C TYR B 171 18.83 19.98 -15.17
N TRP B 172 17.94 19.36 -15.93
CA TRP B 172 18.34 18.43 -16.98
C TRP B 172 17.69 18.87 -18.30
N TYR B 173 18.50 19.05 -19.35
CA TYR B 173 18.07 19.43 -20.70
C TYR B 173 18.36 18.32 -21.69
N LEU B 174 17.55 18.22 -22.73
CA LEU B 174 17.78 17.28 -23.82
C LEU B 174 17.82 18.12 -25.10
N GLN B 175 18.87 17.97 -25.89
CA GLN B 175 18.93 18.63 -27.18
C GLN B 175 18.83 17.56 -28.27
N LYS B 176 17.69 17.46 -28.92
CA LYS B 176 17.48 16.49 -30.00
C LYS B 176 18.17 17.01 -31.28
N PRO B 177 18.56 16.11 -32.21
CA PRO B 177 19.20 16.57 -33.45
C PRO B 177 18.42 17.65 -34.22
N GLY B 178 19.14 18.69 -34.60
CA GLY B 178 18.59 19.84 -35.33
C GLY B 178 17.59 20.65 -34.55
N GLN B 179 17.65 20.56 -33.20
CA GLN B 179 16.73 21.27 -32.32
C GLN B 179 17.48 22.04 -31.22
N SER B 180 16.80 23.00 -30.61
CA SER B 180 17.33 23.74 -29.47
C SER B 180 17.18 22.88 -28.22
N PRO B 181 17.99 23.13 -27.16
CA PRO B 181 17.82 22.37 -25.92
C PRO B 181 16.41 22.54 -25.33
N GLN B 182 15.89 21.49 -24.69
CA GLN B 182 14.57 21.54 -24.09
C GLN B 182 14.65 21.07 -22.64
N LEU B 183 13.97 21.78 -21.72
CA LEU B 183 14.00 21.43 -20.32
C LEU B 183 13.21 20.17 -20.03
N LEU B 184 13.83 19.21 -19.33
CA LEU B 184 13.17 17.96 -18.98
C LEU B 184 12.80 17.96 -17.50
N ILE B 185 13.77 18.29 -16.64
CA ILE B 185 13.59 18.24 -15.20
C ILE B 185 14.11 19.52 -14.54
N SER B 186 13.31 20.10 -13.65
CA SER B 186 13.62 21.33 -12.92
C SER B 186 13.83 21.04 -11.44
N GLU B 187 14.75 21.78 -10.82
CA GLU B 187 15.06 21.70 -9.40
C GLU B 187 15.12 20.24 -8.85
N VAL B 188 16.05 19.44 -9.43
CA VAL B 188 16.36 18.05 -9.10
C VAL B 188 15.37 17.04 -9.69
N SER B 189 14.07 17.13 -9.36
CA SER B 189 13.13 16.07 -9.76
C SER B 189 11.78 16.45 -10.39
N SER B 190 11.48 17.74 -10.62
CA SER B 190 10.18 18.11 -11.18
C SER B 190 10.16 17.97 -12.69
N ARG B 191 9.33 17.06 -13.24
CA ARG B 191 9.24 16.91 -14.69
C ARG B 191 8.56 18.12 -15.32
N PHE B 192 9.11 18.62 -16.42
CA PHE B 192 8.52 19.72 -17.15
C PHE B 192 7.23 19.22 -17.84
N SER B 193 6.27 20.12 -18.12
CA SER B 193 5.02 19.72 -18.78
C SER B 193 5.29 19.09 -20.16
N GLY B 194 4.65 17.94 -20.38
CA GLY B 194 4.82 17.18 -21.60
C GLY B 194 5.89 16.11 -21.54
N VAL B 195 6.75 16.16 -20.49
CA VAL B 195 7.83 15.19 -20.33
C VAL B 195 7.28 13.87 -19.79
N PRO B 196 7.45 12.76 -20.52
CA PRO B 196 6.88 11.49 -20.06
C PRO B 196 7.44 10.97 -18.74
N ASP B 197 6.65 10.17 -18.01
CA ASP B 197 7.01 9.63 -16.71
C ASP B 197 8.25 8.72 -16.71
N ARG B 198 8.74 8.32 -17.89
CA ARG B 198 9.95 7.51 -17.99
C ARG B 198 11.19 8.30 -17.54
N PHE B 199 11.14 9.64 -17.60
CA PHE B 199 12.22 10.49 -17.14
C PHE B 199 12.01 10.80 -15.66
N SER B 200 13.08 10.69 -14.87
CA SER B 200 13.01 10.99 -13.43
C SER B 200 14.36 11.53 -12.95
N GLY B 201 14.31 12.44 -11.99
CA GLY B 201 15.51 13.04 -11.44
C GLY B 201 15.63 12.78 -9.96
N SER B 202 16.87 12.67 -9.48
CA SER B 202 17.14 12.45 -8.07
C SER B 202 18.49 13.06 -7.70
N GLY B 203 18.76 13.12 -6.40
CA GLY B 203 20.00 13.67 -5.90
C GLY B 203 19.83 14.79 -4.91
N SER B 204 20.93 15.26 -4.36
CA SER B 204 21.01 16.34 -3.38
C SER B 204 22.44 16.83 -3.26
N GLY B 205 22.62 18.04 -2.77
CA GLY B 205 23.93 18.61 -2.54
C GLY B 205 24.72 18.78 -3.82
N THR B 206 25.63 17.83 -4.08
CA THR B 206 26.52 17.81 -5.22
C THR B 206 26.37 16.63 -6.16
N THR B 207 25.58 15.59 -5.85
CA THR B 207 25.46 14.44 -6.77
C THR B 207 24.02 14.27 -7.20
N PHE B 208 23.80 14.15 -8.52
CA PHE B 208 22.48 14.11 -9.14
C PHE B 208 22.41 13.04 -10.23
N THR B 209 21.20 12.50 -10.47
CA THR B 209 21.04 11.45 -11.49
C THR B 209 19.75 11.63 -12.27
N LEU B 210 19.83 11.43 -13.59
CA LEU B 210 18.71 11.42 -14.50
C LEU B 210 18.52 9.96 -14.94
N LYS B 211 17.30 9.44 -14.83
CA LYS B 211 17.02 8.08 -15.25
C LYS B 211 15.93 8.01 -16.29
N ILE B 212 16.06 7.05 -17.19
CA ILE B 212 15.05 6.77 -18.21
C ILE B 212 14.74 5.29 -17.99
N SER B 213 13.52 4.95 -17.51
CA SER B 213 13.13 3.56 -17.23
C SER B 213 13.23 2.63 -18.44
N ARG B 214 12.97 3.18 -19.63
CA ARG B 214 13.05 2.49 -20.90
C ARG B 214 13.24 3.51 -21.99
N VAL B 215 14.28 3.33 -22.76
CA VAL B 215 14.65 4.23 -23.83
C VAL B 215 13.74 4.03 -25.05
N GLU B 216 13.38 5.14 -25.71
CA GLU B 216 12.57 5.17 -26.92
C GLU B 216 13.37 5.99 -27.96
N ALA B 217 13.14 5.74 -29.27
CA ALA B 217 13.83 6.42 -30.38
C ALA B 217 13.87 7.95 -30.27
N GLU B 218 12.78 8.57 -29.82
CA GLU B 218 12.65 10.03 -29.66
C GLU B 218 13.56 10.62 -28.56
N ASP B 219 14.11 9.76 -27.66
CA ASP B 219 15.04 10.16 -26.59
C ASP B 219 16.43 10.48 -27.09
N VAL B 220 16.77 10.09 -28.31
CA VAL B 220 18.07 10.33 -28.92
C VAL B 220 18.43 11.81 -28.94
N GLY B 221 19.67 12.10 -28.57
CA GLY B 221 20.18 13.46 -28.56
C GLY B 221 21.27 13.63 -27.52
N VAL B 222 21.53 14.87 -27.11
CA VAL B 222 22.52 15.13 -26.07
C VAL B 222 21.88 15.67 -24.82
N TYR B 223 22.09 14.99 -23.71
CA TYR B 223 21.57 15.41 -22.43
C TYR B 223 22.57 16.29 -21.71
N TYR B 224 22.14 17.41 -21.12
CA TYR B 224 23.05 18.29 -20.40
C TYR B 224 22.48 18.64 -19.05
N CYS B 225 23.32 18.61 -18.01
CA CYS B 225 22.90 19.09 -16.70
C CYS B 225 23.21 20.58 -16.64
N MET B 226 22.37 21.33 -15.96
CA MET B 226 22.57 22.76 -15.79
C MET B 226 22.35 23.07 -14.36
N GLN B 227 23.22 23.87 -13.82
CA GLN B 227 23.13 24.34 -12.48
C GLN B 227 22.69 25.84 -12.50
N ALA B 228 21.84 26.28 -11.53
CA ALA B 228 21.43 27.68 -11.37
C ALA B 228 21.62 28.18 -9.92
N LYS B 229 22.51 27.54 -9.14
CA LYS B 229 22.83 27.95 -7.76
C LYS B 229 23.65 29.25 -7.85
N ASP B 230 24.65 29.26 -8.75
CA ASP B 230 25.44 30.41 -9.14
C ASP B 230 25.24 30.48 -10.67
N PRO B 231 24.10 31.05 -11.12
CA PRO B 231 23.78 31.04 -12.57
C PRO B 231 24.88 31.56 -13.48
N TYR B 232 25.24 30.83 -14.54
CA TYR B 232 24.79 29.48 -14.91
C TYR B 232 26.02 28.66 -15.39
N SER B 233 25.98 27.33 -15.24
CA SER B 233 26.99 26.45 -15.81
C SER B 233 26.38 25.10 -16.13
N PHE B 234 27.00 24.41 -17.06
CA PHE B 234 26.46 23.17 -17.62
C PHE B 234 27.50 22.06 -17.61
N GLY B 235 27.01 20.83 -17.74
CA GLY B 235 27.83 19.64 -17.91
C GLY B 235 28.27 19.54 -19.36
N GLN B 236 29.31 18.73 -19.63
CA GLN B 236 29.85 18.57 -20.98
C GLN B 236 28.87 17.87 -21.95
N GLY B 237 27.96 17.05 -21.42
CA GLY B 237 26.96 16.38 -22.24
C GLY B 237 27.06 14.87 -22.28
N THR B 238 25.92 14.21 -22.50
CA THR B 238 25.86 12.77 -22.63
C THR B 238 25.10 12.48 -23.90
N LYS B 239 25.81 12.04 -24.95
CA LYS B 239 25.19 11.72 -26.21
C LYS B 239 24.51 10.37 -26.08
N LEU B 240 23.19 10.31 -26.28
CA LEU B 240 22.47 9.04 -26.22
C LEU B 240 22.06 8.62 -27.63
N GLU B 241 22.45 7.42 -28.03
CA GLU B 241 22.07 6.90 -29.33
C GLU B 241 21.47 5.51 -29.22
N ILE B 242 20.68 5.12 -30.23
CA ILE B 242 19.98 3.84 -30.31
C ILE B 242 20.85 2.77 -30.98
N LYS B 243 20.71 1.52 -30.51
CA LYS B 243 21.39 0.30 -30.98
C LYS B 243 22.90 0.45 -31.03
N ASN C 17 13.26 5.41 -0.93
CA ASN C 17 12.84 6.76 -0.58
C ASN C 17 12.76 6.94 0.93
N ILE C 18 13.76 7.64 1.51
CA ILE C 18 13.83 7.88 2.95
C ILE C 18 12.70 8.82 3.46
N ALA C 19 11.90 9.43 2.57
CA ALA C 19 10.79 10.29 3.00
C ALA C 19 9.68 9.48 3.69
N ASN C 20 9.52 8.20 3.29
CA ASN C 20 8.51 7.30 3.86
C ASN C 20 9.05 6.46 5.04
N SER C 21 10.33 6.62 5.42
CA SER C 21 10.93 5.82 6.49
C SER C 21 11.60 6.69 7.58
N ILE C 22 10.88 7.73 8.06
CA ILE C 22 11.37 8.61 9.12
C ILE C 22 10.44 8.55 10.31
N ASP C 23 10.98 8.21 11.48
CA ASP C 23 10.19 8.22 12.71
C ASP C 23 10.37 9.56 13.43
N ILE C 24 9.31 10.08 14.04
CA ILE C 24 9.40 11.34 14.79
C ILE C 24 9.17 11.08 16.26
N LEU C 25 10.06 11.55 17.12
CA LEU C 25 10.00 11.30 18.55
C LEU C 25 9.85 12.61 19.34
N GLN C 26 9.07 12.56 20.43
CA GLN C 26 8.84 13.69 21.35
C GLN C 26 8.79 13.07 22.75
N GLU C 27 9.93 12.59 23.24
CA GLU C 27 10.03 11.88 24.51
C GLU C 27 9.63 12.73 25.72
N LYS C 28 10.00 14.01 25.70
CA LYS C 28 9.65 15.01 26.71
C LYS C 28 8.89 16.14 25.99
N GLU C 29 8.04 16.88 26.71
CA GLU C 29 7.31 18.00 26.11
C GLU C 29 8.30 19.10 25.69
N GLY C 30 8.04 19.70 24.52
CA GLY C 30 8.92 20.73 23.97
C GLY C 30 10.17 20.20 23.28
N HIS C 31 10.24 18.87 23.06
CA HIS C 31 11.39 18.24 22.41
C HIS C 31 10.97 17.47 21.18
N LEU C 32 11.84 17.40 20.17
CA LEU C 32 11.52 16.72 18.93
C LEU C 32 12.81 16.16 18.36
N ASP C 33 12.78 14.91 17.95
CA ASP C 33 13.91 14.28 17.29
C ASP C 33 13.38 13.44 16.13
N PHE C 34 14.23 13.12 15.18
CA PHE C 34 13.84 12.28 14.04
C PHE C 34 14.86 11.18 13.81
N VAL C 35 14.41 10.05 13.29
CA VAL C 35 15.29 8.93 12.99
C VAL C 35 14.99 8.51 11.58
N ILE C 36 15.97 8.59 10.71
CA ILE C 36 15.87 8.11 9.35
C ILE C 36 16.22 6.62 9.54
N ILE C 37 15.18 5.77 9.63
CA ILE C 37 15.29 4.35 9.88
C ILE C 37 16.29 3.60 8.98
N PRO C 38 16.33 3.77 7.63
CA PRO C 38 17.34 3.04 6.84
C PRO C 38 18.77 3.40 7.21
N HIS C 39 19.02 4.65 7.66
CA HIS C 39 20.37 5.06 8.05
C HIS C 39 20.75 4.49 9.41
N TYR C 40 19.77 4.39 10.33
CA TYR C 40 20.03 3.85 11.65
C TYR C 40 20.43 2.38 11.53
N THR C 41 19.69 1.61 10.74
CA THR C 41 19.92 0.19 10.50
C THR C 41 21.29 -0.04 9.83
N PHE C 42 21.60 0.78 8.81
CA PHE C 42 22.84 0.70 8.03
C PHE C 42 24.05 0.99 8.90
N LEU C 43 23.99 2.05 9.74
CA LEU C 43 25.11 2.38 10.62
C LEU C 43 25.30 1.31 11.70
N ASP C 44 24.19 0.76 12.20
CA ASP C 44 24.25 -0.30 13.20
C ASP C 44 24.84 -1.60 12.62
N TYR C 45 24.52 -1.91 11.38
CA TYR C 45 25.00 -3.09 10.67
C TYR C 45 26.53 -3.05 10.57
N TYR C 46 27.09 -1.92 10.11
CA TYR C 46 28.53 -1.81 9.96
C TYR C 46 29.27 -1.66 11.30
N LYS C 47 28.56 -1.36 12.38
CA LYS C 47 29.13 -1.31 13.72
C LYS C 47 29.32 -2.78 14.17
N HIS C 48 28.27 -3.61 14.04
CA HIS C 48 28.34 -5.02 14.39
C HIS C 48 29.34 -5.77 13.51
N LEU C 49 29.43 -5.37 12.22
CA LEU C 49 30.38 -5.98 11.29
C LEU C 49 31.84 -5.69 11.72
N SER C 50 32.13 -4.47 12.22
CA SER C 50 33.46 -4.04 12.65
C SER C 50 33.92 -4.84 13.87
N TYR C 51 33.04 -5.00 14.88
CA TYR C 51 33.38 -5.71 16.08
C TYR C 51 33.55 -7.19 15.86
N ASN C 52 32.71 -7.79 15.00
CA ASN C 52 32.86 -9.21 14.67
C ASN C 52 34.23 -9.53 13.97
N SER C 53 34.70 -8.58 13.14
CA SER C 53 35.95 -8.67 12.37
C SER C 53 37.22 -8.53 13.21
N ILE C 54 37.18 -7.77 14.31
CA ILE C 54 38.35 -7.60 15.16
C ILE C 54 38.37 -8.58 16.33
N TYR C 55 37.21 -9.02 16.78
CA TYR C 55 37.13 -9.96 17.90
C TYR C 55 37.44 -11.38 17.46
N HIS C 56 37.49 -11.65 16.14
CA HIS C 56 37.79 -12.95 15.58
C HIS C 56 39.17 -13.50 16.03
N LYS C 57 40.20 -12.63 16.10
CA LYS C 57 41.55 -13.01 16.53
C LYS C 57 42.04 -12.17 17.72
N SER C 58 42.87 -12.76 18.59
CA SER C 58 43.46 -12.07 19.76
C SER C 58 44.42 -10.96 19.34
N SER C 59 45.13 -11.16 18.22
CA SER C 59 46.04 -10.17 17.67
C SER C 59 45.31 -8.90 17.13
N THR C 60 43.98 -9.00 16.81
CA THR C 60 43.18 -7.87 16.33
C THR C 60 42.14 -7.35 17.37
N TYR C 61 41.98 -8.06 18.53
CA TYR C 61 41.01 -7.69 19.58
C TYR C 61 41.24 -6.27 20.14
N GLY C 62 42.51 -5.90 20.28
CA GLY C 62 42.91 -4.60 20.79
C GLY C 62 42.55 -3.40 19.92
N LYS C 63 42.13 -3.65 18.66
CA LYS C 63 41.71 -2.57 17.78
C LYS C 63 40.34 -1.96 18.19
N TYR C 64 39.67 -2.49 19.25
CA TYR C 64 38.40 -1.98 19.74
C TYR C 64 38.48 -0.52 20.16
N ILE C 65 39.65 -0.08 20.67
CA ILE C 65 39.84 1.33 21.06
C ILE C 65 39.67 2.23 19.83
N ALA C 66 40.24 1.83 18.69
CA ALA C 66 40.18 2.56 17.44
C ALA C 66 38.79 2.49 16.79
N VAL C 67 38.12 1.34 16.92
CA VAL C 67 36.77 1.15 16.37
C VAL C 67 35.78 2.03 17.13
N ASP C 68 35.83 2.00 18.49
CA ASP C 68 34.97 2.82 19.37
C ASP C 68 35.12 4.30 19.01
N ALA C 69 36.37 4.74 18.77
CA ALA C 69 36.68 6.12 18.46
C ALA C 69 36.21 6.51 17.07
N PHE C 70 36.25 5.57 16.10
CA PHE C 70 35.79 5.86 14.76
C PHE C 70 34.26 5.95 14.74
N ILE C 71 33.58 5.02 15.41
CA ILE C 71 32.12 5.01 15.48
C ILE C 71 31.61 6.28 16.14
N LYS C 72 32.28 6.71 17.22
CA LYS C 72 31.92 7.93 17.94
C LYS C 72 32.01 9.16 17.00
N LYS C 73 33.06 9.20 16.17
CA LYS C 73 33.35 10.26 15.21
C LYS C 73 32.30 10.29 14.08
N ILE C 74 31.81 9.10 13.67
CA ILE C 74 30.78 8.95 12.64
C ILE C 74 29.42 9.43 13.18
N ASN C 75 29.12 9.14 14.46
CA ASN C 75 27.88 9.54 15.11
C ASN C 75 27.81 11.05 15.27
N GLU C 76 28.94 11.68 15.63
CA GLU C 76 29.00 13.14 15.78
C GLU C 76 28.84 13.84 14.44
N ALA C 77 29.39 13.26 13.35
CA ALA C 77 29.27 13.81 12.00
C ALA C 77 27.81 13.69 11.54
N TYR C 78 27.15 12.56 11.83
CA TYR C 78 25.75 12.37 11.46
C TYR C 78 24.87 13.40 12.20
N ASP C 79 25.13 13.62 13.49
CA ASP C 79 24.38 14.58 14.30
C ASP C 79 24.62 16.02 13.86
N LYS C 80 25.80 16.30 13.28
CA LYS C 80 26.13 17.61 12.75
C LYS C 80 25.28 17.90 11.50
N VAL C 81 25.01 16.86 10.67
CA VAL C 81 24.14 17.03 9.50
C VAL C 81 22.69 17.19 9.96
N LYS C 82 22.27 16.43 11.00
CA LYS C 82 20.92 16.53 11.59
C LYS C 82 20.66 17.94 12.12
N SER C 83 21.68 18.58 12.73
CA SER C 83 21.61 19.93 13.27
C SER C 83 21.32 21.02 12.19
N LYS C 84 21.51 20.68 10.90
CA LYS C 84 21.18 21.62 9.82
C LYS C 84 19.66 21.83 9.70
N CYS C 85 18.86 20.89 10.24
CA CYS C 85 17.42 20.96 10.25
C CYS C 85 16.83 21.46 11.55
N ASN C 86 17.65 21.97 12.49
CA ASN C 86 17.21 22.45 13.80
C ASN C 86 16.23 23.61 13.78
N ASP C 87 16.44 24.64 12.95
CA ASP C 87 15.53 25.79 12.92
C ASP C 87 14.12 25.37 12.50
N ILE C 88 14.03 24.55 11.45
CA ILE C 88 12.78 23.99 10.93
C ILE C 88 12.16 23.04 11.97
N LYS C 89 12.99 22.27 12.68
CA LYS C 89 12.56 21.35 13.72
C LYS C 89 11.97 22.11 14.92
N ASN C 90 12.60 23.21 15.32
CA ASN C 90 12.15 24.04 16.42
C ASN C 90 10.87 24.77 16.08
N ASP C 91 10.70 25.14 14.79
CA ASP C 91 9.52 25.79 14.28
C ASP C 91 8.32 24.83 14.35
N LEU C 92 8.54 23.53 14.06
CA LEU C 92 7.51 22.51 14.15
C LEU C 92 7.10 22.27 15.62
N ILE C 93 8.07 22.28 16.58
CA ILE C 93 7.81 22.13 18.01
C ILE C 93 6.86 23.23 18.50
N ALA C 94 7.13 24.49 18.11
CA ALA C 94 6.30 25.64 18.47
C ALA C 94 4.87 25.48 18.00
N THR C 95 4.68 24.90 16.81
CA THR C 95 3.35 24.68 16.25
C THR C 95 2.62 23.61 17.04
N ILE C 96 3.28 22.49 17.34
CA ILE C 96 2.72 21.38 18.12
C ILE C 96 2.29 21.86 19.50
N LYS C 97 3.14 22.68 20.13
CA LYS C 97 2.90 23.28 21.45
C LYS C 97 1.67 24.17 21.44
N LYS C 98 1.48 24.97 20.36
CA LYS C 98 0.32 25.84 20.21
C LYS C 98 -0.95 25.02 19.97
N LEU C 99 -0.87 23.97 19.14
CA LEU C 99 -1.99 23.07 18.85
C LEU C 99 -2.39 22.20 20.05
N GLU C 100 -1.49 22.05 21.04
CA GLU C 100 -1.77 21.23 22.19
C GLU C 100 -2.20 22.05 23.41
N HIS C 101 -1.89 23.36 23.44
CA HIS C 101 -2.23 24.23 24.56
C HIS C 101 -3.29 25.24 24.14
N PRO C 102 -4.58 24.91 24.35
CA PRO C 102 -5.64 25.86 23.98
C PRO C 102 -5.80 26.99 25.03
N PHE C 112 -8.43 27.13 14.24
CA PHE C 112 -7.76 25.85 14.40
C PHE C 112 -7.31 25.27 13.05
N LYS C 113 -8.10 25.50 11.98
CA LYS C 113 -7.76 25.01 10.64
C LYS C 113 -6.43 25.61 10.19
N LYS C 114 -6.17 26.89 10.52
CA LYS C 114 -4.92 27.59 10.19
C LYS C 114 -3.73 26.90 10.85
N MET C 115 -3.90 26.52 12.12
CA MET C 115 -2.91 25.83 12.92
C MET C 115 -2.65 24.41 12.41
N MET C 116 -3.71 23.71 11.99
CA MET C 116 -3.58 22.35 11.45
C MET C 116 -2.88 22.39 10.06
N ASP C 117 -3.13 23.46 9.28
CA ASP C 117 -2.49 23.69 7.99
C ASP C 117 -0.99 23.95 8.24
N GLU C 118 -0.69 24.79 9.24
CA GLU C 118 0.62 25.20 9.72
C GLU C 118 1.46 23.98 10.15
N TYR C 119 0.83 23.03 10.85
CA TYR C 119 1.48 21.81 11.32
C TYR C 119 1.87 20.91 10.16
N ASN C 120 0.97 20.76 9.20
CA ASN C 120 1.19 19.92 8.05
C ASN C 120 2.31 20.42 7.17
N THR C 121 2.38 21.77 6.97
CA THR C 121 3.43 22.31 6.11
C THR C 121 4.77 22.40 6.88
N LYS C 122 4.76 22.51 8.22
CA LYS C 122 6.03 22.53 8.97
C LYS C 122 6.65 21.12 9.09
N LYS C 123 5.80 20.08 9.14
CA LYS C 123 6.24 18.70 9.15
C LYS C 123 6.79 18.31 7.77
N LYS C 124 6.15 18.79 6.69
CA LYS C 124 6.60 18.57 5.31
C LYS C 124 7.96 19.23 5.07
N LYS C 125 8.17 20.41 5.67
CA LYS C 125 9.41 21.17 5.62
C LYS C 125 10.57 20.42 6.30
N LEU C 126 10.29 19.69 7.40
CA LEU C 126 11.29 18.91 8.11
C LEU C 126 11.72 17.74 7.24
N ILE C 127 10.75 17.04 6.64
CA ILE C 127 11.05 15.95 5.71
C ILE C 127 11.82 16.47 4.48
N LYS C 128 11.49 17.68 3.99
CA LYS C 128 12.20 18.28 2.86
C LYS C 128 13.64 18.62 3.23
N CYS C 129 13.86 19.10 4.44
CA CYS C 129 15.20 19.41 4.96
C CYS C 129 16.11 18.16 5.01
N ILE C 130 15.55 17.04 5.47
CA ILE C 130 16.23 15.76 5.55
C ILE C 130 16.62 15.31 4.12
N LYS C 131 15.67 15.40 3.18
CA LYS C 131 15.89 15.06 1.78
C LYS C 131 16.93 15.97 1.09
N ASN C 132 16.96 17.25 1.50
CA ASN C 132 17.90 18.24 0.97
C ASN C 132 19.35 17.94 1.33
N HIS C 133 19.56 17.29 2.49
CA HIS C 133 20.88 16.92 2.99
C HIS C 133 21.16 15.42 2.87
N GLU C 134 20.39 14.68 2.05
CA GLU C 134 20.53 13.23 1.90
C GLU C 134 21.94 12.78 1.55
N ASN C 135 22.61 13.43 0.60
CA ASN C 135 23.98 13.08 0.22
C ASN C 135 25.00 13.29 1.35
N ASP C 136 24.74 14.24 2.24
CA ASP C 136 25.58 14.52 3.39
C ASP C 136 25.52 13.31 4.35
N PHE C 137 24.31 12.76 4.56
CA PHE C 137 24.08 11.58 5.38
C PHE C 137 24.69 10.36 4.70
N ASN C 138 24.46 10.21 3.39
CA ASN C 138 24.99 9.12 2.57
C ASN C 138 26.50 9.09 2.62
N LYS C 139 27.17 10.25 2.61
CA LYS C 139 28.63 10.34 2.67
C LYS C 139 29.14 9.75 4.01
N ILE C 140 28.44 10.06 5.11
CA ILE C 140 28.76 9.54 6.44
C ILE C 140 28.47 8.05 6.55
N CYS C 141 27.35 7.60 5.98
CA CYS C 141 26.99 6.18 5.95
C CYS C 141 28.04 5.39 5.15
N MET C 142 28.55 5.96 4.06
CA MET C 142 29.54 5.30 3.23
C MET C 142 30.92 5.24 3.90
N ASP C 143 31.25 6.21 4.76
CA ASP C 143 32.50 6.18 5.51
C ASP C 143 32.46 4.99 6.48
N MET C 144 31.31 4.78 7.15
CA MET C 144 31.09 3.69 8.09
C MET C 144 31.13 2.34 7.36
N LYS C 145 30.52 2.26 6.17
CA LYS C 145 30.53 1.05 5.36
C LYS C 145 31.96 0.71 4.94
N ASN C 146 32.71 1.70 4.43
CA ASN C 146 34.08 1.48 3.98
C ASN C 146 35.00 1.01 5.11
N TYR C 147 34.76 1.49 6.33
CA TYR C 147 35.50 1.13 7.52
C TYR C 147 35.16 -0.30 7.98
N GLY C 148 33.88 -0.62 8.03
CA GLY C 148 33.43 -1.93 8.44
C GLY C 148 33.85 -3.01 7.48
N THR C 149 33.73 -2.70 6.18
CA THR C 149 34.07 -3.57 5.05
C THR C 149 35.58 -3.82 5.01
N ASN C 150 36.40 -2.81 5.30
CA ASN C 150 37.85 -2.98 5.28
C ASN C 150 38.27 -3.97 6.39
N LEU C 151 37.69 -3.86 7.59
CA LEU C 151 38.00 -4.78 8.68
C LEU C 151 37.51 -6.18 8.32
N PHE C 152 36.33 -6.29 7.73
CA PHE C 152 35.74 -7.56 7.32
C PHE C 152 36.59 -8.26 6.26
N GLU C 153 37.18 -7.49 5.35
CA GLU C 153 38.03 -8.02 4.28
C GLU C 153 39.41 -8.48 4.81
N GLN C 154 39.88 -7.87 5.93
CA GLN C 154 41.12 -8.21 6.59
C GLN C 154 40.99 -9.46 7.50
N LEU C 155 39.77 -10.00 7.67
CA LEU C 155 39.48 -11.19 8.47
C LEU C 155 40.23 -12.35 7.85
N SER C 156 41.05 -13.06 8.62
CA SER C 156 41.79 -14.21 8.09
C SER C 156 41.81 -15.38 9.06
N CYS C 157 41.87 -16.58 8.50
CA CYS C 157 41.98 -17.81 9.26
C CYS C 157 43.28 -18.48 8.89
N TYR C 158 43.92 -19.15 9.86
CA TYR C 158 45.12 -19.91 9.59
C TYR C 158 44.81 -21.05 8.60
N ASN C 159 43.68 -21.73 8.83
CA ASN C 159 43.19 -22.79 7.97
C ASN C 159 41.78 -22.33 7.58
N ASN C 160 41.60 -22.00 6.30
CA ASN C 160 40.30 -21.52 5.81
C ASN C 160 39.20 -22.63 5.85
N ASN C 161 39.52 -23.84 6.29
CA ASN C 161 38.57 -24.92 6.50
C ASN C 161 38.12 -25.00 7.98
N PHE C 162 38.89 -24.39 8.91
CA PHE C 162 38.63 -24.37 10.35
C PHE C 162 38.77 -22.95 10.92
N CYS C 163 37.82 -22.11 10.59
CA CYS C 163 37.77 -20.73 11.08
C CYS C 163 37.02 -20.75 12.41
N ASN C 164 37.61 -20.19 13.45
CA ASN C 164 36.97 -20.14 14.76
C ASN C 164 35.81 -19.08 14.80
N THR C 165 34.83 -19.30 15.67
CA THR C 165 33.69 -18.39 15.84
C THR C 165 33.70 -17.70 17.21
N ASN C 166 34.89 -17.50 17.80
CA ASN C 166 35.04 -16.87 19.10
C ASN C 166 34.61 -15.40 19.07
N GLY C 167 34.86 -14.71 17.95
CA GLY C 167 34.48 -13.31 17.77
C GLY C 167 32.99 -13.09 17.73
N ILE C 168 32.24 -14.06 17.14
CA ILE C 168 30.76 -14.02 17.12
C ILE C 168 30.23 -14.07 18.57
N ARG C 169 30.84 -14.94 19.38
CA ARG C 169 30.50 -15.12 20.77
C ARG C 169 30.81 -13.88 21.63
N TYR C 170 32.01 -13.28 21.47
CA TYR C 170 32.39 -12.09 22.23
C TYR C 170 31.51 -10.90 21.91
N HIS C 171 31.28 -10.66 20.62
CA HIS C 171 30.43 -9.56 20.21
C HIS C 171 28.98 -9.77 20.70
N TYR C 172 28.43 -11.01 20.58
CA TYR C 172 27.07 -11.28 21.04
C TYR C 172 26.96 -11.05 22.55
N ASP C 173 27.91 -11.55 23.36
CA ASP C 173 27.88 -11.39 24.82
C ASP C 173 27.94 -9.91 25.19
N GLU C 174 28.73 -9.11 24.46
CA GLU C 174 28.95 -7.72 24.80
C GLU C 174 27.84 -6.73 24.35
N TYR C 175 27.32 -6.89 23.13
CA TYR C 175 26.38 -5.94 22.58
C TYR C 175 24.94 -6.45 22.45
N ILE C 176 24.74 -7.77 22.33
CA ILE C 176 23.41 -8.30 22.03
C ILE C 176 22.68 -9.01 23.17
N HIS C 177 23.35 -9.95 23.85
CA HIS C 177 22.74 -10.77 24.90
C HIS C 177 21.85 -10.02 25.91
N LYS C 178 22.35 -8.92 26.50
CA LYS C 178 21.56 -8.19 27.49
C LYS C 178 20.28 -7.57 26.91
N LEU C 179 20.29 -7.14 25.64
CA LEU C 179 19.09 -6.63 25.00
C LEU C 179 18.08 -7.77 24.80
N ILE C 180 18.53 -8.99 24.44
CA ILE C 180 17.61 -10.14 24.29
C ILE C 180 16.92 -10.44 25.63
N LEU C 181 17.71 -10.47 26.76
CA LEU C 181 17.21 -10.74 28.12
C LEU C 181 16.20 -9.68 28.56
N SER C 182 16.49 -8.40 28.25
CA SER C 182 15.67 -7.26 28.58
C SER C 182 14.31 -7.32 27.86
N VAL C 183 14.32 -7.74 26.59
CA VAL C 183 13.13 -7.91 25.79
C VAL C 183 12.28 -9.02 26.39
N LYS C 184 12.91 -10.17 26.70
CA LYS C 184 12.24 -11.33 27.28
C LYS C 184 11.70 -11.09 28.70
N SER C 185 12.24 -10.10 29.42
CA SER C 185 11.76 -9.76 30.75
C SER C 185 10.51 -8.83 30.71
N LYS C 186 10.12 -8.33 29.52
CA LYS C 186 9.00 -7.43 29.36
C LYS C 186 7.86 -8.09 28.60
N ASN C 187 6.65 -7.56 28.75
CA ASN C 187 5.50 -8.03 28.00
C ASN C 187 5.16 -6.90 27.03
N LEU C 188 5.84 -6.84 25.87
CA LEU C 188 5.61 -5.80 24.87
C LEU C 188 4.21 -5.85 24.26
N ASN C 189 3.60 -7.03 24.23
CA ASN C 189 2.25 -7.20 23.70
C ASN C 189 1.22 -6.64 24.69
N LYS C 190 1.47 -6.79 26.00
CA LYS C 190 0.65 -6.21 27.05
C LYS C 190 0.77 -4.69 27.03
N ASP C 191 1.96 -4.15 26.71
CA ASP C 191 2.16 -2.72 26.57
C ASP C 191 1.27 -2.17 25.44
N LEU C 192 1.18 -2.91 24.33
CA LEU C 192 0.34 -2.52 23.21
C LEU C 192 -1.14 -2.49 23.64
N SER C 193 -1.56 -3.51 24.39
CA SER C 193 -2.91 -3.67 24.90
C SER C 193 -3.28 -2.52 25.85
N ASP C 194 -2.33 -2.12 26.71
CA ASP C 194 -2.53 -1.00 27.63
C ASP C 194 -2.70 0.30 26.86
N MET C 195 -1.97 0.47 25.77
CA MET C 195 -2.06 1.65 24.93
C MET C 195 -3.38 1.71 24.18
N THR C 196 -3.88 0.55 23.68
CA THR C 196 -5.17 0.54 23.00
C THR C 196 -6.30 0.90 23.97
N ASN C 197 -6.18 0.50 25.25
CA ASN C 197 -7.14 0.81 26.29
C ASN C 197 -7.17 2.32 26.53
N ILE C 198 -6.00 2.96 26.58
CA ILE C 198 -5.89 4.42 26.73
C ILE C 198 -6.52 5.14 25.51
N LEU C 199 -6.20 4.68 24.29
CA LEU C 199 -6.74 5.27 23.06
C LEU C 199 -8.28 5.15 23.03
N GLN C 200 -8.81 3.99 23.45
CA GLN C 200 -10.24 3.73 23.47
C GLN C 200 -10.99 4.64 24.46
N GLN C 201 -10.34 4.96 25.58
CA GLN C 201 -10.90 5.85 26.60
C GLN C 201 -10.99 7.28 26.07
N SER C 202 -10.01 7.70 25.26
CA SER C 202 -10.01 9.02 24.63
C SER C 202 -11.11 9.12 23.60
N GLU C 203 -11.33 8.04 22.82
CA GLU C 203 -12.36 7.92 21.80
C GLU C 203 -13.72 8.03 22.48
N LEU C 204 -13.91 7.36 23.64
CA LEU C 204 -15.15 7.38 24.40
C LEU C 204 -15.48 8.80 24.91
N LEU C 205 -14.47 9.50 25.42
CA LEU C 205 -14.58 10.87 25.93
C LEU C 205 -14.91 11.82 24.74
N LEU C 206 -14.26 11.60 23.59
CA LEU C 206 -14.41 12.39 22.38
C LEU C 206 -15.81 12.20 21.74
N THR C 207 -16.31 10.97 21.77
CA THR C 207 -17.61 10.58 21.22
C THR C 207 -18.74 11.25 21.99
N ASN C 208 -18.69 11.19 23.33
CA ASN C 208 -19.72 11.78 24.17
C ASN C 208 -19.59 13.30 24.37
N LEU C 209 -18.58 13.94 23.77
CA LEU C 209 -18.39 15.37 23.85
C LEU C 209 -19.08 16.01 22.63
N ASN C 210 -18.91 15.40 21.43
CA ASN C 210 -19.51 15.83 20.17
C ASN C 210 -21.05 15.69 20.20
N TYR C 216 -15.96 23.39 18.87
CA TYR C 216 -15.24 23.77 20.09
C TYR C 216 -13.71 23.61 19.97
N ILE C 217 -12.97 24.55 20.56
CA ILE C 217 -11.50 24.60 20.56
C ILE C 217 -10.86 23.38 21.25
N TYR C 218 -11.26 23.08 22.51
CA TYR C 218 -10.75 21.95 23.26
C TYR C 218 -10.97 20.61 22.58
N ILE C 219 -12.12 20.43 21.93
CA ILE C 219 -12.42 19.18 21.21
C ILE C 219 -11.43 18.98 20.02
N ASP C 220 -11.00 20.09 19.41
CA ASP C 220 -10.07 20.06 18.31
C ASP C 220 -8.66 19.70 18.80
N THR C 221 -8.25 20.19 19.99
CA THR C 221 -6.93 19.84 20.51
C THR C 221 -6.95 18.38 20.99
N ILE C 222 -8.08 17.90 21.57
CA ILE C 222 -8.21 16.51 21.97
C ILE C 222 -8.14 15.61 20.73
N LYS C 223 -8.78 16.01 19.64
CA LYS C 223 -8.81 15.30 18.34
C LYS C 223 -7.40 15.22 17.74
N PHE C 224 -6.63 16.32 17.82
CA PHE C 224 -5.27 16.41 17.32
C PHE C 224 -4.33 15.54 18.16
N ILE C 225 -4.42 15.62 19.51
CA ILE C 225 -3.57 14.84 20.40
C ILE C 225 -3.89 13.36 20.27
N HIS C 226 -5.17 13.00 20.11
CA HIS C 226 -5.56 11.60 19.94
C HIS C 226 -5.05 11.04 18.59
N LYS C 227 -5.01 11.89 17.55
CA LYS C 227 -4.53 11.50 16.24
C LYS C 227 -3.02 11.27 16.28
N GLU C 228 -2.27 12.12 17.01
CA GLU C 228 -0.83 11.92 17.18
C GLU C 228 -0.58 10.60 17.92
N MET C 229 -1.31 10.37 19.04
CA MET C 229 -1.17 9.16 19.85
C MET C 229 -1.50 7.88 19.08
N LYS C 230 -2.44 7.94 18.13
CA LYS C 230 -2.81 6.77 17.34
C LYS C 230 -1.72 6.47 16.29
N HIS C 231 -1.08 7.50 15.75
CA HIS C 231 0.01 7.34 14.78
C HIS C 231 1.24 6.77 15.51
N ILE C 232 1.53 7.30 16.72
CA ILE C 232 2.62 6.86 17.57
C ILE C 232 2.39 5.39 17.91
N PHE C 233 1.16 5.04 18.32
CA PHE C 233 0.79 3.66 18.61
C PHE C 233 1.02 2.73 17.40
N ASN C 234 0.62 3.16 16.19
CA ASN C 234 0.79 2.34 14.99
C ASN C 234 2.27 2.07 14.69
N ARG C 235 3.15 3.03 15.01
CA ARG C 235 4.59 2.85 14.82
C ARG C 235 5.15 1.94 15.93
N ILE C 236 4.61 2.03 17.17
CA ILE C 236 5.01 1.15 18.28
C ILE C 236 4.64 -0.29 17.94
N GLU C 237 3.46 -0.50 17.37
CA GLU C 237 2.99 -1.83 16.99
C GLU C 237 3.86 -2.44 15.88
N TYR C 238 4.27 -1.58 14.92
CA TYR C 238 5.13 -1.94 13.80
C TYR C 238 6.50 -2.41 14.32
N HIS C 239 7.14 -1.60 15.18
CA HIS C 239 8.44 -1.94 15.74
C HIS C 239 8.36 -3.14 16.69
N THR C 240 7.28 -3.27 17.48
CA THR C 240 7.07 -4.39 18.40
C THR C 240 7.03 -5.73 17.66
N LYS C 241 6.45 -5.74 16.47
CA LYS C 241 6.36 -6.94 15.64
C LYS C 241 7.77 -7.35 15.18
N ILE C 242 8.61 -6.37 14.82
CA ILE C 242 9.98 -6.61 14.41
C ILE C 242 10.83 -7.14 15.59
N ILE C 243 10.70 -6.56 16.79
CA ILE C 243 11.43 -7.02 17.98
C ILE C 243 11.05 -8.46 18.35
N ASN C 244 9.75 -8.81 18.34
CA ASN C 244 9.30 -10.15 18.72
C ASN C 244 9.78 -11.21 17.73
N ASP C 245 9.77 -10.84 16.42
CA ASP C 245 10.25 -11.69 15.33
C ASP C 245 11.78 -11.90 15.43
N LYS C 246 12.55 -10.81 15.55
CA LYS C 246 14.01 -10.87 15.59
C LYS C 246 14.56 -11.43 16.89
N THR C 247 13.79 -11.41 17.99
CA THR C 247 14.25 -12.00 19.24
C THR C 247 14.30 -13.51 19.08
N LYS C 248 13.28 -14.12 18.46
CA LYS C 248 13.25 -15.57 18.21
C LYS C 248 14.32 -15.94 17.20
N ILE C 249 14.44 -15.15 16.10
CA ILE C 249 15.45 -15.40 15.07
C ILE C 249 16.88 -15.34 15.61
N ILE C 250 17.21 -14.32 16.42
CA ILE C 250 18.53 -14.16 17.02
C ILE C 250 18.84 -15.30 17.98
N GLN C 251 17.89 -15.64 18.84
CA GLN C 251 18.07 -16.74 19.78
C GLN C 251 18.31 -18.09 19.07
N ASP C 252 17.64 -18.33 17.94
CA ASP C 252 17.81 -19.57 17.19
C ASP C 252 19.15 -19.56 16.45
N LYS C 253 19.46 -18.45 15.75
CA LYS C 253 20.63 -18.30 14.91
C LYS C 253 21.96 -18.29 15.66
N ILE C 254 22.01 -17.68 16.86
CA ILE C 254 23.25 -17.65 17.65
C ILE C 254 23.71 -19.07 17.97
N LYS C 255 22.75 -19.96 18.30
CA LYS C 255 23.01 -21.35 18.62
C LYS C 255 23.65 -22.14 17.48
N LEU C 256 23.42 -21.72 16.24
CA LEU C 256 23.99 -22.41 15.07
C LEU C 256 25.36 -21.83 14.66
N ASN C 257 25.74 -20.65 15.16
CA ASN C 257 26.96 -19.96 14.73
C ASN C 257 28.09 -19.91 15.76
N ILE C 258 27.93 -20.61 16.89
CA ILE C 258 28.93 -20.60 17.98
C ILE C 258 29.38 -22.02 18.36
N TRP C 259 30.54 -22.14 19.11
CA TRP C 259 31.12 -23.41 19.57
C TRP C 259 31.26 -24.47 18.47
N ARG C 260 31.68 -23.97 17.31
CA ARG C 260 31.76 -24.63 16.03
C ARG C 260 32.86 -23.91 15.23
N THR C 261 33.35 -24.56 14.20
CA THR C 261 34.24 -23.92 13.23
C THR C 261 33.50 -23.90 11.89
N PHE C 262 33.86 -22.97 11.02
CA PHE C 262 33.28 -22.92 9.69
C PHE C 262 34.37 -22.80 8.64
N GLN C 263 34.02 -23.05 7.37
CA GLN C 263 34.90 -22.77 6.24
C GLN C 263 34.85 -21.21 6.13
N LYS C 264 35.95 -20.55 5.76
CA LYS C 264 36.00 -19.08 5.69
C LYS C 264 34.80 -18.42 4.99
N ASP C 265 34.37 -18.97 3.84
CA ASP C 265 33.23 -18.41 3.12
C ASP C 265 31.93 -18.49 3.94
N GLU C 266 31.72 -19.59 4.68
CA GLU C 266 30.51 -19.77 5.49
C GLU C 266 30.58 -18.93 6.78
N LEU C 267 31.79 -18.69 7.32
CA LEU C 267 31.97 -17.84 8.49
C LEU C 267 31.64 -16.38 8.13
N LEU C 268 32.12 -15.91 6.97
CA LEU C 268 31.87 -14.54 6.51
C LEU C 268 30.36 -14.31 6.23
N LYS C 269 29.70 -15.30 5.63
CA LYS C 269 28.27 -15.21 5.37
C LYS C 269 27.44 -15.20 6.67
N ARG C 270 27.88 -15.94 7.68
CA ARG C 270 27.17 -15.99 8.94
C ARG C 270 27.42 -14.73 9.79
N ILE C 271 28.54 -14.01 9.56
CA ILE C 271 28.80 -12.72 10.20
C ILE C 271 27.90 -11.64 9.59
N LEU C 272 27.70 -11.67 8.26
CA LEU C 272 26.83 -10.72 7.59
C LEU C 272 25.38 -10.98 7.99
N ASP C 273 25.00 -12.27 8.08
CA ASP C 273 23.65 -12.67 8.46
C ASP C 273 23.29 -12.20 9.87
N MET C 274 24.21 -12.41 10.86
CA MET C 274 23.99 -11.97 12.23
C MET C 274 23.96 -10.45 12.30
N SER C 275 24.90 -9.74 11.64
CA SER C 275 24.93 -8.28 11.62
C SER C 275 23.62 -7.69 11.11
N ASN C 276 23.00 -8.36 10.14
CA ASN C 276 21.71 -7.96 9.57
C ASN C 276 20.59 -8.13 10.62
N GLU C 277 20.51 -9.32 11.22
CA GLU C 277 19.54 -9.67 12.26
C GLU C 277 19.65 -8.69 13.43
N TYR C 278 20.88 -8.40 13.90
CA TYR C 278 21.11 -7.51 15.04
C TYR C 278 20.69 -6.08 14.76
N SER C 279 21.02 -5.55 13.58
CA SER C 279 20.70 -4.16 13.23
C SER C 279 19.19 -3.94 13.11
N LEU C 280 18.44 -4.94 12.56
CA LEU C 280 16.99 -4.87 12.43
C LEU C 280 16.35 -4.89 13.83
N PHE C 281 16.88 -5.74 14.71
CA PHE C 281 16.42 -5.84 16.09
C PHE C 281 16.72 -4.58 16.89
N ILE C 282 17.97 -4.09 16.88
CA ILE C 282 18.36 -2.91 17.65
C ILE C 282 17.62 -1.64 17.21
N THR C 283 17.41 -1.47 15.87
CA THR C 283 16.68 -0.33 15.32
C THR C 283 15.27 -0.22 15.89
N SER C 284 14.52 -1.33 15.87
CA SER C 284 13.16 -1.37 16.34
C SER C 284 13.04 -1.32 17.84
N ASP C 285 14.03 -1.86 18.55
CA ASP C 285 14.06 -1.84 19.99
C ASP C 285 14.26 -0.40 20.48
N HIS C 286 15.19 0.32 19.87
CA HIS C 286 15.51 1.70 20.20
C HIS C 286 14.32 2.64 19.88
N LEU C 287 13.72 2.45 18.69
CA LEU C 287 12.60 3.26 18.26
C LEU C 287 11.33 2.98 19.05
N ARG C 288 11.08 1.71 19.41
CA ARG C 288 9.89 1.36 20.20
C ARG C 288 9.95 1.99 21.57
N GLN C 289 11.14 2.07 22.19
CA GLN C 289 11.26 2.69 23.50
C GLN C 289 11.08 4.20 23.38
N MET C 290 11.67 4.83 22.37
CA MET C 290 11.51 6.27 22.14
C MET C 290 10.03 6.66 21.86
N LEU C 291 9.30 5.82 21.10
CA LEU C 291 7.90 6.01 20.77
C LEU C 291 7.00 5.77 21.98
N TYR C 292 7.35 4.79 22.82
CA TYR C 292 6.64 4.47 24.06
C TYR C 292 6.67 5.69 24.98
N ASN C 293 7.84 6.33 25.09
CA ASN C 293 8.03 7.54 25.89
C ASN C 293 7.20 8.71 25.34
N THR C 294 7.14 8.87 24.00
CA THR C 294 6.37 9.98 23.41
C THR C 294 4.87 9.71 23.58
N PHE C 295 4.42 8.45 23.50
CA PHE C 295 3.02 8.10 23.72
C PHE C 295 2.56 8.54 25.13
N TYR C 296 3.34 8.21 26.18
CA TYR C 296 2.97 8.53 27.56
C TYR C 296 3.20 10.00 27.91
N SER C 297 4.11 10.70 27.21
CA SER C 297 4.30 12.13 27.41
C SER C 297 3.04 12.87 26.85
N LYS C 298 2.52 12.42 25.69
CA LYS C 298 1.32 13.04 25.11
C LYS C 298 0.07 12.67 25.93
N GLU C 299 0.04 11.45 26.51
CA GLU C 299 -1.04 10.96 27.36
C GLU C 299 -1.12 11.81 28.64
N LYS C 300 0.04 12.18 29.21
CA LYS C 300 0.09 13.01 30.41
C LYS C 300 -0.51 14.40 30.10
N HIS C 301 -0.15 14.99 28.96
CA HIS C 301 -0.70 16.29 28.57
C HIS C 301 -2.22 16.23 28.25
N LEU C 302 -2.66 15.16 27.58
CA LEU C 302 -4.06 14.94 27.27
C LEU C 302 -4.90 14.86 28.56
N ASN C 303 -4.40 14.17 29.59
CA ASN C 303 -5.10 14.04 30.86
C ASN C 303 -5.26 15.37 31.59
N ASN C 304 -4.31 16.30 31.41
CA ASN C 304 -4.38 17.65 31.96
C ASN C 304 -5.46 18.46 31.22
N ILE C 305 -5.63 18.25 29.91
CA ILE C 305 -6.66 18.91 29.11
C ILE C 305 -8.05 18.39 29.52
N PHE C 306 -8.16 17.07 29.76
CA PHE C 306 -9.38 16.44 30.23
C PHE C 306 -9.76 17.01 31.61
N HIS C 307 -8.75 17.26 32.45
CA HIS C 307 -8.93 17.83 33.76
C HIS C 307 -9.47 19.26 33.67
N HIS C 308 -8.81 20.12 32.89
CA HIS C 308 -9.22 21.50 32.72
C HIS C 308 -10.63 21.59 32.11
N LEU C 309 -10.94 20.71 31.17
CA LEU C 309 -12.22 20.62 30.48
C LEU C 309 -13.38 20.24 31.39
N ILE C 310 -13.18 19.22 32.24
CA ILE C 310 -14.26 18.70 33.05
C ILE C 310 -14.34 19.29 34.46
N TYR C 311 -13.20 19.55 35.09
CA TYR C 311 -13.15 20.03 36.47
C TYR C 311 -13.05 21.56 36.59
N VAL C 312 -12.62 22.26 35.54
CA VAL C 312 -12.50 23.73 35.59
C VAL C 312 -13.51 24.40 34.64
N LEU C 313 -13.58 23.92 33.40
CA LEU C 313 -14.40 24.43 32.31
C LEU C 313 -15.89 24.12 32.49
N GLN C 314 -16.22 22.91 32.99
CA GLN C 314 -17.63 22.54 33.16
C GLN C 314 -17.91 21.79 34.45
N VAL D 2 32.99 -10.42 34.88
CA VAL D 2 32.11 -11.23 35.73
C VAL D 2 32.92 -11.92 36.85
N GLN D 3 32.22 -12.23 37.93
CA GLN D 3 32.67 -12.92 39.13
C GLN D 3 31.76 -14.15 39.32
N LEU D 4 32.31 -15.23 39.81
CA LEU D 4 31.55 -16.46 40.06
C LEU D 4 31.54 -16.73 41.56
N VAL D 5 30.37 -17.00 42.13
CA VAL D 5 30.23 -17.24 43.57
C VAL D 5 29.64 -18.63 43.82
N GLN D 6 30.39 -19.46 44.51
CA GLN D 6 29.99 -20.83 44.81
C GLN D 6 29.38 -21.01 46.19
N SER D 7 28.67 -22.13 46.39
CA SER D 7 28.08 -22.53 47.66
C SER D 7 29.20 -22.89 48.71
N GLY D 8 28.80 -23.07 49.97
CA GLY D 8 29.71 -23.30 51.08
C GLY D 8 30.30 -24.69 51.26
N ALA D 9 31.24 -24.77 52.21
CA ALA D 9 31.96 -26.00 52.55
C ALA D 9 31.05 -27.12 52.99
N GLU D 10 31.45 -28.34 52.69
CA GLU D 10 30.70 -29.54 53.02
C GLU D 10 31.62 -30.60 53.60
N VAL D 11 31.03 -31.46 54.46
CA VAL D 11 31.64 -32.65 55.03
C VAL D 11 30.61 -33.72 54.77
N LYS D 12 30.94 -34.71 53.94
CA LYS D 12 29.99 -35.77 53.57
C LYS D 12 30.49 -37.17 53.92
N LYS D 13 29.57 -38.11 54.13
CA LYS D 13 29.92 -39.51 54.40
C LYS D 13 30.18 -40.22 53.05
N PRO D 14 30.95 -41.32 53.04
CA PRO D 14 31.14 -42.05 51.77
C PRO D 14 29.81 -42.66 51.32
N GLY D 15 29.56 -42.66 50.02
CA GLY D 15 28.32 -43.18 49.47
C GLY D 15 27.24 -42.15 49.28
N SER D 16 27.44 -40.92 49.82
CA SER D 16 26.47 -39.84 49.67
C SER D 16 26.72 -38.99 48.39
N SER D 17 25.91 -37.95 48.16
CA SER D 17 26.03 -37.07 47.00
C SER D 17 26.31 -35.66 47.49
N VAL D 18 26.92 -34.85 46.63
CA VAL D 18 27.15 -33.44 46.93
C VAL D 18 26.80 -32.61 45.71
N LYS D 19 26.06 -31.51 45.90
CA LYS D 19 25.70 -30.64 44.78
C LYS D 19 26.25 -29.25 45.02
N VAL D 20 27.16 -28.79 44.16
CA VAL D 20 27.78 -27.47 44.31
C VAL D 20 27.20 -26.47 43.28
N SER D 21 26.89 -25.25 43.72
CA SER D 21 26.33 -24.22 42.87
C SER D 21 27.39 -23.20 42.46
N CYS D 22 27.13 -22.49 41.39
CA CYS D 22 28.04 -21.50 40.83
C CYS D 22 27.20 -20.37 40.21
N LYS D 23 27.14 -19.22 40.88
CA LYS D 23 26.34 -18.11 40.40
C LYS D 23 27.16 -17.03 39.73
N ALA D 24 26.70 -16.58 38.57
CA ALA D 24 27.34 -15.49 37.85
C ALA D 24 26.82 -14.19 38.48
N SER D 25 27.72 -13.25 38.76
CA SER D 25 27.36 -11.97 39.36
C SER D 25 26.39 -11.18 38.52
N GLY D 26 26.57 -11.22 37.21
CA GLY D 26 25.74 -10.49 36.27
C GLY D 26 24.41 -11.12 35.93
N GLY D 27 24.14 -12.32 36.42
CA GLY D 27 22.86 -12.96 36.20
C GLY D 27 22.76 -13.94 35.05
N THR D 28 23.78 -14.02 34.16
CA THR D 28 23.80 -15.00 33.05
C THR D 28 25.19 -15.49 32.71
N PHE D 29 25.25 -16.64 32.02
CA PHE D 29 26.48 -17.15 31.46
C PHE D 29 26.53 -16.83 29.94
N SER D 30 25.71 -15.86 29.45
CA SER D 30 25.57 -15.42 28.05
C SER D 30 25.76 -16.61 27.04
N SER D 31 26.78 -16.61 26.15
CA SER D 31 26.99 -17.73 25.24
C SER D 31 28.28 -18.50 25.53
N TYR D 32 28.86 -18.35 26.73
CA TYR D 32 30.12 -19.00 27.07
C TYR D 32 29.95 -20.29 27.89
N ALA D 33 31.06 -20.95 28.20
CA ALA D 33 31.05 -22.19 28.95
C ALA D 33 31.53 -22.04 30.39
N ILE D 34 31.00 -22.89 31.27
CA ILE D 34 31.44 -22.98 32.67
C ILE D 34 31.98 -24.39 32.85
N ASN D 35 33.21 -24.51 33.36
CA ASN D 35 33.82 -25.81 33.61
C ASN D 35 34.04 -26.04 35.10
N TRP D 36 34.02 -27.30 35.50
CA TRP D 36 34.22 -27.71 36.88
C TRP D 36 35.57 -28.42 37.01
N VAL D 37 36.43 -27.90 37.90
CA VAL D 37 37.78 -28.38 38.13
C VAL D 37 37.99 -28.61 39.62
N ARG D 38 38.49 -29.78 40.03
CA ARG D 38 38.73 -30.04 41.44
C ARG D 38 40.23 -30.19 41.73
N GLN D 39 40.61 -30.04 42.98
CA GLN D 39 41.99 -30.16 43.39
C GLN D 39 42.11 -30.85 44.74
N ALA D 40 42.50 -32.13 44.72
CA ALA D 40 42.72 -32.97 45.90
C ALA D 40 44.01 -32.58 46.59
N PRO D 41 44.09 -32.77 47.93
CA PRO D 41 45.32 -32.42 48.66
C PRO D 41 46.62 -33.03 48.07
N GLY D 42 47.57 -32.13 47.77
CA GLY D 42 48.86 -32.48 47.18
C GLY D 42 48.71 -33.08 45.79
N GLN D 43 47.73 -32.61 45.03
CA GLN D 43 47.47 -33.15 43.71
C GLN D 43 47.12 -32.03 42.74
N GLY D 44 47.34 -32.28 41.46
CA GLY D 44 47.04 -31.28 40.45
C GLY D 44 45.56 -31.16 40.19
N PRO D 45 45.17 -30.07 39.49
CA PRO D 45 43.76 -29.90 39.16
C PRO D 45 43.29 -30.99 38.19
N GLU D 46 42.04 -31.37 38.34
CA GLU D 46 41.42 -32.43 37.59
C GLU D 46 40.08 -31.92 37.06
N TRP D 47 39.93 -31.89 35.74
CA TRP D 47 38.72 -31.43 35.10
C TRP D 47 37.64 -32.50 35.23
N LEU D 48 36.44 -32.12 35.68
CA LEU D 48 35.32 -33.04 35.84
C LEU D 48 34.35 -32.98 34.67
N GLY D 49 34.13 -31.78 34.16
CA GLY D 49 33.19 -31.56 33.09
C GLY D 49 32.81 -30.11 32.92
N GLY D 50 32.01 -29.83 31.91
CA GLY D 50 31.55 -28.47 31.65
C GLY D 50 30.20 -28.39 30.97
N ILE D 51 29.67 -27.18 30.90
CA ILE D 51 28.40 -26.93 30.26
C ILE D 51 28.43 -25.61 29.49
N ILE D 52 27.70 -25.55 28.38
CA ILE D 52 27.48 -24.35 27.60
C ILE D 52 25.97 -24.13 27.75
N PRO D 53 25.57 -23.35 28.78
CA PRO D 53 24.13 -23.19 29.04
C PRO D 53 23.25 -22.74 27.86
N ILE D 54 23.75 -21.84 26.98
CA ILE D 54 22.95 -21.38 25.83
C ILE D 54 22.63 -22.51 24.84
N LEU D 55 23.48 -23.55 24.78
CA LEU D 55 23.26 -24.69 23.90
C LEU D 55 22.69 -25.93 24.60
N ASP D 56 22.67 -25.94 25.94
CA ASP D 56 22.30 -27.06 26.80
C ASP D 56 23.22 -28.25 26.47
N ARG D 57 24.51 -27.96 26.36
CA ARG D 57 25.50 -28.94 25.97
C ARG D 57 26.45 -29.25 27.12
N VAL D 58 26.47 -30.51 27.57
CA VAL D 58 27.38 -30.93 28.64
C VAL D 58 28.49 -31.85 28.10
N ASN D 59 29.67 -31.72 28.66
CA ASN D 59 30.82 -32.52 28.30
C ASN D 59 31.40 -33.06 29.62
N TYR D 60 31.57 -34.39 29.75
CA TYR D 60 32.09 -34.96 30.99
C TYR D 60 33.42 -35.68 30.79
N ALA D 61 34.29 -35.66 31.82
CA ALA D 61 35.53 -36.43 31.78
C ALA D 61 35.16 -37.90 31.92
N GLN D 62 35.77 -38.77 31.10
CA GLN D 62 35.45 -40.19 31.06
C GLN D 62 35.48 -40.89 32.42
N LYS D 63 36.46 -40.53 33.28
CA LYS D 63 36.56 -41.16 34.61
C LYS D 63 35.44 -40.72 35.59
N PHE D 64 34.70 -39.67 35.25
CA PHE D 64 33.61 -39.17 36.09
C PHE D 64 32.21 -39.41 35.47
N GLN D 65 32.14 -39.96 34.24
CA GLN D 65 30.86 -40.22 33.59
C GLN D 65 30.03 -41.21 34.43
N GLY D 66 28.78 -40.83 34.70
CA GLY D 66 27.90 -41.62 35.53
C GLY D 66 27.81 -41.07 36.94
N ARG D 67 28.92 -40.52 37.46
CA ARG D 67 28.96 -39.98 38.81
C ARG D 67 28.75 -38.46 38.88
N VAL D 68 29.05 -37.75 37.79
CA VAL D 68 28.95 -36.29 37.71
C VAL D 68 27.77 -35.89 36.85
N THR D 69 26.97 -34.95 37.34
CA THR D 69 25.87 -34.39 36.58
C THR D 69 26.03 -32.88 36.61
N ILE D 70 26.18 -32.27 35.45
CA ILE D 70 26.29 -30.83 35.35
C ILE D 70 25.02 -30.22 34.71
N THR D 71 24.39 -29.28 35.42
CA THR D 71 23.16 -28.62 34.97
C THR D 71 23.27 -27.10 35.09
N ALA D 72 22.41 -26.37 34.38
CA ALA D 72 22.36 -24.92 34.47
C ALA D 72 20.93 -24.48 34.67
N ASP D 73 20.76 -23.34 35.32
CA ASP D 73 19.47 -22.69 35.54
C ASP D 73 18.97 -22.17 34.18
N GLU D 74 17.65 -22.24 33.97
CA GLU D 74 17.02 -21.75 32.74
C GLU D 74 17.02 -20.21 32.71
N LEU D 75 16.64 -19.58 33.83
CA LEU D 75 16.57 -18.12 33.92
C LEU D 75 17.80 -17.54 34.60
N GLY D 76 18.22 -18.14 35.69
CA GLY D 76 19.35 -17.66 36.46
C GLY D 76 20.71 -18.00 35.89
N GLY D 77 21.70 -17.26 36.34
CA GLY D 77 23.07 -17.53 35.95
C GLY D 77 23.63 -18.43 37.02
N THR D 78 23.05 -19.63 37.17
CA THR D 78 23.52 -20.56 38.19
C THR D 78 23.78 -21.93 37.60
N ALA D 79 25.04 -22.42 37.72
CA ALA D 79 25.43 -23.73 37.23
C ALA D 79 25.61 -24.67 38.43
N TYR D 80 25.47 -25.97 38.19
CA TYR D 80 25.52 -26.97 39.24
C TYR D 80 26.34 -28.16 38.85
N MET D 81 26.94 -28.80 39.83
CA MET D 81 27.74 -30.00 39.68
C MET D 81 27.31 -30.94 40.79
N GLU D 82 26.74 -32.09 40.45
CA GLU D 82 26.36 -33.09 41.43
C GLU D 82 27.23 -34.33 41.29
N LEU D 83 28.03 -34.61 42.34
CA LEU D 83 28.90 -35.77 42.38
C LEU D 83 28.30 -36.79 43.35
N THR D 84 27.89 -37.96 42.83
CA THR D 84 27.29 -39.02 43.63
C THR D 84 28.30 -40.14 44.00
N SER D 85 27.90 -41.04 44.94
CA SER D 85 28.71 -42.18 45.39
C SER D 85 30.10 -41.72 45.84
N LEU D 86 30.12 -40.70 46.71
CA LEU D 86 31.36 -40.11 47.20
C LEU D 86 32.31 -41.09 47.87
N ARG D 87 33.59 -40.97 47.57
CA ARG D 87 34.66 -41.77 48.17
C ARG D 87 35.65 -40.80 48.84
N SER D 88 36.56 -41.31 49.68
CA SER D 88 37.56 -40.45 50.32
C SER D 88 38.47 -39.75 49.29
N GLU D 89 38.62 -40.33 48.08
CA GLU D 89 39.37 -39.73 46.96
C GLU D 89 38.72 -38.44 46.45
N ASP D 90 37.42 -38.25 46.73
CA ASP D 90 36.68 -37.06 46.30
C ASP D 90 36.93 -35.83 47.17
N THR D 91 37.72 -35.94 48.27
CA THR D 91 38.03 -34.79 49.11
C THR D 91 38.88 -33.82 48.31
N ALA D 92 38.35 -32.62 48.01
CA ALA D 92 39.04 -31.65 47.16
C ALA D 92 38.42 -30.25 47.26
N MET D 93 39.10 -29.22 46.72
CA MET D 93 38.57 -27.89 46.52
C MET D 93 37.94 -27.99 45.12
N TYR D 94 36.62 -27.74 45.01
CA TYR D 94 35.91 -27.80 43.72
C TYR D 94 35.68 -26.40 43.20
N TYR D 95 36.02 -26.14 41.95
CA TYR D 95 35.87 -24.82 41.36
C TYR D 95 35.04 -24.85 40.11
N CYS D 96 34.29 -23.78 39.89
CA CYS D 96 33.64 -23.53 38.63
C CYS D 96 34.48 -22.40 38.02
N ALA D 97 34.58 -22.37 36.69
CA ALA D 97 35.39 -21.37 36.01
C ALA D 97 34.99 -21.13 34.58
N ARG D 98 35.28 -19.93 34.06
CA ARG D 98 35.22 -19.65 32.64
C ARG D 98 36.70 -19.81 32.27
N LEU D 99 37.05 -20.96 31.72
CA LEU D 99 38.45 -21.28 31.42
C LEU D 99 38.99 -20.79 30.11
N ALA D 100 40.13 -20.11 30.17
CA ALA D 100 40.96 -19.68 29.05
C ALA D 100 40.22 -19.42 27.72
N ASP D 101 39.36 -18.41 27.73
CA ASP D 101 38.55 -18.08 26.59
C ASP D 101 38.92 -16.69 26.04
N GLY D 102 39.99 -16.61 25.25
CA GLY D 102 40.48 -15.33 24.75
C GLY D 102 40.92 -14.43 25.90
N PRO D 103 40.37 -13.21 25.99
CA PRO D 103 40.70 -12.34 27.13
C PRO D 103 39.91 -12.66 28.41
N PHE D 104 39.13 -13.75 28.42
CA PHE D 104 38.27 -14.12 29.52
C PHE D 104 38.68 -15.39 30.25
N ASP D 105 39.09 -15.24 31.50
CA ASP D 105 39.41 -16.35 32.39
C ASP D 105 39.09 -15.89 33.78
N TYR D 106 38.16 -16.58 34.46
CA TYR D 106 37.81 -16.24 35.83
C TYR D 106 37.26 -17.45 36.55
N TRP D 107 37.41 -17.46 37.88
CA TRP D 107 37.08 -18.63 38.69
C TRP D 107 36.23 -18.29 39.89
N GLY D 108 35.51 -19.28 40.39
CA GLY D 108 34.82 -19.15 41.65
C GLY D 108 35.84 -19.21 42.79
N GLN D 109 35.40 -18.95 44.01
CA GLN D 109 36.29 -18.96 45.19
C GLN D 109 36.68 -20.39 45.64
N GLY D 110 35.97 -21.40 45.16
CA GLY D 110 36.21 -22.78 45.50
C GLY D 110 35.24 -23.25 46.55
N THR D 111 34.90 -24.52 46.52
CA THR D 111 34.02 -25.13 47.51
C THR D 111 34.76 -26.35 48.05
N GLN D 112 35.03 -26.32 49.36
CA GLN D 112 35.70 -27.39 50.06
C GLN D 112 34.76 -28.54 50.30
N VAL D 113 35.05 -29.72 49.73
CA VAL D 113 34.24 -30.90 49.98
C VAL D 113 35.12 -31.92 50.67
N ILE D 114 34.81 -32.27 51.92
CA ILE D 114 35.60 -33.26 52.66
C ILE D 114 34.79 -34.54 52.79
N VAL D 115 35.27 -35.67 52.25
CA VAL D 115 34.60 -36.95 52.41
C VAL D 115 35.21 -37.68 53.62
N SER D 116 34.44 -37.80 54.69
CA SER D 116 34.86 -38.38 55.95
C SER D 116 34.69 -39.90 55.99
N SER D 132 43.51 -39.85 31.66
CA SER D 132 43.08 -38.90 30.63
C SER D 132 43.71 -39.19 29.26
N ASN D 133 43.10 -38.66 28.18
CA ASN D 133 43.59 -38.87 26.82
C ASN D 133 44.92 -38.14 26.61
N ILE D 134 44.97 -36.82 26.90
CA ILE D 134 46.23 -36.09 26.80
C ILE D 134 46.78 -35.93 28.22
N VAL D 135 47.98 -36.48 28.47
CA VAL D 135 48.61 -36.42 29.79
C VAL D 135 49.67 -35.30 29.81
N MET D 136 49.69 -34.49 30.88
CA MET D 136 50.61 -33.36 31.00
C MET D 136 51.64 -33.68 32.09
N THR D 137 52.91 -33.64 31.71
CA THR D 137 54.04 -33.96 32.58
C THR D 137 54.81 -32.69 32.89
N GLN D 138 54.71 -32.21 34.12
CA GLN D 138 55.37 -30.98 34.53
C GLN D 138 56.68 -31.23 35.26
N THR D 139 57.69 -30.39 34.99
CA THR D 139 59.03 -30.53 35.52
C THR D 139 59.64 -29.16 35.87
N PRO D 140 60.21 -28.98 37.07
CA PRO D 140 60.26 -29.91 38.21
C PRO D 140 59.01 -29.81 39.10
N LEU D 141 58.94 -30.60 40.17
CA LEU D 141 57.81 -30.54 41.08
C LEU D 141 57.90 -29.35 42.04
N SER D 142 59.13 -28.91 42.37
CA SER D 142 59.37 -27.77 43.26
C SER D 142 60.60 -26.98 42.83
N LEU D 143 60.61 -25.68 43.14
CA LEU D 143 61.68 -24.79 42.73
C LEU D 143 61.95 -23.75 43.81
N SER D 144 63.20 -23.68 44.27
CA SER D 144 63.60 -22.73 45.30
C SER D 144 64.63 -21.77 44.72
N VAL D 145 64.30 -20.48 44.67
CA VAL D 145 65.17 -19.46 44.08
C VAL D 145 65.25 -18.21 44.95
N SER D 146 66.32 -17.42 44.80
CA SER D 146 66.43 -16.14 45.47
C SER D 146 65.73 -15.06 44.59
N PRO D 147 65.31 -13.92 45.17
CA PRO D 147 64.65 -12.89 44.34
C PRO D 147 65.61 -12.30 43.32
N GLY D 148 65.11 -12.05 42.12
CA GLY D 148 65.93 -11.53 41.04
C GLY D 148 66.56 -12.61 40.18
N GLN D 149 66.57 -13.87 40.65
CA GLN D 149 67.14 -14.97 39.89
C GLN D 149 66.10 -15.59 38.95
N PRO D 150 66.52 -16.06 37.76
CA PRO D 150 65.53 -16.61 36.82
C PRO D 150 64.94 -17.97 37.23
N ALA D 151 63.81 -18.35 36.66
CA ALA D 151 63.20 -19.65 36.92
C ALA D 151 62.67 -20.25 35.60
N SER D 152 62.62 -21.58 35.50
CA SER D 152 62.15 -22.27 34.30
CA SER D 152 62.14 -22.26 34.31
C SER D 152 61.28 -23.48 34.67
N ILE D 153 60.10 -23.59 34.05
CA ILE D 153 59.18 -24.70 34.28
C ILE D 153 58.85 -25.32 32.93
N SER D 154 58.89 -26.65 32.86
CA SER D 154 58.65 -27.36 31.62
C SER D 154 57.42 -28.20 31.65
N CYS D 155 56.83 -28.37 30.48
CA CYS D 155 55.66 -29.19 30.31
C CYS D 155 55.76 -30.04 29.09
N LYS D 156 55.40 -31.31 29.22
CA LYS D 156 55.40 -32.22 28.08
C LYS D 156 54.06 -32.93 27.95
N SER D 157 53.46 -32.90 26.75
CA SER D 157 52.15 -33.51 26.55
C SER D 157 52.27 -34.86 25.83
N SER D 158 51.39 -35.82 26.18
CA SER D 158 51.44 -37.15 25.56
C SER D 158 51.05 -37.15 24.07
N GLN D 159 50.37 -36.09 23.63
CA GLN D 159 49.92 -35.85 22.27
C GLN D 159 50.17 -34.37 21.94
N SER D 160 50.27 -34.03 20.66
CA SER D 160 50.46 -32.64 20.23
C SER D 160 49.26 -31.73 20.58
N LEU D 161 49.55 -30.51 21.08
CA LEU D 161 48.54 -29.51 21.44
C LEU D 161 48.16 -28.57 20.26
N LEU D 162 48.82 -28.76 19.09
CA LEU D 162 48.54 -28.02 17.86
C LEU D 162 47.25 -28.56 17.25
N HIS D 163 46.32 -27.66 16.97
CA HIS D 163 45.02 -27.99 16.40
C HIS D 163 45.03 -27.63 14.91
N SER D 164 44.11 -28.24 14.13
CA SER D 164 43.94 -27.95 12.71
C SER D 164 43.72 -26.45 12.44
N ASP D 165 43.15 -25.71 13.41
CA ASP D 165 42.94 -24.26 13.30
C ASP D 165 44.23 -23.41 13.41
N GLY D 166 45.37 -24.06 13.70
CA GLY D 166 46.66 -23.38 13.82
C GLY D 166 47.01 -22.82 15.18
N GLN D 167 46.16 -23.10 16.18
CA GLN D 167 46.43 -22.66 17.54
C GLN D 167 47.00 -23.84 18.30
N THR D 168 47.87 -23.55 19.26
CA THR D 168 48.45 -24.58 20.11
C THR D 168 47.90 -24.31 21.48
N TYR D 169 47.03 -25.19 21.97
CA TYR D 169 46.28 -24.98 23.19
C TYR D 169 47.02 -25.36 24.47
N MET D 170 48.03 -24.55 24.78
CA MET D 170 48.89 -24.67 25.93
C MET D 170 48.71 -23.44 26.82
N TYR D 171 48.45 -23.65 28.12
CA TYR D 171 48.20 -22.57 29.06
C TYR D 171 49.05 -22.71 30.32
N TRP D 172 49.34 -21.59 30.98
CA TRP D 172 50.07 -21.61 32.23
C TRP D 172 49.27 -20.83 33.29
N TYR D 173 49.00 -21.46 34.44
CA TYR D 173 48.27 -20.87 35.56
C TYR D 173 49.17 -20.73 36.77
N LEU D 174 48.89 -19.76 37.64
CA LEU D 174 49.61 -19.60 38.89
C LEU D 174 48.54 -19.58 39.98
N GLN D 175 48.72 -20.38 41.02
CA GLN D 175 47.82 -20.37 42.16
C GLN D 175 48.59 -19.89 43.36
N LYS D 176 48.36 -18.64 43.74
CA LYS D 176 49.02 -18.06 44.91
C LYS D 176 48.34 -18.60 46.18
N PRO D 177 49.06 -18.63 47.32
CA PRO D 177 48.45 -19.15 48.55
C PRO D 177 47.12 -18.49 48.93
N GLY D 178 46.14 -19.32 49.27
CA GLY D 178 44.82 -18.86 49.66
C GLY D 178 44.04 -18.21 48.54
N GLN D 179 44.41 -18.50 47.27
CA GLN D 179 43.79 -17.92 46.09
C GLN D 179 43.40 -18.98 45.05
N SER D 180 42.47 -18.62 44.17
CA SER D 180 42.06 -19.49 43.07
C SER D 180 43.15 -19.40 41.98
N PRO D 181 43.25 -20.41 41.09
CA PRO D 181 44.24 -20.33 40.00
C PRO D 181 43.99 -19.11 39.11
N GLN D 182 45.05 -18.50 38.59
CA GLN D 182 44.93 -17.33 37.72
C GLN D 182 45.71 -17.57 36.42
N LEU D 183 45.14 -17.22 35.27
CA LEU D 183 45.79 -17.42 33.98
C LEU D 183 46.94 -16.46 33.77
N LEU D 184 48.10 -16.98 33.40
CA LEU D 184 49.28 -16.16 33.12
C LEU D 184 49.55 -16.07 31.62
N ILE D 185 49.57 -17.23 30.95
CA ILE D 185 49.89 -17.30 29.53
C ILE D 185 48.88 -18.19 28.80
N SER D 186 48.37 -17.68 27.68
CA SER D 186 47.40 -18.36 26.82
C SER D 186 48.03 -18.78 25.50
N GLU D 187 47.59 -19.92 24.96
CA GLU D 187 48.03 -20.45 23.67
C GLU D 187 49.55 -20.34 23.43
N VAL D 188 50.35 -20.97 24.32
CA VAL D 188 51.82 -21.07 24.31
C VAL D 188 52.52 -19.81 24.84
N SER D 189 52.30 -18.63 24.24
CA SER D 189 53.09 -17.45 24.60
C SER D 189 52.39 -16.12 24.84
N SER D 190 51.05 -16.04 24.78
CA SER D 190 50.37 -14.75 24.96
C SER D 190 50.17 -14.43 26.42
N ARG D 191 50.79 -13.35 26.91
CA ARG D 191 50.61 -12.96 28.31
C ARG D 191 49.21 -12.43 28.56
N PHE D 192 48.59 -12.85 29.65
CA PHE D 192 47.27 -12.36 30.03
C PHE D 192 47.39 -10.89 30.49
N SER D 193 46.31 -10.11 30.41
CA SER D 193 46.35 -8.70 30.83
C SER D 193 46.74 -8.57 32.31
N GLY D 194 47.69 -7.68 32.57
CA GLY D 194 48.20 -7.47 33.92
C GLY D 194 49.43 -8.28 34.25
N VAL D 195 49.73 -9.34 33.45
CA VAL D 195 50.88 -10.20 33.68
C VAL D 195 52.17 -9.51 33.24
N PRO D 196 53.12 -9.30 34.17
CA PRO D 196 54.37 -8.59 33.81
C PRO D 196 55.23 -9.30 32.76
N ASP D 197 56.05 -8.54 32.03
CA ASP D 197 56.92 -9.05 30.96
C ASP D 197 57.97 -10.07 31.42
N ARG D 198 58.19 -10.21 32.75
CA ARG D 198 59.11 -11.23 33.29
C ARG D 198 58.64 -12.64 32.91
N PHE D 199 57.32 -12.85 32.81
CA PHE D 199 56.75 -14.14 32.43
C PHE D 199 56.74 -14.27 30.92
N SER D 200 57.16 -15.42 30.41
CA SER D 200 57.18 -15.70 28.97
C SER D 200 56.99 -17.19 28.72
N GLY D 201 56.29 -17.49 27.64
CA GLY D 201 56.02 -18.86 27.28
C GLY D 201 56.61 -19.20 25.92
N SER D 202 57.00 -20.44 25.74
CA SER D 202 57.56 -20.90 24.48
C SER D 202 57.28 -22.40 24.30
N GLY D 203 57.53 -22.90 23.10
CA GLY D 203 57.30 -24.30 22.80
C GLY D 203 56.39 -24.54 21.62
N SER D 204 56.23 -25.80 21.25
CA SER D 204 55.40 -26.25 20.12
C SER D 204 55.20 -27.75 20.22
N GLY D 205 54.12 -28.24 19.61
CA GLY D 205 53.80 -29.66 19.59
C GLY D 205 53.61 -30.28 20.96
N THR D 206 54.65 -30.95 21.47
CA THR D 206 54.54 -31.64 22.76
C THR D 206 55.42 -31.07 23.87
N THR D 207 56.27 -30.06 23.59
CA THR D 207 57.15 -29.52 24.65
C THR D 207 57.02 -28.05 24.80
N PHE D 208 56.83 -27.58 26.05
CA PHE D 208 56.55 -26.18 26.38
C PHE D 208 57.32 -25.71 27.60
N THR D 209 57.62 -24.40 27.67
CA THR D 209 58.40 -23.87 28.79
C THR D 209 57.87 -22.51 29.24
N LEU D 210 57.79 -22.30 30.56
CA LEU D 210 57.43 -21.05 31.19
C LEU D 210 58.71 -20.50 31.82
N LYS D 211 59.05 -19.24 31.56
CA LYS D 211 60.24 -18.63 32.13
C LYS D 211 59.90 -17.36 32.90
N ILE D 212 60.61 -17.12 34.00
CA ILE D 212 60.45 -15.88 34.77
C ILE D 212 61.86 -15.29 34.78
N SER D 213 62.08 -14.14 34.14
CA SER D 213 63.43 -13.58 34.05
C SER D 213 64.02 -13.21 35.43
N ARG D 214 63.22 -12.63 36.32
CA ARG D 214 63.63 -12.28 37.67
C ARG D 214 62.47 -12.70 38.57
N VAL D 215 62.72 -13.58 39.55
CA VAL D 215 61.66 -14.02 40.45
C VAL D 215 61.37 -12.93 41.54
N GLU D 216 60.09 -12.51 41.68
CA GLU D 216 59.67 -11.53 42.68
C GLU D 216 58.87 -12.24 43.78
N ALA D 217 58.69 -11.57 44.95
CA ALA D 217 57.95 -12.12 46.08
C ALA D 217 56.50 -12.50 45.75
N GLU D 218 55.89 -11.75 44.82
CA GLU D 218 54.52 -11.95 44.34
C GLU D 218 54.35 -13.20 43.46
N ASP D 219 55.47 -13.77 42.96
CA ASP D 219 55.51 -14.96 42.10
C ASP D 219 55.39 -16.30 42.83
N VAL D 220 55.45 -16.28 44.15
CA VAL D 220 55.32 -17.48 44.97
C VAL D 220 53.93 -18.15 44.85
N GLY D 221 53.93 -19.47 44.71
CA GLY D 221 52.72 -20.26 44.60
C GLY D 221 52.94 -21.52 43.80
N VAL D 222 51.86 -22.12 43.27
CA VAL D 222 51.99 -23.32 42.45
C VAL D 222 51.60 -23.03 41.00
N TYR D 223 52.52 -23.31 40.09
CA TYR D 223 52.31 -23.12 38.68
C TYR D 223 51.76 -24.39 38.06
N TYR D 224 50.80 -24.29 37.11
CA TYR D 224 50.23 -25.47 36.45
C TYR D 224 50.17 -25.38 34.92
N CYS D 225 50.35 -26.54 34.24
CA CYS D 225 50.17 -26.72 32.80
C CYS D 225 48.71 -26.81 32.65
N MET D 226 48.17 -26.31 31.54
CA MET D 226 46.81 -26.64 31.17
C MET D 226 46.75 -26.84 29.67
N GLN D 227 46.10 -27.92 29.29
CA GLN D 227 45.95 -28.30 27.91
C GLN D 227 44.47 -28.14 27.51
N ALA D 228 44.19 -27.49 26.35
CA ALA D 228 42.81 -27.38 25.85
C ALA D 228 42.68 -27.92 24.41
N LYS D 229 43.60 -28.80 23.96
CA LYS D 229 43.53 -29.42 22.63
C LYS D 229 42.37 -30.43 22.65
N ASP D 230 42.31 -31.25 23.69
CA ASP D 230 41.23 -32.16 24.04
C ASP D 230 40.82 -31.70 25.46
N PRO D 231 40.00 -30.62 25.56
CA PRO D 231 39.68 -30.04 26.87
C PRO D 231 39.12 -31.03 27.90
N TYR D 232 39.66 -31.05 29.12
CA TYR D 232 40.82 -30.29 29.64
C TYR D 232 41.71 -31.22 30.48
N SER D 233 43.02 -30.90 30.59
CA SER D 233 44.02 -31.69 31.32
C SER D 233 45.02 -30.74 31.99
N PHE D 234 45.60 -31.16 33.13
CA PHE D 234 46.54 -30.31 33.83
C PHE D 234 47.81 -31.06 34.26
N GLY D 235 48.87 -30.30 34.47
CA GLY D 235 50.11 -30.84 35.01
C GLY D 235 50.00 -30.96 36.52
N GLN D 236 50.92 -31.73 37.13
CA GLN D 236 50.96 -31.99 38.58
C GLN D 236 51.20 -30.72 39.42
N GLY D 237 51.90 -29.76 38.84
CA GLY D 237 52.23 -28.52 39.53
C GLY D 237 53.69 -28.32 39.84
N THR D 238 54.12 -27.06 39.92
CA THR D 238 55.49 -26.70 40.27
C THR D 238 55.39 -25.67 41.36
N LYS D 239 55.71 -26.07 42.60
CA LYS D 239 55.66 -25.17 43.75
C LYS D 239 56.90 -24.28 43.70
N LEU D 240 56.71 -22.96 43.62
CA LEU D 240 57.83 -22.03 43.59
C LEU D 240 57.87 -21.27 44.92
N GLU D 241 59.03 -21.32 45.58
CA GLU D 241 59.21 -20.57 46.81
C GLU D 241 60.50 -19.75 46.76
N ILE D 242 60.59 -18.72 47.61
CA ILE D 242 61.79 -17.89 47.64
C ILE D 242 62.69 -18.30 48.82
N LYS D 243 63.98 -18.53 48.51
CA LYS D 243 65.00 -18.92 49.49
C LYS D 243 65.39 -17.73 50.40
N ASN E 17 -6.00 -11.02 2.36
CA ASN E 17 -7.34 -11.18 1.77
C ASN E 17 -7.28 -11.19 0.22
N ILE E 18 -7.64 -12.35 -0.35
CA ILE E 18 -7.60 -12.67 -1.79
C ILE E 18 -8.54 -11.86 -2.67
N ALA E 19 -9.45 -11.06 -2.10
CA ALA E 19 -10.36 -10.23 -2.90
C ALA E 19 -9.61 -9.12 -3.65
N ASN E 20 -8.48 -8.63 -3.08
CA ASN E 20 -7.66 -7.59 -3.70
C ASN E 20 -6.51 -8.15 -4.56
N SER E 21 -6.37 -9.49 -4.66
CA SER E 21 -5.28 -10.09 -5.43
C SER E 21 -5.76 -11.09 -6.50
N ILE E 22 -6.75 -10.68 -7.29
CA ILE E 22 -7.30 -11.49 -8.37
C ILE E 22 -7.11 -10.79 -9.71
N ASP E 23 -6.44 -11.46 -10.66
CA ASP E 23 -6.30 -10.92 -12.01
C ASP E 23 -7.41 -11.49 -12.90
N ILE E 24 -7.94 -10.68 -13.82
CA ILE E 24 -8.98 -11.13 -14.73
C ILE E 24 -8.43 -11.12 -16.14
N LEU E 25 -8.58 -12.23 -16.86
CA LEU E 25 -8.03 -12.38 -18.20
C LEU E 25 -9.15 -12.61 -19.23
N GLN E 26 -8.98 -12.06 -20.44
CA GLN E 26 -9.90 -12.21 -21.57
C GLN E 26 -9.02 -12.32 -22.81
N GLU E 27 -8.32 -13.45 -22.96
CA GLU E 27 -7.35 -13.66 -24.02
C GLU E 27 -7.98 -13.65 -25.42
N LYS E 28 -9.18 -14.21 -25.52
CA LYS E 28 -9.98 -14.21 -26.74
C LYS E 28 -11.36 -13.58 -26.41
N GLU E 29 -11.99 -12.96 -27.42
CA GLU E 29 -13.31 -12.35 -27.23
C GLU E 29 -14.32 -13.43 -26.86
N GLY E 30 -15.16 -13.12 -25.89
CA GLY E 30 -16.14 -14.07 -25.37
C GLY E 30 -15.61 -15.04 -24.32
N HIS E 31 -14.36 -14.83 -23.88
CA HIS E 31 -13.72 -15.69 -22.88
C HIS E 31 -13.28 -14.92 -21.66
N LEU E 32 -13.35 -15.54 -20.50
CA LEU E 32 -12.98 -14.88 -19.24
C LEU E 32 -12.40 -15.94 -18.34
N ASP E 33 -11.27 -15.61 -17.70
CA ASP E 33 -10.65 -16.47 -16.72
C ASP E 33 -10.16 -15.60 -15.57
N PHE E 34 -9.95 -16.20 -14.40
CA PHE E 34 -9.43 -15.45 -13.25
C PHE E 34 -8.26 -16.19 -12.61
N VAL E 35 -7.35 -15.46 -11.99
CA VAL E 35 -6.22 -16.04 -11.29
C VAL E 35 -6.16 -15.41 -9.94
N ILE E 36 -6.29 -16.23 -8.89
CA ILE E 36 -6.12 -15.79 -7.52
C ILE E 36 -4.60 -15.90 -7.36
N ILE E 37 -3.91 -14.76 -7.52
CA ILE E 37 -2.46 -14.64 -7.48
C ILE E 37 -1.79 -15.30 -6.27
N PRO E 38 -2.25 -15.12 -4.99
CA PRO E 38 -1.56 -15.82 -3.88
C PRO E 38 -1.63 -17.35 -3.98
N HIS E 39 -2.70 -17.90 -4.58
CA HIS E 39 -2.82 -19.35 -4.73
C HIS E 39 -1.91 -19.86 -5.85
N TYR E 40 -1.76 -19.07 -6.93
CA TYR E 40 -0.92 -19.46 -8.05
C TYR E 40 0.54 -19.55 -7.59
N THR E 41 1.00 -18.54 -6.85
CA THR E 41 2.36 -18.46 -6.31
C THR E 41 2.63 -19.61 -5.31
N PHE E 42 1.67 -19.86 -4.41
CA PHE E 42 1.75 -20.91 -3.38
C PHE E 42 1.84 -22.31 -4.01
N LEU E 43 0.99 -22.60 -5.01
CA LEU E 43 1.01 -23.91 -5.66
C LEU E 43 2.29 -24.12 -6.46
N ASP E 44 2.78 -23.05 -7.09
CA ASP E 44 4.01 -23.11 -7.85
C ASP E 44 5.24 -23.33 -6.93
N TYR E 45 5.23 -22.71 -5.76
CA TYR E 45 6.28 -22.83 -4.76
C TYR E 45 6.45 -24.29 -4.33
N TYR E 46 5.34 -24.96 -3.96
CA TYR E 46 5.41 -26.34 -3.53
C TYR E 46 5.66 -27.33 -4.67
N LYS E 47 5.49 -26.91 -5.93
CA LYS E 47 5.80 -27.73 -7.09
C LYS E 47 7.35 -27.73 -7.23
N HIS E 48 7.98 -26.54 -7.15
CA HIS E 48 9.42 -26.43 -7.23
C HIS E 48 10.11 -27.11 -6.02
N LEU E 49 9.48 -27.03 -4.84
CA LEU E 49 10.00 -27.68 -3.63
C LEU E 49 10.02 -29.22 -3.82
N SER E 50 8.92 -29.79 -4.40
CA SER E 50 8.79 -31.23 -4.64
C SER E 50 9.89 -31.76 -5.58
N TYR E 51 10.16 -31.06 -6.70
CA TYR E 51 11.16 -31.48 -7.66
C TYR E 51 12.57 -31.34 -7.14
N ASN E 52 12.89 -30.23 -6.45
CA ASN E 52 14.20 -30.03 -5.83
C ASN E 52 14.50 -31.14 -4.77
N SER E 53 13.45 -31.60 -4.08
CA SER E 53 13.52 -32.63 -3.06
C SER E 53 13.76 -34.05 -3.59
N ILE E 54 13.16 -34.42 -4.74
CA ILE E 54 13.35 -35.76 -5.28
C ILE E 54 14.57 -35.88 -6.21
N TYR E 55 14.98 -34.76 -6.84
CA TYR E 55 16.14 -34.79 -7.74
C TYR E 55 17.47 -34.69 -6.99
N HIS E 56 17.45 -34.68 -5.64
CA HIS E 56 18.68 -34.59 -4.84
C HIS E 56 19.46 -35.92 -4.91
N LYS E 57 18.75 -37.03 -4.92
CA LYS E 57 19.39 -38.35 -4.95
C LYS E 57 18.87 -39.20 -6.11
N SER E 58 19.75 -40.09 -6.65
CA SER E 58 19.42 -41.00 -7.75
C SER E 58 18.37 -42.02 -7.33
N SER E 59 18.38 -42.44 -6.06
CA SER E 59 17.40 -43.38 -5.51
C SER E 59 15.98 -42.80 -5.43
N THR E 60 15.84 -41.45 -5.44
CA THR E 60 14.53 -40.77 -5.39
C THR E 60 14.14 -40.08 -6.71
N TYR E 61 15.07 -39.98 -7.69
CA TYR E 61 14.84 -39.31 -8.98
C TYR E 61 13.61 -39.87 -9.72
N GLY E 62 13.44 -41.18 -9.64
CA GLY E 62 12.34 -41.89 -10.29
C GLY E 62 10.96 -41.56 -9.76
N LYS E 63 10.87 -40.90 -8.61
CA LYS E 63 9.57 -40.51 -8.05
C LYS E 63 8.89 -39.37 -8.85
N TYR E 64 9.56 -38.82 -9.91
CA TYR E 64 9.01 -37.75 -10.75
C TYR E 64 7.70 -38.17 -11.42
N ILE E 65 7.53 -39.46 -11.73
CA ILE E 65 6.29 -39.97 -12.33
C ILE E 65 5.13 -39.73 -11.36
N ALA E 66 5.34 -40.02 -10.07
CA ALA E 66 4.33 -39.85 -9.03
C ALA E 66 4.10 -38.37 -8.66
N VAL E 67 5.16 -37.54 -8.73
CA VAL E 67 5.05 -36.11 -8.45
C VAL E 67 4.22 -35.44 -9.55
N ASP E 68 4.54 -35.72 -10.84
CA ASP E 68 3.82 -35.21 -12.01
C ASP E 68 2.34 -35.57 -11.91
N ALA E 69 2.03 -36.79 -11.49
CA ALA E 69 0.67 -37.27 -11.37
C ALA E 69 -0.08 -36.64 -10.19
N PHE E 70 0.65 -36.32 -9.11
CA PHE E 70 0.02 -35.67 -7.95
C PHE E 70 -0.27 -34.21 -8.29
N ILE E 71 0.68 -33.50 -8.92
CA ILE E 71 0.51 -32.11 -9.31
C ILE E 71 -0.65 -31.97 -10.30
N LYS E 72 -0.75 -32.90 -11.25
CA LYS E 72 -1.84 -32.92 -12.23
C LYS E 72 -3.18 -33.05 -11.55
N LYS E 73 -3.25 -33.91 -10.52
CA LYS E 73 -4.45 -34.19 -9.73
C LYS E 73 -4.85 -32.95 -8.89
N ILE E 74 -3.86 -32.19 -8.40
CA ILE E 74 -4.08 -30.97 -7.62
C ILE E 74 -4.61 -29.85 -8.53
N ASN E 75 -4.08 -29.76 -9.76
CA ASN E 75 -4.50 -28.76 -10.75
C ASN E 75 -5.94 -28.99 -11.17
N GLU E 76 -6.33 -30.26 -11.40
CA GLU E 76 -7.68 -30.62 -11.78
C GLU E 76 -8.67 -30.33 -10.67
N ALA E 77 -8.26 -30.55 -9.41
CA ALA E 77 -9.10 -30.28 -8.25
C ALA E 77 -9.30 -28.77 -8.10
N TYR E 78 -8.24 -27.98 -8.29
CA TYR E 78 -8.33 -26.53 -8.22
C TYR E 78 -9.29 -26.00 -9.31
N ASP E 79 -9.17 -26.53 -10.55
CA ASP E 79 -10.03 -26.15 -11.67
C ASP E 79 -11.49 -26.56 -11.46
N LYS E 80 -11.72 -27.65 -10.69
CA LYS E 80 -13.05 -28.11 -10.36
C LYS E 80 -13.73 -27.12 -9.41
N VAL E 81 -12.96 -26.50 -8.47
CA VAL E 81 -13.51 -25.49 -7.58
C VAL E 81 -13.76 -24.18 -8.37
N LYS E 82 -12.84 -23.84 -9.32
CA LYS E 82 -13.01 -22.66 -10.18
C LYS E 82 -14.29 -22.78 -11.01
N SER E 83 -14.61 -23.99 -11.50
CA SER E 83 -15.81 -24.27 -12.30
C SER E 83 -17.14 -23.99 -11.55
N LYS E 84 -17.09 -23.87 -10.21
CA LYS E 84 -18.27 -23.55 -9.43
C LYS E 84 -18.74 -22.10 -9.68
N CYS E 85 -17.85 -21.23 -10.14
CA CYS E 85 -18.14 -19.83 -10.47
C CYS E 85 -18.40 -19.62 -11.98
N ASN E 86 -18.66 -20.70 -12.73
CA ASN E 86 -18.83 -20.61 -14.18
C ASN E 86 -20.10 -19.87 -14.63
N ASP E 87 -21.25 -20.03 -13.96
CA ASP E 87 -22.47 -19.32 -14.35
C ASP E 87 -22.32 -17.81 -14.14
N ILE E 88 -21.77 -17.41 -12.98
CA ILE E 88 -21.51 -16.01 -12.64
C ILE E 88 -20.48 -15.39 -13.59
N LYS E 89 -19.44 -16.17 -13.97
CA LYS E 89 -18.39 -15.76 -14.90
C LYS E 89 -18.99 -15.52 -16.28
N ASN E 90 -19.86 -16.43 -16.73
CA ASN E 90 -20.52 -16.31 -18.04
C ASN E 90 -21.47 -15.13 -18.10
N ASP E 91 -22.11 -14.82 -16.97
CA ASP E 91 -23.00 -13.68 -16.82
C ASP E 91 -22.22 -12.36 -16.98
N LEU E 92 -21.02 -12.30 -16.42
CA LEU E 92 -20.14 -11.14 -16.54
C LEU E 92 -19.65 -10.97 -17.98
N ILE E 93 -19.33 -12.08 -18.70
CA ILE E 93 -18.91 -12.07 -20.11
C ILE E 93 -20.00 -11.43 -20.96
N ALA E 94 -21.26 -11.84 -20.78
CA ALA E 94 -22.41 -11.29 -21.51
C ALA E 94 -22.55 -9.78 -21.30
N THR E 95 -22.24 -9.28 -20.10
CA THR E 95 -22.34 -7.86 -19.82
C THR E 95 -21.23 -7.09 -20.53
N ILE E 96 -19.99 -7.62 -20.49
CA ILE E 96 -18.81 -7.04 -21.16
C ILE E 96 -19.06 -6.96 -22.65
N LYS E 97 -19.63 -8.03 -23.23
CA LYS E 97 -19.94 -8.14 -24.65
C LYS E 97 -20.98 -7.09 -25.06
N LYS E 98 -21.99 -6.84 -24.20
CA LYS E 98 -23.01 -5.83 -24.46
C LYS E 98 -22.41 -4.41 -24.35
N LEU E 99 -21.56 -4.18 -23.34
CA LEU E 99 -20.87 -2.90 -23.16
C LEU E 99 -19.83 -2.58 -24.25
N GLU E 100 -19.37 -3.60 -24.96
CA GLU E 100 -18.38 -3.42 -26.01
C GLU E 100 -18.98 -3.38 -27.40
N HIS E 101 -20.22 -3.88 -27.59
CA HIS E 101 -20.88 -3.89 -28.88
C HIS E 101 -22.06 -2.92 -28.88
N PRO E 102 -21.82 -1.66 -29.27
CA PRO E 102 -22.90 -0.68 -29.27
C PRO E 102 -23.80 -0.83 -30.50
N PHE E 112 -26.58 3.52 -20.78
CA PHE E 112 -25.22 3.05 -20.55
C PHE E 112 -24.89 2.97 -19.07
N LYS E 113 -25.44 3.87 -18.24
CA LYS E 113 -25.20 3.86 -16.80
C LYS E 113 -25.72 2.55 -16.20
N LYS E 114 -26.86 2.02 -16.70
CA LYS E 114 -27.44 0.77 -16.25
C LYS E 114 -26.48 -0.39 -16.51
N MET E 115 -25.86 -0.39 -17.70
CA MET E 115 -24.90 -1.38 -18.15
C MET E 115 -23.60 -1.31 -17.34
N MET E 116 -23.14 -0.09 -17.03
CA MET E 116 -21.93 0.11 -16.24
C MET E 116 -22.17 -0.33 -14.76
N ASP E 117 -23.40 -0.11 -14.26
CA ASP E 117 -23.81 -0.55 -12.91
C ASP E 117 -23.82 -2.09 -12.90
N GLU E 118 -24.39 -2.69 -13.95
CA GLU E 118 -24.53 -4.12 -14.21
C GLU E 118 -23.16 -4.81 -14.22
N TYR E 119 -22.16 -4.17 -14.85
CA TYR E 119 -20.80 -4.69 -14.97
C TYR E 119 -20.12 -4.71 -13.59
N ASN E 120 -20.30 -3.63 -12.82
CA ASN E 120 -19.68 -3.52 -11.52
C ASN E 120 -20.26 -4.51 -10.51
N THR E 121 -21.58 -4.77 -10.57
CA THR E 121 -22.17 -5.72 -9.63
C THR E 121 -21.94 -7.17 -10.09
N LYS E 122 -21.75 -7.43 -11.41
CA LYS E 122 -21.45 -8.79 -11.87
C LYS E 122 -19.99 -9.18 -11.61
N LYS E 123 -19.08 -8.19 -11.63
CA LYS E 123 -17.67 -8.38 -11.29
C LYS E 123 -17.54 -8.62 -9.79
N LYS E 124 -18.32 -7.90 -8.96
CA LYS E 124 -18.33 -8.07 -7.50
C LYS E 124 -18.85 -9.47 -7.13
N LYS E 125 -19.84 -9.96 -7.88
CA LYS E 125 -20.42 -11.29 -7.72
C LYS E 125 -19.39 -12.41 -8.00
N LEU E 126 -18.48 -12.19 -8.98
CA LEU E 126 -17.44 -13.15 -9.31
C LEU E 126 -16.45 -13.23 -8.16
N ILE E 127 -16.05 -12.06 -7.63
CA ILE E 127 -15.14 -12.01 -6.48
C ILE E 127 -15.83 -12.62 -5.25
N LYS E 128 -17.14 -12.46 -5.08
CA LYS E 128 -17.88 -13.05 -3.96
C LYS E 128 -17.94 -14.57 -4.08
N CYS E 129 -18.18 -15.10 -5.30
CA CYS E 129 -18.23 -16.55 -5.55
C CYS E 129 -16.86 -17.18 -5.21
N ILE E 130 -15.76 -16.49 -5.56
CA ILE E 130 -14.40 -16.92 -5.23
C ILE E 130 -14.24 -17.00 -3.72
N LYS E 131 -14.58 -15.92 -3.00
CA LYS E 131 -14.51 -15.83 -1.53
C LYS E 131 -15.39 -16.89 -0.84
N ASN E 132 -16.52 -17.23 -1.44
CA ASN E 132 -17.47 -18.24 -0.95
C ASN E 132 -16.89 -19.64 -0.96
N HIS E 133 -15.98 -19.91 -1.90
CA HIS E 133 -15.32 -21.20 -2.03
C HIS E 133 -13.85 -21.15 -1.57
N GLU E 134 -13.44 -20.13 -0.78
CA GLU E 134 -12.07 -19.96 -0.33
C GLU E 134 -11.49 -21.17 0.38
N ASN E 135 -12.24 -21.78 1.31
CA ASN E 135 -11.78 -22.96 2.02
C ASN E 135 -11.59 -24.19 1.13
N ASP E 136 -12.35 -24.27 0.02
CA ASP E 136 -12.23 -25.35 -0.95
C ASP E 136 -10.86 -25.23 -1.64
N PHE E 137 -10.45 -23.99 -2.00
CA PHE E 137 -9.17 -23.69 -2.61
C PHE E 137 -8.06 -23.93 -1.60
N ASN E 138 -8.25 -23.45 -0.35
CA ASN E 138 -7.31 -23.61 0.76
C ASN E 138 -7.04 -25.08 1.04
N LYS E 139 -8.06 -25.93 0.98
CA LYS E 139 -7.91 -27.37 1.20
C LYS E 139 -6.98 -27.97 0.13
N ILE E 140 -7.13 -27.55 -1.13
CA ILE E 140 -6.29 -28.03 -2.23
C ILE E 140 -4.85 -27.48 -2.12
N CYS E 141 -4.71 -26.21 -1.71
CA CYS E 141 -3.41 -25.58 -1.50
C CYS E 141 -2.65 -26.29 -0.38
N MET E 142 -3.37 -26.69 0.67
CA MET E 142 -2.78 -27.39 1.79
C MET E 142 -2.38 -28.83 1.47
N ASP E 143 -3.09 -29.48 0.54
CA ASP E 143 -2.71 -30.82 0.10
C ASP E 143 -1.35 -30.75 -0.63
N MET E 144 -1.17 -29.73 -1.48
CA MET E 144 0.07 -29.48 -2.21
C MET E 144 1.22 -29.13 -1.26
N LYS E 145 0.94 -28.30 -0.24
CA LYS E 145 1.94 -27.93 0.76
C LYS E 145 2.37 -29.18 1.54
N ASN E 146 1.42 -29.99 2.01
CA ASN E 146 1.74 -31.19 2.78
C ASN E 146 2.56 -32.20 1.98
N TYR E 147 2.31 -32.28 0.67
CA TYR E 147 3.04 -33.16 -0.24
C TYR E 147 4.49 -32.66 -0.48
N GLY E 148 4.65 -31.38 -0.77
CA GLY E 148 5.95 -30.77 -1.02
C GLY E 148 6.80 -30.72 0.23
N THR E 149 6.18 -30.50 1.39
CA THR E 149 6.85 -30.46 2.70
C THR E 149 7.28 -31.86 3.12
N ASN E 150 6.49 -32.90 2.81
CA ASN E 150 6.88 -34.27 3.15
C ASN E 150 8.14 -34.69 2.37
N LEU E 151 8.21 -34.35 1.07
CA LEU E 151 9.38 -34.68 0.27
C LEU E 151 10.59 -33.87 0.77
N PHE E 152 10.38 -32.60 1.11
CA PHE E 152 11.42 -31.72 1.62
C PHE E 152 12.00 -32.22 2.94
N GLU E 153 11.14 -32.80 3.79
CA GLU E 153 11.56 -33.34 5.08
C GLU E 153 12.31 -34.67 4.94
N GLN E 154 12.04 -35.43 3.87
CA GLN E 154 12.69 -36.68 3.56
C GLN E 154 14.07 -36.50 2.87
N LEU E 155 14.47 -35.25 2.56
CA LEU E 155 15.76 -34.87 1.97
C LEU E 155 16.84 -35.33 2.95
N SER E 156 17.81 -36.13 2.47
CA SER E 156 18.90 -36.55 3.34
C SER E 156 20.22 -36.56 2.64
N CYS E 157 21.25 -36.25 3.41
CA CYS E 157 22.63 -36.25 2.96
C CYS E 157 23.37 -37.37 3.70
N TYR E 158 24.33 -38.04 3.05
CA TYR E 158 25.17 -39.04 3.69
C TYR E 158 26.01 -38.34 4.78
N ASN E 159 26.57 -37.16 4.46
CA ASN E 159 27.33 -36.34 5.37
C ASN E 159 26.65 -34.95 5.30
N ASN E 160 25.98 -34.54 6.38
CA ASN E 160 25.26 -33.26 6.39
C ASN E 160 26.19 -32.04 6.40
N ASN E 161 27.48 -32.22 6.16
CA ASN E 161 28.46 -31.16 5.97
C ASN E 161 28.79 -31.00 4.44
N PHE E 162 28.49 -32.03 3.62
CA PHE E 162 28.75 -32.07 2.18
C PHE E 162 27.53 -32.59 1.41
N CYS E 163 26.46 -31.79 1.43
CA CYS E 163 25.22 -32.07 0.72
C CYS E 163 25.42 -31.62 -0.72
N ASN E 164 25.06 -32.44 -1.69
CA ASN E 164 25.23 -32.07 -3.10
C ASN E 164 24.09 -31.14 -3.62
N THR E 165 24.35 -30.39 -4.70
CA THR E 165 23.34 -29.52 -5.31
C THR E 165 22.90 -30.00 -6.70
N ASN E 166 23.01 -31.30 -6.97
CA ASN E 166 22.62 -31.83 -8.28
C ASN E 166 21.15 -31.52 -8.63
N GLY E 167 20.23 -31.60 -7.66
CA GLY E 167 18.80 -31.32 -7.88
C GLY E 167 18.51 -29.85 -8.11
N ILE E 168 19.33 -28.92 -7.51
CA ILE E 168 19.09 -27.50 -7.80
C ILE E 168 19.33 -27.23 -9.33
N ARG E 169 20.30 -27.93 -9.95
CA ARG E 169 20.72 -27.82 -11.37
C ARG E 169 19.71 -28.69 -12.22
N TYR E 170 19.41 -29.90 -11.79
CA TYR E 170 18.41 -30.74 -12.58
C TYR E 170 17.13 -29.97 -12.81
N HIS E 171 16.36 -29.69 -11.75
CA HIS E 171 15.17 -28.85 -11.79
C HIS E 171 15.37 -27.49 -12.49
N TYR E 172 16.48 -26.71 -12.18
CA TYR E 172 16.60 -25.41 -12.88
C TYR E 172 16.68 -25.61 -14.40
N ASP E 173 17.54 -26.54 -14.88
CA ASP E 173 17.66 -26.83 -16.31
C ASP E 173 16.29 -27.29 -16.86
N GLU E 174 15.53 -28.02 -16.08
CA GLU E 174 14.25 -28.59 -16.61
C GLU E 174 13.04 -27.63 -16.66
N TYR E 175 12.83 -26.86 -15.59
CA TYR E 175 11.67 -26.00 -15.46
C TYR E 175 11.98 -24.51 -15.53
N ILE E 176 13.19 -24.06 -15.24
CA ILE E 176 13.45 -22.62 -15.16
C ILE E 176 14.25 -22.02 -16.34
N HIS E 177 15.38 -22.65 -16.70
CA HIS E 177 16.31 -22.12 -17.70
C HIS E 177 15.67 -21.61 -18.99
N LYS E 178 14.80 -22.48 -19.65
CA LYS E 178 14.15 -22.06 -20.87
C LYS E 178 13.37 -20.74 -20.67
N LEU E 179 12.54 -20.64 -19.59
CA LEU E 179 11.76 -19.42 -19.32
C LEU E 179 12.68 -18.21 -19.20
N ILE E 180 13.88 -18.36 -18.69
CA ILE E 180 14.81 -17.17 -18.56
C ILE E 180 15.32 -16.75 -19.94
N LEU E 181 15.48 -17.75 -20.88
CA LEU E 181 15.98 -17.65 -22.26
C LEU E 181 14.86 -16.93 -23.02
N SER E 182 13.58 -17.50 -23.01
CA SER E 182 12.46 -16.82 -23.65
C SER E 182 12.36 -15.31 -23.22
N VAL E 183 12.43 -15.11 -21.91
CA VAL E 183 12.25 -13.74 -21.34
C VAL E 183 13.32 -12.80 -21.90
N LYS E 184 14.61 -13.11 -21.78
CA LYS E 184 15.71 -12.18 -22.20
C LYS E 184 15.73 -12.09 -23.72
N SER E 185 15.05 -13.03 -24.40
CA SER E 185 14.98 -13.00 -25.89
C SER E 185 13.92 -11.99 -26.34
N LYS E 186 12.87 -11.82 -25.54
CA LYS E 186 11.79 -10.87 -25.88
C LYS E 186 12.24 -9.47 -25.43
N ASN E 187 11.43 -8.46 -25.70
CA ASN E 187 11.84 -7.09 -25.15
C ASN E 187 10.62 -6.56 -24.45
N LEU E 188 10.42 -6.90 -23.18
CA LEU E 188 9.19 -6.57 -22.43
C LEU E 188 9.02 -5.06 -22.15
N ASN E 189 10.11 -4.33 -22.08
CA ASN E 189 10.06 -2.88 -21.85
C ASN E 189 9.58 -2.15 -23.12
N LYS E 190 9.97 -2.64 -24.29
CA LYS E 190 9.52 -2.12 -25.58
C LYS E 190 8.05 -2.45 -25.78
N ASP E 191 7.59 -3.62 -25.28
CA ASP E 191 6.18 -4.01 -25.33
C ASP E 191 5.35 -2.98 -24.52
N LEU E 192 5.86 -2.55 -23.37
CA LEU E 192 5.19 -1.54 -22.55
C LEU E 192 5.07 -0.22 -23.33
N SER E 193 6.14 0.19 -24.04
CA SER E 193 6.19 1.42 -24.83
C SER E 193 5.20 1.35 -26.01
N ASP E 194 5.08 0.17 -26.63
CA ASP E 194 4.16 -0.02 -27.73
C ASP E 194 2.72 0.09 -27.23
N MET E 195 2.44 -0.44 -26.03
CA MET E 195 1.12 -0.36 -25.41
C MET E 195 0.76 1.08 -25.03
N THR E 196 1.73 1.88 -24.52
CA THR E 196 1.43 3.27 -24.16
C THR E 196 1.12 4.08 -25.42
N ASN E 197 1.78 3.76 -26.55
CA ASN E 197 1.55 4.44 -27.82
C ASN E 197 0.12 4.16 -28.28
N ILE E 198 -0.34 2.91 -28.18
CA ILE E 198 -1.71 2.54 -28.53
C ILE E 198 -2.73 3.27 -27.61
N LEU E 199 -2.48 3.29 -26.30
CA LEU E 199 -3.36 3.95 -25.35
C LEU E 199 -3.45 5.46 -25.64
N GLN E 200 -2.31 6.09 -25.99
CA GLN E 200 -2.25 7.53 -26.27
C GLN E 200 -3.04 7.88 -27.54
N GLN E 201 -3.02 6.98 -28.55
CA GLN E 201 -3.75 7.15 -29.80
C GLN E 201 -5.26 7.08 -29.55
N SER E 202 -5.71 6.22 -28.63
CA SER E 202 -7.11 6.10 -28.25
C SER E 202 -7.57 7.35 -27.54
N GLU E 203 -6.74 7.89 -26.63
CA GLU E 203 -7.05 9.11 -25.91
C GLU E 203 -7.11 10.31 -26.87
N LEU E 204 -6.25 10.34 -27.91
CA LEU E 204 -6.26 11.40 -28.92
C LEU E 204 -7.58 11.37 -29.72
N LEU E 205 -8.01 10.18 -30.10
CA LEU E 205 -9.24 9.92 -30.85
C LEU E 205 -10.46 10.33 -30.01
N LEU E 206 -10.53 9.94 -28.73
CA LEU E 206 -11.71 10.29 -27.91
C LEU E 206 -11.69 11.78 -27.49
N THR E 207 -10.50 12.38 -27.32
CA THR E 207 -10.37 13.80 -26.98
C THR E 207 -10.99 14.66 -28.09
N ASN E 208 -10.65 14.36 -29.35
CA ASN E 208 -11.16 15.09 -30.50
C ASN E 208 -12.58 14.67 -30.94
N LEU E 209 -13.19 13.70 -30.26
CA LEU E 209 -14.55 13.25 -30.54
C LEU E 209 -15.52 14.04 -29.64
N ASN E 210 -15.17 14.17 -28.34
CA ASN E 210 -15.94 14.92 -27.34
C ASN E 210 -16.08 16.39 -27.74
N TYR E 216 -22.53 10.42 -27.59
CA TYR E 216 -23.05 9.26 -28.31
C TYR E 216 -22.83 7.93 -27.55
N ILE E 217 -23.51 6.86 -28.02
CA ILE E 217 -23.40 5.52 -27.44
C ILE E 217 -22.02 4.91 -27.79
N TYR E 218 -21.46 5.27 -28.96
CA TYR E 218 -20.15 4.81 -29.37
C TYR E 218 -19.02 5.42 -28.53
N ILE E 219 -19.21 6.64 -28.03
CA ILE E 219 -18.21 7.32 -27.20
C ILE E 219 -18.11 6.68 -25.80
N ASP E 220 -19.25 6.19 -25.28
CA ASP E 220 -19.25 5.52 -23.97
C ASP E 220 -18.62 4.14 -24.08
N THR E 221 -18.82 3.44 -25.22
CA THR E 221 -18.23 2.11 -25.39
C THR E 221 -16.70 2.22 -25.54
N ILE E 222 -16.22 3.26 -26.25
CA ILE E 222 -14.79 3.55 -26.46
C ILE E 222 -14.13 3.91 -25.12
N LYS E 223 -14.82 4.66 -24.27
CA LYS E 223 -14.27 5.04 -22.96
C LYS E 223 -14.19 3.83 -22.02
N PHE E 224 -15.15 2.90 -22.13
CA PHE E 224 -15.15 1.68 -21.31
C PHE E 224 -14.01 0.77 -21.77
N ILE E 225 -13.84 0.56 -23.09
CA ILE E 225 -12.78 -0.28 -23.63
C ILE E 225 -11.41 0.33 -23.34
N HIS E 226 -11.28 1.66 -23.45
CA HIS E 226 -10.01 2.31 -23.14
C HIS E 226 -9.65 2.21 -21.64
N LYS E 227 -10.68 2.22 -20.77
CA LYS E 227 -10.48 2.10 -19.35
C LYS E 227 -10.04 0.68 -19.01
N GLU E 228 -10.62 -0.35 -19.67
CA GLU E 228 -10.21 -1.75 -19.46
C GLU E 228 -8.74 -1.90 -19.90
N MET E 229 -8.40 -1.39 -21.10
CA MET E 229 -7.05 -1.46 -21.65
C MET E 229 -6.00 -0.76 -20.77
N LYS E 230 -6.37 0.33 -20.10
CA LYS E 230 -5.44 1.05 -19.22
C LYS E 230 -5.21 0.26 -17.91
N HIS E 231 -6.25 -0.44 -17.41
CA HIS E 231 -6.15 -1.26 -16.22
C HIS E 231 -5.29 -2.49 -16.53
N ILE E 232 -5.52 -3.11 -17.72
CA ILE E 232 -4.77 -4.25 -18.21
C ILE E 232 -3.29 -3.84 -18.35
N PHE E 233 -3.04 -2.68 -18.95
CA PHE E 233 -1.69 -2.16 -19.09
C PHE E 233 -1.00 -1.97 -17.72
N ASN E 234 -1.72 -1.43 -16.73
CA ASN E 234 -1.16 -1.22 -15.40
C ASN E 234 -0.76 -2.55 -14.74
N ARG E 235 -1.52 -3.63 -14.99
CA ARG E 235 -1.20 -4.94 -14.46
C ARG E 235 0.01 -5.53 -15.25
N ILE E 236 0.10 -5.29 -16.58
CA ILE E 236 1.24 -5.73 -17.40
C ILE E 236 2.52 -5.04 -16.91
N GLU E 237 2.46 -3.76 -16.61
CA GLU E 237 3.59 -2.99 -16.11
C GLU E 237 4.05 -3.49 -14.72
N TYR E 238 3.08 -3.87 -13.88
CA TYR E 238 3.31 -4.40 -12.53
C TYR E 238 4.06 -5.75 -12.63
N HIS E 239 3.58 -6.67 -13.47
CA HIS E 239 4.17 -7.98 -13.66
C HIS E 239 5.51 -7.93 -14.41
N THR E 240 5.70 -6.96 -15.33
CA THR E 240 6.92 -6.74 -16.09
C THR E 240 8.05 -6.29 -15.17
N LYS E 241 7.74 -5.46 -14.17
CA LYS E 241 8.71 -5.00 -13.19
C LYS E 241 9.20 -6.22 -12.37
N ILE E 242 8.29 -7.13 -12.01
CA ILE E 242 8.61 -8.33 -11.27
C ILE E 242 9.45 -9.32 -12.09
N ILE E 243 9.11 -9.57 -13.35
CA ILE E 243 9.87 -10.47 -14.21
C ILE E 243 11.30 -9.94 -14.40
N ASN E 244 11.45 -8.63 -14.67
CA ASN E 244 12.78 -8.07 -14.91
C ASN E 244 13.65 -8.18 -13.67
N ASP E 245 13.05 -7.90 -12.48
CA ASP E 245 13.67 -7.99 -11.17
C ASP E 245 14.12 -9.44 -10.87
N LYS E 246 13.23 -10.44 -11.13
CA LYS E 246 13.48 -11.86 -10.83
C LYS E 246 14.21 -12.63 -11.93
N THR E 247 14.52 -11.99 -13.06
CA THR E 247 15.28 -12.68 -14.11
C THR E 247 16.76 -12.42 -13.71
N LYS E 248 17.10 -11.17 -13.32
CA LYS E 248 18.43 -10.87 -12.83
C LYS E 248 18.75 -11.77 -11.59
N ILE E 249 18.13 -11.48 -10.38
CA ILE E 249 18.17 -12.28 -9.14
C ILE E 249 18.19 -13.82 -9.41
N ILE E 250 17.33 -14.36 -10.31
CA ILE E 250 17.42 -15.83 -10.53
C ILE E 250 18.75 -16.21 -11.20
N GLN E 251 19.25 -15.38 -12.12
CA GLN E 251 20.50 -15.69 -12.79
C GLN E 251 21.65 -15.45 -11.76
N ASP E 252 21.61 -14.31 -11.02
CA ASP E 252 22.62 -14.05 -10.00
C ASP E 252 22.76 -15.26 -9.01
N LYS E 253 21.71 -15.49 -8.17
CA LYS E 253 21.61 -16.53 -7.14
C LYS E 253 21.85 -17.92 -7.66
N ILE E 254 21.42 -18.24 -8.86
CA ILE E 254 21.57 -19.67 -9.34
C ILE E 254 23.03 -20.15 -9.46
N LYS E 255 23.96 -19.18 -9.49
CA LYS E 255 25.33 -19.53 -9.67
C LYS E 255 25.94 -19.73 -8.34
N LEU E 256 25.59 -18.86 -7.34
CA LEU E 256 25.96 -18.99 -5.97
C LEU E 256 25.54 -20.31 -5.30
N ASN E 257 24.75 -21.24 -5.97
CA ASN E 257 24.21 -22.44 -5.33
C ASN E 257 24.27 -23.76 -6.18
N ILE E 258 25.20 -23.86 -7.15
CA ILE E 258 25.35 -25.06 -7.99
C ILE E 258 26.88 -25.38 -8.16
N TRP E 259 27.23 -26.62 -8.57
CA TRP E 259 28.66 -27.02 -8.69
C TRP E 259 29.47 -26.71 -7.40
N ARG E 260 28.80 -26.96 -6.28
CA ARG E 260 29.29 -26.79 -4.91
C ARG E 260 28.44 -27.66 -3.95
N THR E 261 28.87 -27.72 -2.69
CA THR E 261 28.19 -28.47 -1.64
C THR E 261 27.82 -27.53 -0.52
N PHE E 262 26.78 -27.92 0.25
CA PHE E 262 26.42 -27.13 1.43
C PHE E 262 26.24 -28.02 2.69
N GLN E 263 26.20 -27.38 3.87
CA GLN E 263 25.77 -28.06 5.09
C GLN E 263 24.20 -28.21 4.92
N LYS E 264 23.61 -29.30 5.43
CA LYS E 264 22.18 -29.57 5.29
C LYS E 264 21.26 -28.37 5.54
N ASP E 265 21.52 -27.61 6.63
CA ASP E 265 20.69 -26.43 6.95
C ASP E 265 20.79 -25.35 5.87
N GLU E 266 21.98 -25.16 5.31
CA GLU E 266 22.27 -24.19 4.25
C GLU E 266 21.65 -24.62 2.92
N LEU E 267 21.66 -25.90 2.64
CA LEU E 267 21.09 -26.47 1.42
C LEU E 267 19.55 -26.31 1.45
N LEU E 268 18.92 -26.61 2.60
CA LEU E 268 17.47 -26.52 2.75
C LEU E 268 17.00 -25.07 2.60
N LYS E 269 17.74 -24.11 3.18
CA LYS E 269 17.41 -22.70 3.08
C LYS E 269 17.53 -22.18 1.65
N ARG E 270 18.51 -22.65 0.89
CA ARG E 270 18.71 -22.23 -0.49
C ARG E 270 17.67 -22.87 -1.43
N ILE E 271 17.14 -24.05 -1.08
CA ILE E 271 16.06 -24.67 -1.85
C ILE E 271 14.75 -23.88 -1.64
N LEU E 272 14.50 -23.41 -0.40
CA LEU E 272 13.30 -22.61 -0.13
C LEU E 272 13.43 -21.26 -0.81
N ASP E 273 14.62 -20.66 -0.76
CA ASP E 273 14.91 -19.36 -1.36
C ASP E 273 14.69 -19.39 -2.89
N MET E 274 15.24 -20.42 -3.56
CA MET E 274 15.06 -20.58 -4.99
C MET E 274 13.62 -20.85 -5.31
N SER E 275 12.93 -21.73 -4.54
CA SER E 275 11.51 -22.02 -4.81
C SER E 275 10.62 -20.74 -4.73
N ASN E 276 11.00 -19.83 -3.85
CA ASN E 276 10.31 -18.57 -3.68
C ASN E 276 10.54 -17.65 -4.91
N GLU E 277 11.80 -17.48 -5.31
CA GLU E 277 12.25 -16.69 -6.46
C GLU E 277 11.56 -17.20 -7.74
N TYR E 278 11.53 -18.53 -7.94
CA TYR E 278 10.94 -19.12 -9.14
C TYR E 278 9.43 -18.89 -9.18
N SER E 279 8.77 -18.99 -8.00
CA SER E 279 7.33 -18.80 -7.74
C SER E 279 6.88 -17.43 -8.24
N LEU E 280 7.59 -16.41 -7.77
CA LEU E 280 7.32 -15.04 -8.04
C LEU E 280 7.54 -14.71 -9.52
N PHE E 281 8.60 -15.28 -10.09
CA PHE E 281 8.91 -15.12 -11.51
C PHE E 281 7.87 -15.80 -12.41
N ILE E 282 7.56 -17.08 -12.18
CA ILE E 282 6.63 -17.83 -13.01
C ILE E 282 5.21 -17.24 -12.95
N THR E 283 4.75 -16.79 -11.76
CA THR E 283 3.43 -16.18 -11.58
C THR E 283 3.27 -14.95 -12.48
N SER E 284 4.24 -14.02 -12.40
CA SER E 284 4.23 -12.80 -13.17
C SER E 284 4.41 -13.05 -14.66
N ASP E 285 5.26 -14.02 -15.03
CA ASP E 285 5.50 -14.37 -16.43
C ASP E 285 4.24 -14.89 -17.09
N HIS E 286 3.53 -15.80 -16.41
CA HIS E 286 2.29 -16.39 -16.88
C HIS E 286 1.18 -15.33 -16.99
N LEU E 287 1.05 -14.47 -15.97
CA LEU E 287 0.03 -13.44 -15.95
C LEU E 287 0.29 -12.34 -16.95
N ARG E 288 1.56 -11.94 -17.13
CA ARG E 288 1.91 -10.90 -18.08
C ARG E 288 1.58 -11.34 -19.51
N GLN E 289 1.77 -12.62 -19.84
CA GLN E 289 1.47 -13.12 -21.17
C GLN E 289 -0.04 -13.16 -21.38
N MET E 290 -0.79 -13.63 -20.38
CA MET E 290 -2.25 -13.67 -20.45
C MET E 290 -2.86 -12.25 -20.60
N LEU E 291 -2.27 -11.26 -19.93
CA LEU E 291 -2.72 -9.88 -19.95
C LEU E 291 -2.33 -9.18 -21.23
N TYR E 292 -1.18 -9.55 -21.81
CA TYR E 292 -0.68 -9.06 -23.10
C TYR E 292 -1.69 -9.48 -24.17
N ASN E 293 -2.16 -10.74 -24.13
CA ASN E 293 -3.13 -11.28 -25.07
C ASN E 293 -4.46 -10.56 -24.92
N THR E 294 -4.86 -10.29 -23.64
CA THR E 294 -6.10 -9.57 -23.32
C THR E 294 -6.03 -8.15 -23.92
N PHE E 295 -4.90 -7.45 -23.75
CA PHE E 295 -4.70 -6.10 -24.24
C PHE E 295 -4.93 -6.00 -25.77
N TYR E 296 -4.29 -6.91 -26.54
CA TYR E 296 -4.38 -6.90 -28.00
C TYR E 296 -5.71 -7.45 -28.52
N SER E 297 -6.40 -8.28 -27.75
CA SER E 297 -7.72 -8.74 -28.15
C SER E 297 -8.72 -7.56 -28.02
N LYS E 298 -8.59 -6.74 -26.95
CA LYS E 298 -9.44 -5.56 -26.77
C LYS E 298 -9.08 -4.45 -27.78
N GLU E 299 -7.78 -4.36 -28.14
CA GLU E 299 -7.29 -3.40 -29.13
C GLU E 299 -7.86 -3.74 -30.52
N LYS E 300 -7.98 -5.04 -30.85
CA LYS E 300 -8.54 -5.46 -32.13
C LYS E 300 -10.02 -5.08 -32.20
N HIS E 301 -10.75 -5.24 -31.09
CA HIS E 301 -12.16 -4.89 -31.04
C HIS E 301 -12.38 -3.37 -31.10
N LEU E 302 -11.51 -2.60 -30.43
CA LEU E 302 -11.55 -1.14 -30.42
C LEU E 302 -11.34 -0.60 -31.84
N ASN E 303 -10.39 -1.19 -32.60
CA ASN E 303 -10.09 -0.77 -33.96
C ASN E 303 -11.26 -1.00 -34.91
N ASN E 304 -12.09 -2.02 -34.65
CA ASN E 304 -13.30 -2.29 -35.43
C ASN E 304 -14.37 -1.22 -35.13
N ILE E 305 -14.45 -0.75 -33.86
CA ILE E 305 -15.37 0.31 -33.45
C ILE E 305 -14.94 1.63 -34.11
N PHE E 306 -13.62 1.90 -34.13
CA PHE E 306 -13.06 3.09 -34.79
C PHE E 306 -13.39 3.07 -36.27
N HIS E 307 -13.35 1.87 -36.89
CA HIS E 307 -13.67 1.68 -38.29
C HIS E 307 -15.14 1.97 -38.56
N HIS E 308 -16.06 1.39 -37.78
CA HIS E 308 -17.49 1.61 -37.93
C HIS E 308 -17.86 3.09 -37.70
N LEU E 309 -17.20 3.72 -36.72
CA LEU E 309 -17.40 5.11 -36.36
C LEU E 309 -16.95 6.06 -37.47
N ILE E 310 -15.79 5.79 -38.06
CA ILE E 310 -15.24 6.65 -39.10
C ILE E 310 -15.96 6.46 -40.45
N TYR E 311 -16.64 5.32 -40.66
CA TYR E 311 -17.41 5.11 -41.89
C TYR E 311 -18.89 5.59 -41.74
N VAL E 312 -19.48 5.56 -40.52
CA VAL E 312 -20.83 6.15 -40.31
C VAL E 312 -20.78 7.67 -40.03
N LEU E 313 -19.57 8.24 -39.83
CA LEU E 313 -19.43 9.67 -39.55
C LEU E 313 -19.02 10.40 -40.81
N VAL F 2 19.93 -32.66 -25.86
CA VAL F 2 20.40 -34.01 -25.52
C VAL F 2 21.41 -34.58 -26.56
N GLN F 3 21.61 -33.88 -27.71
CA GLN F 3 22.58 -34.36 -28.70
C GLN F 3 23.66 -33.30 -28.89
N LEU F 4 24.91 -33.71 -29.04
CA LEU F 4 26.02 -32.79 -29.27
C LEU F 4 26.57 -33.02 -30.67
N VAL F 5 26.75 -31.96 -31.45
CA VAL F 5 27.25 -32.07 -32.83
C VAL F 5 28.57 -31.30 -33.00
N GLN F 6 29.61 -32.01 -33.38
CA GLN F 6 30.94 -31.44 -33.54
C GLN F 6 31.29 -31.10 -34.99
N SER F 7 32.33 -30.27 -35.15
CA SER F 7 32.90 -29.89 -36.44
C SER F 7 33.62 -31.10 -37.13
N GLY F 8 33.99 -30.94 -38.39
CA GLY F 8 34.57 -32.01 -39.19
C GLY F 8 36.02 -32.34 -39.03
N ALA F 9 36.43 -33.42 -39.72
CA ALA F 9 37.78 -33.96 -39.69
C ALA F 9 38.83 -32.98 -40.15
N GLU F 10 40.03 -33.11 -39.59
CA GLU F 10 41.15 -32.25 -39.91
C GLU F 10 42.44 -33.06 -40.07
N VAL F 11 43.35 -32.53 -40.90
CA VAL F 11 44.72 -33.02 -41.09
C VAL F 11 45.57 -31.78 -40.92
N LYS F 12 46.41 -31.73 -39.90
CA LYS F 12 47.22 -30.55 -39.60
C LYS F 12 48.72 -30.85 -39.57
N LYS F 13 49.53 -29.83 -39.83
CA LYS F 13 50.99 -29.95 -39.76
C LYS F 13 51.43 -29.78 -38.29
N PRO F 14 52.60 -30.32 -37.90
CA PRO F 14 53.08 -30.09 -36.53
C PRO F 14 53.40 -28.60 -36.31
N GLY F 15 53.10 -28.09 -35.14
CA GLY F 15 53.30 -26.68 -34.82
C GLY F 15 52.09 -25.80 -35.07
N SER F 16 51.05 -26.35 -35.73
CA SER F 16 49.84 -25.59 -36.01
C SER F 16 48.79 -25.72 -34.85
N SER F 17 47.63 -25.09 -34.99
CA SER F 17 46.55 -25.14 -34.00
C SER F 17 45.33 -25.78 -34.62
N VAL F 18 44.45 -26.33 -33.79
CA VAL F 18 43.18 -26.86 -34.24
C VAL F 18 42.09 -26.42 -33.27
N LYS F 19 40.94 -25.96 -33.78
CA LYS F 19 39.83 -25.52 -32.94
C LYS F 19 38.60 -26.36 -33.26
N VAL F 20 38.13 -27.15 -32.29
CA VAL F 20 36.97 -28.01 -32.48
C VAL F 20 35.71 -27.42 -31.81
N SER F 21 34.56 -27.44 -32.51
CA SER F 21 33.31 -26.91 -31.97
C SER F 21 32.40 -28.03 -31.50
N CYS F 22 31.47 -27.70 -30.62
CA CYS F 22 30.52 -28.64 -30.03
C CYS F 22 29.19 -27.92 -29.81
N LYS F 23 28.19 -28.20 -30.63
CA LYS F 23 26.88 -27.54 -30.53
C LYS F 23 25.84 -28.39 -29.87
N ALA F 24 25.11 -27.80 -28.93
CA ALA F 24 24.01 -28.48 -28.28
C ALA F 24 22.78 -28.38 -29.22
N SER F 25 22.07 -29.49 -29.40
CA SER F 25 20.88 -29.53 -30.25
C SER F 25 19.79 -28.58 -29.76
N GLY F 26 19.65 -28.47 -28.45
CA GLY F 26 18.63 -27.62 -27.85
C GLY F 26 18.96 -26.14 -27.78
N GLY F 27 20.18 -25.77 -28.15
CA GLY F 27 20.57 -24.35 -28.15
C GLY F 27 21.30 -23.83 -26.93
N THR F 28 21.35 -24.60 -25.82
CA THR F 28 22.09 -24.19 -24.60
C THR F 28 22.71 -25.35 -23.86
N PHE F 29 23.70 -25.05 -23.01
CA PHE F 29 24.26 -26.02 -22.10
C PHE F 29 23.67 -25.83 -20.69
N SER F 30 22.51 -25.12 -20.55
CA SER F 30 21.79 -24.80 -19.31
C SER F 30 22.77 -24.54 -18.12
N SER F 31 22.75 -25.33 -17.03
CA SER F 31 23.67 -25.16 -15.93
C SER F 31 24.69 -26.32 -15.78
N TYR F 32 24.86 -27.14 -16.84
CA TYR F 32 25.72 -28.31 -16.77
C TYR F 32 27.12 -28.07 -17.40
N ALA F 33 27.96 -29.09 -17.35
CA ALA F 33 29.33 -28.99 -17.85
C ALA F 33 29.53 -29.76 -19.15
N ILE F 34 30.45 -29.26 -19.98
CA ILE F 34 30.88 -29.95 -21.20
C ILE F 34 32.36 -30.24 -21.01
N ASN F 35 32.75 -31.50 -21.21
CA ASN F 35 34.14 -31.89 -21.09
C ASN F 35 34.69 -32.37 -22.42
N TRP F 36 35.98 -32.20 -22.62
CA TRP F 36 36.69 -32.61 -23.82
C TRP F 36 37.59 -33.79 -23.50
N VAL F 37 37.40 -34.89 -24.26
CA VAL F 37 38.11 -36.14 -24.07
C VAL F 37 38.64 -36.60 -25.43
N ARG F 38 39.93 -36.97 -25.52
CA ARG F 38 40.50 -37.44 -26.76
C ARG F 38 40.89 -38.92 -26.66
N GLN F 39 41.05 -39.56 -27.81
CA GLN F 39 41.43 -40.96 -27.85
C GLN F 39 42.38 -41.22 -29.00
N ALA F 40 43.68 -41.39 -28.67
CA ALA F 40 44.77 -41.69 -29.61
C ALA F 40 44.66 -43.15 -30.08
N PRO F 41 45.09 -43.45 -31.33
CA PRO F 41 44.92 -44.80 -31.90
C PRO F 41 45.03 -46.02 -30.96
N GLY F 42 46.06 -46.10 -30.12
CA GLY F 42 46.19 -47.20 -29.18
C GLY F 42 46.52 -46.77 -27.77
N GLN F 43 45.69 -45.86 -27.17
CA GLN F 43 46.03 -45.41 -25.82
C GLN F 43 44.86 -45.19 -24.84
N GLY F 44 43.61 -45.22 -25.31
CA GLY F 44 42.49 -45.00 -24.41
C GLY F 44 42.19 -43.52 -24.13
N PRO F 45 40.97 -43.23 -23.62
CA PRO F 45 40.57 -41.83 -23.39
C PRO F 45 41.45 -41.02 -22.48
N GLU F 46 41.58 -39.74 -22.78
CA GLU F 46 42.41 -38.80 -22.05
C GLU F 46 41.63 -37.49 -21.94
N TRP F 47 41.32 -37.08 -20.71
CA TRP F 47 40.59 -35.85 -20.44
C TRP F 47 41.50 -34.64 -20.65
N LEU F 48 41.04 -33.66 -21.44
CA LEU F 48 41.81 -32.45 -21.71
C LEU F 48 41.38 -31.29 -20.82
N GLY F 49 40.09 -31.19 -20.57
CA GLY F 49 39.52 -30.11 -19.79
C GLY F 49 38.03 -29.98 -19.97
N GLY F 50 37.44 -29.06 -19.23
CA GLY F 50 36.01 -28.83 -19.29
C GLY F 50 35.59 -27.42 -18.97
N ILE F 51 34.32 -27.13 -19.22
CA ILE F 51 33.77 -25.82 -18.97
C ILE F 51 32.36 -25.96 -18.43
N ILE F 52 31.99 -25.04 -17.54
CA ILE F 52 30.64 -24.89 -17.03
C ILE F 52 30.25 -23.53 -17.55
N PRO F 53 29.64 -23.48 -18.74
CA PRO F 53 29.32 -22.17 -19.36
C PRO F 53 28.51 -21.18 -18.50
N ILE F 54 27.54 -21.66 -17.68
CA ILE F 54 26.75 -20.76 -16.84
C ILE F 54 27.61 -20.04 -15.78
N LEU F 55 28.74 -20.64 -15.38
CA LEU F 55 29.64 -20.05 -14.38
C LEU F 55 30.88 -19.41 -14.99
N ASP F 56 31.13 -19.65 -16.29
CA ASP F 56 32.34 -19.25 -17.03
C ASP F 56 33.56 -19.83 -16.32
N ARG F 57 33.47 -21.10 -15.94
CA ARG F 57 34.49 -21.79 -15.18
C ARG F 57 35.14 -22.87 -16.04
N VAL F 58 36.45 -22.73 -16.29
CA VAL F 58 37.19 -23.75 -17.04
C VAL F 58 38.15 -24.52 -16.13
N ASN F 59 38.31 -25.80 -16.39
CA ASN F 59 39.19 -26.66 -15.64
C ASN F 59 40.05 -27.39 -16.66
N TYR F 60 41.39 -27.34 -16.53
CA TYR F 60 42.26 -28.01 -17.50
C TYR F 60 43.11 -29.10 -16.88
N ALA F 61 43.42 -30.15 -17.66
CA ALA F 61 44.34 -31.20 -17.23
C ALA F 61 45.75 -30.58 -17.21
N GLN F 62 46.52 -30.83 -16.14
CA GLN F 62 47.86 -30.25 -15.98
C GLN F 62 48.79 -30.46 -17.18
N LYS F 63 48.74 -31.64 -17.83
CA LYS F 63 49.61 -31.90 -18.97
C LYS F 63 49.22 -31.11 -20.24
N PHE F 64 48.01 -30.53 -20.26
CA PHE F 64 47.54 -29.74 -21.40
C PHE F 64 47.44 -28.23 -21.10
N GLN F 65 47.72 -27.79 -19.84
CA GLN F 65 47.67 -26.39 -19.49
C GLN F 65 48.65 -25.57 -20.35
N GLY F 66 48.15 -24.51 -20.95
CA GLY F 66 48.93 -23.68 -21.85
C GLY F 66 48.68 -23.99 -23.30
N ARG F 67 48.42 -25.28 -23.62
CA ARG F 67 48.18 -25.70 -24.99
C ARG F 67 46.69 -25.79 -25.35
N VAL F 68 45.83 -26.00 -24.35
CA VAL F 68 44.39 -26.14 -24.52
C VAL F 68 43.66 -24.90 -24.04
N THR F 69 42.73 -24.41 -24.84
CA THR F 69 41.87 -23.31 -24.46
C THR F 69 40.44 -23.74 -24.69
N ILE F 70 39.64 -23.76 -23.63
CA ILE F 70 38.23 -24.12 -23.73
C ILE F 70 37.35 -22.91 -23.50
N THR F 71 36.45 -22.63 -24.44
CA THR F 71 35.56 -21.48 -24.43
C THR F 71 34.11 -21.90 -24.76
N ALA F 72 33.16 -21.00 -24.55
CA ALA F 72 31.77 -21.26 -24.86
C ALA F 72 31.09 -19.99 -25.34
N ASP F 73 30.15 -20.12 -26.27
CA ASP F 73 29.40 -18.97 -26.76
C ASP F 73 28.38 -18.57 -25.73
N GLU F 74 28.16 -17.25 -25.65
CA GLU F 74 27.07 -16.75 -24.78
C GLU F 74 25.76 -16.90 -25.55
N LEU F 75 24.89 -17.82 -25.14
CA LEU F 75 23.53 -17.94 -25.74
C LEU F 75 23.56 -18.60 -27.11
N GLY F 76 24.71 -19.11 -27.56
CA GLY F 76 24.78 -19.85 -28.84
C GLY F 76 24.72 -21.35 -28.62
N GLY F 77 25.02 -21.81 -27.42
CA GLY F 77 25.05 -23.24 -27.13
C GLY F 77 26.17 -23.96 -27.85
N THR F 78 27.30 -23.27 -28.05
CA THR F 78 28.46 -23.87 -28.69
C THR F 78 29.69 -23.80 -27.79
N ALA F 79 30.38 -24.94 -27.62
CA ALA F 79 31.62 -25.01 -26.84
C ALA F 79 32.78 -25.23 -27.81
N TYR F 80 33.99 -24.81 -27.40
CA TYR F 80 35.16 -24.89 -28.24
C TYR F 80 36.34 -25.38 -27.49
N MET F 81 37.21 -26.09 -28.19
CA MET F 81 38.46 -26.53 -27.64
C MET F 81 39.54 -26.21 -28.68
N GLU F 82 40.52 -25.39 -28.31
CA GLU F 82 41.63 -25.04 -29.19
C GLU F 82 42.95 -25.62 -28.66
N LEU F 83 43.53 -26.55 -29.43
CA LEU F 83 44.78 -27.17 -29.08
C LEU F 83 45.88 -26.61 -29.99
N THR F 84 46.86 -25.89 -29.42
CA THR F 84 47.96 -25.28 -30.16
C THR F 84 49.26 -26.12 -30.09
N SER F 85 50.27 -25.76 -30.94
CA SER F 85 51.58 -26.42 -31.00
C SER F 85 51.43 -27.93 -31.17
N LEU F 86 50.62 -28.33 -32.16
CA LEU F 86 50.33 -29.73 -32.43
C LEU F 86 51.54 -30.60 -32.69
N ARG F 87 51.55 -31.80 -32.10
CA ARG F 87 52.60 -32.78 -32.30
C ARG F 87 51.93 -34.05 -32.87
N SER F 88 52.72 -35.01 -33.38
CA SER F 88 52.17 -36.26 -33.90
C SER F 88 51.41 -37.05 -32.81
N GLU F 89 51.76 -36.85 -31.52
CA GLU F 89 51.07 -37.45 -30.37
C GLU F 89 49.62 -36.95 -30.23
N ASP F 90 49.30 -35.79 -30.83
CA ASP F 90 47.97 -35.22 -30.78
C ASP F 90 46.98 -35.85 -31.75
N THR F 91 47.41 -36.80 -32.61
CA THR F 91 46.50 -37.51 -33.53
C THR F 91 45.53 -38.33 -32.69
N ALA F 92 44.24 -37.98 -32.74
CA ALA F 92 43.22 -38.63 -31.91
C ALA F 92 41.78 -38.30 -32.39
N MET F 93 40.78 -39.04 -31.88
CA MET F 93 39.39 -38.73 -32.04
C MET F 93 39.12 -37.80 -30.83
N TYR F 94 38.67 -36.57 -31.07
CA TYR F 94 38.38 -35.61 -29.99
C TYR F 94 36.88 -35.53 -29.77
N TYR F 95 36.43 -35.64 -28.53
CA TYR F 95 35.02 -35.64 -28.21
C TYR F 95 34.67 -34.58 -27.20
N CYS F 96 33.49 -34.02 -27.34
CA CYS F 96 32.90 -33.20 -26.31
C CYS F 96 31.81 -34.11 -25.70
N ALA F 97 31.54 -33.93 -24.40
CA ALA F 97 30.56 -34.77 -23.73
C ALA F 97 29.98 -34.10 -22.48
N ARG F 98 28.77 -34.51 -22.13
CA ARG F 98 28.21 -34.15 -20.85
C ARG F 98 28.48 -35.45 -20.08
N LEU F 99 29.52 -35.49 -19.26
CA LEU F 99 29.97 -36.71 -18.59
C LEU F 99 29.31 -37.05 -17.28
N ALA F 100 28.81 -38.28 -17.20
CA ALA F 100 28.30 -38.95 -15.99
C ALA F 100 27.68 -38.02 -14.94
N ASP F 101 26.58 -37.40 -15.32
CA ASP F 101 25.88 -36.45 -14.47
C ASP F 101 24.50 -36.99 -14.11
N GLY F 102 24.43 -37.88 -13.11
CA GLY F 102 23.16 -38.47 -12.72
C GLY F 102 22.59 -39.29 -13.87
N PRO F 103 21.35 -39.02 -14.29
CA PRO F 103 20.79 -39.75 -15.45
C PRO F 103 21.24 -39.19 -16.81
N PHE F 104 22.18 -38.21 -16.81
CA PHE F 104 22.64 -37.55 -18.02
C PHE F 104 24.08 -37.86 -18.40
N ASP F 105 24.26 -38.55 -19.52
CA ASP F 105 25.56 -38.82 -20.11
C ASP F 105 25.38 -38.90 -21.60
N TYR F 106 26.02 -38.00 -22.35
CA TYR F 106 25.92 -38.00 -23.80
C TYR F 106 27.15 -37.41 -24.42
N TRP F 107 27.43 -37.81 -25.66
CA TRP F 107 28.68 -37.45 -26.34
C TRP F 107 28.44 -36.93 -27.74
N GLY F 108 29.39 -36.16 -28.22
CA GLY F 108 29.40 -35.76 -29.63
C GLY F 108 29.84 -36.96 -30.48
N GLN F 109 29.75 -36.83 -31.80
CA GLN F 109 30.13 -37.91 -32.71
C GLN F 109 31.67 -38.12 -32.85
N GLY F 110 32.44 -37.16 -32.38
CA GLY F 110 33.89 -37.21 -32.44
C GLY F 110 34.41 -36.41 -33.60
N THR F 111 35.59 -35.83 -33.45
CA THR F 111 36.26 -35.07 -34.49
C THR F 111 37.66 -35.67 -34.66
N GLN F 112 37.92 -36.20 -35.84
CA GLN F 112 39.18 -36.79 -36.19
C GLN F 112 40.21 -35.72 -36.46
N VAL F 113 41.27 -35.66 -35.64
CA VAL F 113 42.37 -34.73 -35.89
C VAL F 113 43.62 -35.53 -36.17
N ILE F 114 44.17 -35.44 -37.39
CA ILE F 114 45.38 -36.18 -37.72
C ILE F 114 46.53 -35.19 -37.85
N VAL F 115 47.58 -35.35 -37.04
CA VAL F 115 48.78 -34.51 -37.15
C VAL F 115 49.81 -35.22 -38.03
N SER F 116 50.03 -34.67 -39.21
CA SER F 116 50.93 -35.25 -40.21
C SER F 116 52.38 -34.80 -40.03
N SER F 132 48.66 -38.03 -14.66
CA SER F 132 47.48 -37.58 -13.92
C SER F 132 47.61 -37.81 -12.40
N ASN F 133 46.80 -37.11 -11.58
CA ASN F 133 46.83 -37.25 -10.12
C ASN F 133 46.30 -38.63 -9.70
N ILE F 134 45.09 -39.02 -10.18
CA ILE F 134 44.56 -40.35 -9.89
C ILE F 134 44.77 -41.20 -11.13
N VAL F 135 45.55 -42.28 -11.00
CA VAL F 135 45.85 -43.17 -12.12
C VAL F 135 44.94 -44.41 -12.07
N MET F 136 44.39 -44.79 -13.23
CA MET F 136 43.48 -45.92 -13.32
C MET F 136 44.15 -47.07 -14.05
N THR F 137 44.24 -48.21 -13.38
CA THR F 137 44.91 -49.40 -13.89
C THR F 137 43.88 -50.47 -14.22
N GLN F 138 43.68 -50.73 -15.51
CA GLN F 138 42.67 -51.68 -15.95
C GLN F 138 43.27 -53.05 -16.28
N THR F 139 42.54 -54.12 -15.92
CA THR F 139 42.99 -55.50 -16.10
C THR F 139 41.84 -56.41 -16.53
N PRO F 140 42.01 -57.23 -17.59
CA PRO F 140 43.17 -57.32 -18.49
C PRO F 140 43.07 -56.30 -19.65
N LEU F 141 44.06 -56.30 -20.56
CA LEU F 141 44.01 -55.39 -21.71
C LEU F 141 43.09 -55.91 -22.81
N SER F 142 42.93 -57.24 -22.92
CA SER F 142 42.06 -57.85 -23.92
C SER F 142 41.39 -59.10 -23.38
N LEU F 143 40.22 -59.43 -23.92
CA LEU F 143 39.44 -60.56 -23.46
C LEU F 143 38.75 -61.24 -24.63
N SER F 144 39.00 -62.54 -24.83
CA SER F 144 38.39 -63.29 -25.92
C SER F 144 37.50 -64.38 -25.33
N VAL F 145 36.19 -64.29 -25.59
CA VAL F 145 35.21 -65.25 -25.05
C VAL F 145 34.21 -65.68 -26.12
N SER F 146 33.60 -66.85 -25.91
CA SER F 146 32.53 -67.33 -26.79
C SER F 146 31.20 -66.74 -26.29
N PRO F 147 30.15 -66.66 -27.14
CA PRO F 147 28.88 -66.10 -26.67
C PRO F 147 28.23 -66.95 -25.59
N GLY F 148 27.64 -66.30 -24.59
CA GLY F 148 26.97 -66.98 -23.49
C GLY F 148 27.82 -67.21 -22.26
N GLN F 149 29.15 -67.06 -22.38
CA GLN F 149 30.04 -67.27 -21.24
C GLN F 149 30.35 -65.95 -20.49
N PRO F 150 30.72 -66.01 -19.19
CA PRO F 150 30.91 -64.76 -18.44
C PRO F 150 32.21 -63.99 -18.70
N ALA F 151 32.22 -62.69 -18.31
CA ALA F 151 33.36 -61.78 -18.45
C ALA F 151 33.58 -60.95 -17.17
N SER F 152 34.84 -60.59 -16.87
CA SER F 152 35.19 -59.79 -15.70
CA SER F 152 35.18 -59.78 -15.71
C SER F 152 36.30 -58.80 -16.04
N ILE F 153 36.15 -57.55 -15.63
CA ILE F 153 37.15 -56.51 -15.86
C ILE F 153 37.41 -55.81 -14.54
N SER F 154 38.68 -55.61 -14.19
CA SER F 154 39.05 -54.95 -12.94
C SER F 154 39.66 -53.58 -13.19
N CYS F 155 39.52 -52.70 -12.22
CA CYS F 155 40.10 -51.37 -12.30
C CYS F 155 40.61 -50.99 -10.91
N LYS F 156 41.88 -50.55 -10.83
CA LYS F 156 42.48 -50.14 -9.58
C LYS F 156 42.95 -48.68 -9.65
N SER F 157 42.62 -47.87 -8.64
CA SER F 157 42.97 -46.46 -8.63
C SER F 157 44.12 -46.14 -7.68
N SER F 158 45.01 -45.23 -8.09
CA SER F 158 46.16 -44.86 -7.27
C SER F 158 45.77 -44.17 -5.94
N GLN F 159 44.55 -43.63 -5.87
CA GLN F 159 43.96 -42.97 -4.72
C GLN F 159 42.51 -43.45 -4.59
N SER F 160 41.93 -43.33 -3.39
CA SER F 160 40.54 -43.70 -3.16
C SER F 160 39.55 -42.79 -3.95
N LEU F 161 38.50 -43.43 -4.55
CA LEU F 161 37.46 -42.73 -5.30
C LEU F 161 36.25 -42.30 -4.41
N LEU F 162 36.30 -42.66 -3.11
CA LEU F 162 35.29 -42.30 -2.13
C LEU F 162 35.50 -40.83 -1.75
N HIS F 163 34.43 -40.07 -1.84
CA HIS F 163 34.42 -38.65 -1.54
C HIS F 163 33.78 -38.43 -0.16
N SER F 164 34.08 -37.30 0.49
CA SER F 164 33.48 -36.95 1.78
C SER F 164 31.94 -36.93 1.74
N ASP F 165 31.35 -36.73 0.55
CA ASP F 165 29.88 -36.76 0.36
C ASP F 165 29.28 -38.18 0.39
N GLY F 166 30.11 -39.20 0.49
CA GLY F 166 29.67 -40.60 0.56
C GLY F 166 29.48 -41.30 -0.76
N GLN F 167 29.82 -40.63 -1.87
CA GLN F 167 29.72 -41.24 -3.18
C GLN F 167 31.10 -41.72 -3.59
N THR F 168 31.16 -42.81 -4.35
CA THR F 168 32.41 -43.34 -4.85
C THR F 168 32.34 -43.14 -6.35
N TYR F 169 33.17 -42.23 -6.86
CA TYR F 169 33.08 -41.79 -8.24
C TYR F 169 33.83 -42.67 -9.24
N MET F 170 33.27 -43.87 -9.43
CA MET F 170 33.75 -44.91 -10.31
C MET F 170 32.71 -45.16 -11.41
N TYR F 171 33.14 -45.14 -12.67
CA TYR F 171 32.24 -45.31 -13.81
C TYR F 171 32.77 -46.36 -14.79
N TRP F 172 31.87 -46.99 -15.55
CA TRP F 172 32.28 -47.95 -16.58
C TRP F 172 31.61 -47.56 -17.90
N TYR F 173 32.41 -47.41 -18.96
CA TYR F 173 31.97 -47.06 -20.31
C TYR F 173 32.25 -48.20 -21.29
N LEU F 174 31.44 -48.31 -22.34
CA LEU F 174 31.66 -49.28 -23.41
C LEU F 174 31.70 -48.49 -24.70
N GLN F 175 32.74 -48.73 -25.51
CA GLN F 175 32.84 -48.09 -26.80
C GLN F 175 32.75 -49.17 -27.90
N LYS F 176 31.58 -49.25 -28.53
CA LYS F 176 31.37 -50.23 -29.59
C LYS F 176 32.04 -49.73 -30.88
N PRO F 177 32.42 -50.64 -31.80
CA PRO F 177 33.09 -50.20 -33.04
C PRO F 177 32.30 -49.15 -33.83
N GLY F 178 33.00 -48.10 -34.26
CA GLY F 178 32.43 -46.99 -35.00
C GLY F 178 31.43 -46.16 -34.23
N GLN F 179 31.50 -46.21 -32.89
CA GLN F 179 30.58 -45.50 -32.01
C GLN F 179 31.31 -44.70 -30.92
N SER F 180 30.61 -43.72 -30.34
CA SER F 180 31.14 -42.93 -29.23
C SER F 180 31.02 -43.78 -27.95
N PRO F 181 31.84 -43.50 -26.92
CA PRO F 181 31.70 -44.25 -25.64
C PRO F 181 30.31 -44.07 -25.04
N GLN F 182 29.79 -45.09 -24.36
CA GLN F 182 28.48 -45.03 -23.75
C GLN F 182 28.55 -45.46 -22.29
N LEU F 183 27.88 -44.74 -21.39
CA LEU F 183 27.92 -45.05 -19.95
C LEU F 183 27.13 -46.30 -19.63
N LEU F 184 27.75 -47.23 -18.92
CA LEU F 184 27.09 -48.46 -18.52
C LEU F 184 26.74 -48.45 -17.03
N ILE F 185 27.71 -48.09 -16.19
CA ILE F 185 27.53 -48.09 -14.74
C ILE F 185 28.07 -46.79 -14.12
N SER F 186 27.28 -46.19 -13.24
CA SER F 186 27.61 -44.93 -12.54
C SER F 186 27.83 -45.18 -11.06
N GLU F 187 28.74 -44.41 -10.46
CA GLU F 187 29.06 -44.47 -9.04
C GLU F 187 29.14 -45.90 -8.46
N VAL F 188 30.06 -46.72 -9.01
CA VAL F 188 30.39 -48.11 -8.67
C VAL F 188 29.39 -49.14 -9.21
N SER F 189 28.09 -49.03 -8.89
CA SER F 189 27.15 -50.10 -9.24
C SER F 189 25.80 -49.75 -9.87
N SER F 190 25.49 -48.46 -10.13
CA SER F 190 24.18 -48.11 -10.69
C SER F 190 24.13 -48.28 -12.19
N ARG F 191 23.30 -49.21 -12.70
CA ARG F 191 23.19 -49.40 -14.14
C ARG F 191 22.50 -48.21 -14.81
N PHE F 192 23.05 -47.74 -15.93
CA PHE F 192 22.46 -46.66 -16.69
C PHE F 192 21.16 -47.16 -17.37
N SER F 193 20.22 -46.26 -17.69
CA SER F 193 18.96 -46.67 -18.33
C SER F 193 19.23 -47.35 -19.68
N GLY F 194 18.58 -48.49 -19.90
CA GLY F 194 18.78 -49.27 -21.12
C GLY F 194 19.83 -50.35 -20.99
N VAL F 195 20.67 -50.29 -19.94
CA VAL F 195 21.73 -51.27 -19.73
C VAL F 195 21.15 -52.55 -19.14
N PRO F 196 21.31 -53.68 -19.84
CA PRO F 196 20.73 -54.95 -19.34
C PRO F 196 21.33 -55.43 -18.02
N ASP F 197 20.55 -56.22 -17.26
CA ASP F 197 20.94 -56.75 -15.94
C ASP F 197 22.19 -57.63 -15.97
N ARG F 198 22.63 -58.07 -17.16
CA ARG F 198 23.85 -58.88 -17.31
C ARG F 198 25.10 -58.10 -16.88
N PHE F 199 25.06 -56.74 -16.92
CA PHE F 199 26.14 -55.87 -16.49
C PHE F 199 25.96 -55.52 -15.02
N SER F 200 27.03 -55.60 -14.23
CA SER F 200 26.99 -55.26 -12.82
C SER F 200 28.35 -54.73 -12.36
N GLY F 201 28.30 -53.79 -11.43
CA GLY F 201 29.51 -53.19 -10.90
C GLY F 201 29.65 -53.41 -9.42
N SER F 202 30.88 -53.51 -8.94
CA SER F 202 31.16 -53.69 -7.52
C SER F 202 32.53 -53.09 -7.17
N GLY F 203 32.80 -52.97 -5.88
CA GLY F 203 34.06 -52.42 -5.41
C GLY F 203 33.89 -51.27 -4.45
N SER F 204 35.01 -50.79 -3.93
CA SER F 204 35.08 -49.67 -2.98
C SER F 204 36.52 -49.19 -2.87
N GLY F 205 36.70 -47.95 -2.45
CA GLY F 205 38.03 -47.36 -2.27
C GLY F 205 38.86 -47.31 -3.53
N THR F 206 39.77 -48.28 -3.70
CA THR F 206 40.64 -48.31 -4.88
C THR F 206 40.44 -49.48 -5.82
N THR F 207 39.66 -50.53 -5.45
CA THR F 207 39.52 -51.67 -6.36
C THR F 207 38.07 -51.85 -6.76
N PHE F 208 37.83 -51.99 -8.07
CA PHE F 208 36.50 -52.06 -8.68
C PHE F 208 36.41 -53.16 -9.73
N THR F 209 35.21 -53.71 -9.96
CA THR F 209 35.04 -54.79 -10.95
C THR F 209 33.73 -54.64 -11.73
N LEU F 210 33.80 -54.87 -13.04
CA LEU F 210 32.66 -54.88 -13.96
C LEU F 210 32.47 -56.34 -14.37
N LYS F 211 31.25 -56.88 -14.23
CA LYS F 211 30.96 -58.25 -14.61
C LYS F 211 29.86 -58.33 -15.66
N ILE F 212 30.04 -59.20 -16.65
CA ILE F 212 29.04 -59.44 -17.69
C ILE F 212 28.69 -60.93 -17.57
N SER F 213 27.49 -61.24 -17.05
CA SER F 213 27.08 -62.63 -16.83
C SER F 213 27.00 -63.47 -18.10
N ARG F 214 26.61 -62.86 -19.22
CA ARG F 214 26.48 -63.56 -20.50
C ARG F 214 26.95 -62.66 -21.63
N VAL F 215 28.02 -63.08 -22.35
CA VAL F 215 28.56 -62.28 -23.45
C VAL F 215 27.70 -62.41 -24.73
N GLU F 216 27.12 -61.29 -25.16
CA GLU F 216 26.30 -61.17 -26.37
C GLU F 216 27.12 -60.52 -27.49
N ALA F 217 26.74 -60.75 -28.76
CA ALA F 217 27.40 -60.17 -29.94
C ALA F 217 27.49 -58.65 -29.88
N GLU F 218 26.48 -58.01 -29.25
CA GLU F 218 26.36 -56.56 -29.08
C GLU F 218 27.33 -56.00 -28.01
N ASP F 219 27.92 -56.86 -27.15
CA ASP F 219 28.84 -56.44 -26.10
C ASP F 219 30.30 -56.21 -26.58
N VAL F 220 30.60 -56.58 -27.83
CA VAL F 220 31.94 -56.42 -28.40
C VAL F 220 32.34 -54.93 -28.57
N GLY F 221 33.51 -54.59 -28.04
CA GLY F 221 34.06 -53.24 -28.08
C GLY F 221 35.14 -53.04 -27.04
N VAL F 222 35.42 -51.79 -26.67
CA VAL F 222 36.41 -51.50 -25.63
C VAL F 222 35.77 -50.92 -24.38
N TYR F 223 35.99 -51.58 -23.26
CA TYR F 223 35.46 -51.13 -21.98
C TYR F 223 36.47 -50.24 -21.29
N TYR F 224 36.03 -49.12 -20.71
CA TYR F 224 36.93 -48.22 -20.01
C TYR F 224 36.38 -47.85 -18.67
N CYS F 225 37.24 -47.80 -17.66
CA CYS F 225 36.83 -47.29 -16.36
C CYS F 225 37.14 -45.79 -16.32
N MET F 226 36.32 -45.03 -15.62
CA MET F 226 36.52 -43.59 -15.49
C MET F 226 36.38 -43.24 -14.06
N GLN F 227 37.15 -42.29 -13.63
CA GLN F 227 37.10 -41.80 -12.28
C GLN F 227 36.67 -40.31 -12.30
N ALA F 228 35.81 -39.92 -11.35
CA ALA F 228 35.40 -38.52 -11.20
C ALA F 228 35.62 -38.00 -9.77
N LYS F 229 36.52 -38.62 -8.99
CA LYS F 229 36.85 -38.16 -7.63
C LYS F 229 37.65 -36.86 -7.77
N ASP F 230 38.63 -36.85 -8.65
CA ASP F 230 39.43 -35.71 -9.09
C ASP F 230 39.22 -35.71 -10.63
N PRO F 231 38.08 -35.17 -11.09
CA PRO F 231 37.76 -35.25 -12.53
C PRO F 231 38.84 -34.76 -13.48
N TYR F 232 39.22 -35.55 -14.52
CA TYR F 232 38.76 -36.91 -14.84
C TYR F 232 39.96 -37.74 -15.30
N SER F 233 39.90 -39.07 -15.15
CA SER F 233 40.92 -39.97 -15.68
C SER F 233 40.33 -41.33 -15.97
N PHE F 234 40.92 -42.02 -16.95
CA PHE F 234 40.42 -43.28 -17.45
C PHE F 234 41.47 -44.39 -17.45
N GLY F 235 40.98 -45.63 -17.45
CA GLY F 235 41.82 -46.81 -17.63
C GLY F 235 42.22 -46.93 -19.10
N GLN F 236 43.24 -47.77 -19.38
CA GLN F 236 43.77 -48.02 -20.72
C GLN F 236 42.76 -48.69 -21.66
N GLY F 237 41.85 -49.46 -21.08
CA GLY F 237 40.85 -50.16 -21.87
C GLY F 237 40.96 -51.66 -21.86
N THR F 238 39.83 -52.33 -22.04
CA THR F 238 39.77 -53.78 -22.14
C THR F 238 39.00 -54.10 -23.40
N LYS F 239 39.70 -54.55 -24.44
CA LYS F 239 39.08 -54.90 -25.71
C LYS F 239 38.42 -56.26 -25.55
N LEU F 240 37.10 -56.32 -25.75
CA LEU F 240 36.38 -57.58 -25.64
C LEU F 240 35.96 -58.02 -27.04
N GLU F 241 36.36 -59.22 -27.44
CA GLU F 241 35.96 -59.76 -28.73
C GLU F 241 35.36 -61.16 -28.57
N ILE F 242 34.58 -61.59 -29.57
CA ILE F 242 33.99 -62.91 -29.54
C ILE F 242 34.77 -63.86 -30.42
N ALA G 19 -59.70 15.52 -13.27
CA ALA G 19 -60.79 16.39 -12.82
C ALA G 19 -61.91 15.61 -12.12
N ASN G 20 -62.13 14.34 -12.53
CA ASN G 20 -63.13 13.47 -11.92
C ASN G 20 -62.55 12.57 -10.79
N SER G 21 -61.24 12.73 -10.46
CA SER G 21 -60.61 11.91 -9.43
C SER G 21 -59.96 12.76 -8.30
N ILE G 22 -60.69 13.78 -7.81
CA ILE G 22 -60.21 14.64 -6.73
C ILE G 22 -61.17 14.56 -5.56
N ASP G 23 -60.66 14.20 -4.39
CA ASP G 23 -61.46 14.17 -3.17
C ASP G 23 -61.27 15.48 -2.42
N ILE G 24 -62.35 15.98 -1.80
CA ILE G 24 -62.29 17.21 -1.03
C ILE G 24 -62.56 16.91 0.42
N LEU G 25 -61.66 17.36 1.31
CA LEU G 25 -61.76 17.06 2.74
C LEU G 25 -61.93 18.36 3.56
N GLN G 26 -62.71 18.28 4.63
CA GLN G 26 -62.99 19.37 5.57
C GLN G 26 -63.08 18.67 6.96
N GLU G 27 -61.95 18.19 7.46
CA GLU G 27 -61.88 17.44 8.72
C GLU G 27 -62.31 18.26 9.94
N LYS G 28 -61.94 19.55 9.94
CA LYS G 28 -62.31 20.53 10.96
C LYS G 28 -63.05 21.69 10.28
N GLU G 29 -63.90 22.42 11.00
CA GLU G 29 -64.62 23.54 10.43
C GLU G 29 -63.63 24.66 10.05
N GLY G 30 -63.86 25.30 8.90
CA GLY G 30 -62.98 26.34 8.38
C GLY G 30 -61.73 25.84 7.69
N HIS G 31 -61.64 24.52 7.45
CA HIS G 31 -60.49 23.91 6.80
C HIS G 31 -60.89 23.16 5.54
N LEU G 32 -60.01 23.15 4.54
CA LEU G 32 -60.29 22.49 3.27
C LEU G 32 -58.99 21.96 2.73
N ASP G 33 -59.00 20.72 2.29
CA ASP G 33 -57.84 20.12 1.64
C ASP G 33 -58.35 19.29 0.45
N PHE G 34 -57.47 19.02 -0.51
CA PHE G 34 -57.84 18.22 -1.68
C PHE G 34 -56.80 17.13 -1.93
N VAL G 35 -57.25 16.00 -2.48
CA VAL G 35 -56.36 14.91 -2.78
C VAL G 35 -56.64 14.51 -4.22
N ILE G 36 -55.62 14.60 -5.06
CA ILE G 36 -55.73 14.15 -6.44
C ILE G 36 -55.37 12.67 -6.27
N ILE G 37 -56.40 11.81 -6.23
CA ILE G 37 -56.31 10.37 -6.00
C ILE G 37 -55.28 9.65 -6.89
N PRO G 38 -55.21 9.85 -8.23
CA PRO G 38 -54.18 9.14 -9.00
C PRO G 38 -52.75 9.51 -8.60
N HIS G 39 -52.52 10.75 -8.11
CA HIS G 39 -51.18 11.16 -7.68
C HIS G 39 -50.84 10.56 -6.32
N TYR G 40 -51.83 10.45 -5.44
CA TYR G 40 -51.60 9.87 -4.12
C TYR G 40 -51.19 8.41 -4.26
N THR G 41 -51.90 7.66 -5.11
CA THR G 41 -51.63 6.25 -5.39
C THR G 41 -50.26 6.05 -6.02
N PHE G 42 -49.94 6.87 -7.04
CA PHE G 42 -48.67 6.84 -7.77
C PHE G 42 -47.49 7.12 -6.86
N LEU G 43 -47.57 8.14 -5.99
CA LEU G 43 -46.47 8.47 -5.08
C LEU G 43 -46.31 7.38 -4.02
N ASP G 44 -47.43 6.81 -3.56
CA ASP G 44 -47.36 5.74 -2.59
C ASP G 44 -46.75 4.45 -3.19
N TYR G 45 -47.06 4.16 -4.45
CA TYR G 45 -46.55 3.00 -5.18
C TYR G 45 -45.02 3.05 -5.24
N TYR G 46 -44.45 4.19 -5.66
CA TYR G 46 -43.01 4.32 -5.76
C TYR G 46 -42.32 4.43 -4.39
N LYS G 47 -43.06 4.70 -3.32
CA LYS G 47 -42.52 4.72 -1.96
C LYS G 47 -42.34 3.24 -1.55
N HIS G 48 -43.37 2.41 -1.75
CA HIS G 48 -43.28 0.97 -1.43
C HIS G 48 -42.25 0.27 -2.32
N LEU G 49 -42.08 0.73 -3.57
CA LEU G 49 -41.08 0.17 -4.48
C LEU G 49 -39.66 0.47 -4.00
N SER G 50 -39.42 1.69 -3.51
CA SER G 50 -38.13 2.11 -3.02
C SER G 50 -37.70 1.28 -1.82
N TYR G 51 -38.61 1.03 -0.86
CA TYR G 51 -38.29 0.27 0.33
C TYR G 51 -38.10 -1.20 0.04
N ASN G 52 -38.94 -1.79 -0.81
CA ASN G 52 -38.77 -3.20 -1.19
C ASN G 52 -37.40 -3.46 -1.86
N SER G 53 -36.96 -2.53 -2.74
CA SER G 53 -35.70 -2.63 -3.46
C SER G 53 -34.48 -2.43 -2.56
N ILE G 54 -34.63 -1.69 -1.46
CA ILE G 54 -33.51 -1.40 -0.58
C ILE G 54 -33.44 -2.39 0.61
N TYR G 55 -34.57 -2.99 1.00
CA TYR G 55 -34.58 -3.97 2.10
C TYR G 55 -34.19 -5.38 1.67
N HIS G 56 -34.18 -5.65 0.37
CA HIS G 56 -33.86 -6.93 -0.23
C HIS G 56 -32.49 -7.48 0.24
N LYS G 57 -31.48 -6.60 0.37
CA LYS G 57 -30.12 -6.99 0.84
C LYS G 57 -29.68 -6.17 2.06
N SER G 58 -28.85 -6.80 2.93
CA SER G 58 -28.31 -6.16 4.13
C SER G 58 -27.34 -5.02 3.78
N SER G 59 -26.60 -5.17 2.67
CA SER G 59 -25.69 -4.13 2.20
C SER G 59 -26.40 -2.86 1.72
N THR G 60 -27.71 -2.95 1.36
CA THR G 60 -28.47 -1.79 0.90
C THR G 60 -29.55 -1.33 1.89
N TYR G 61 -29.76 -2.08 3.01
CA TYR G 61 -30.78 -1.75 4.04
C TYR G 61 -30.57 -0.35 4.65
N GLY G 62 -29.32 0.04 4.84
CA GLY G 62 -28.94 1.32 5.42
C GLY G 62 -29.28 2.55 4.59
N LYS G 63 -29.64 2.34 3.32
CA LYS G 63 -30.03 3.46 2.46
C LYS G 63 -31.42 4.04 2.82
N TYR G 64 -32.12 3.47 3.84
CA TYR G 64 -33.43 3.94 4.31
C TYR G 64 -33.37 5.39 4.78
N ILE G 65 -32.24 5.84 5.35
CA ILE G 65 -32.08 7.23 5.79
C ILE G 65 -32.23 8.17 4.58
N ALA G 66 -31.60 7.81 3.46
CA ALA G 66 -31.63 8.60 2.22
C ALA G 66 -32.98 8.51 1.51
N VAL G 67 -33.66 7.35 1.58
CA VAL G 67 -34.97 7.17 0.98
C VAL G 67 -36.00 8.02 1.72
N ASP G 68 -36.00 7.96 3.09
CA ASP G 68 -36.89 8.75 3.95
C ASP G 68 -36.74 10.23 3.63
N ALA G 69 -35.50 10.69 3.44
CA ALA G 69 -35.20 12.09 3.16
C ALA G 69 -35.60 12.50 1.75
N PHE G 70 -35.53 11.58 0.78
CA PHE G 70 -35.94 11.88 -0.58
C PHE G 70 -37.48 11.97 -0.66
N ILE G 71 -38.18 11.02 -0.01
CA ILE G 71 -39.64 11.01 0.01
C ILE G 71 -40.17 12.28 0.68
N LYS G 72 -39.53 12.69 1.79
CA LYS G 72 -39.90 13.92 2.51
C LYS G 72 -39.77 15.14 1.60
N LYS G 73 -38.71 15.20 0.80
CA LYS G 73 -38.40 16.27 -0.14
C LYS G 73 -39.42 16.31 -1.30
N ILE G 74 -39.90 15.14 -1.73
CA ILE G 74 -40.91 15.02 -2.79
C ILE G 74 -42.27 15.49 -2.27
N ASN G 75 -42.60 15.18 -1.01
CA ASN G 75 -43.85 15.56 -0.37
C ASN G 75 -43.93 17.06 -0.20
N GLU G 76 -42.81 17.70 0.20
CA GLU G 76 -42.75 19.14 0.38
C GLU G 76 -42.89 19.88 -0.95
N ALA G 77 -42.31 19.31 -2.03
CA ALA G 77 -42.42 19.87 -3.38
C ALA G 77 -43.86 19.78 -3.87
N TYR G 78 -44.53 18.64 -3.61
CA TYR G 78 -45.92 18.45 -4.01
C TYR G 78 -46.81 19.46 -3.27
N ASP G 79 -46.57 19.66 -1.97
CA ASP G 79 -47.33 20.62 -1.16
C ASP G 79 -47.09 22.07 -1.59
N LYS G 80 -45.91 22.36 -2.14
CA LYS G 80 -45.55 23.67 -2.66
C LYS G 80 -46.38 23.98 -3.92
N VAL G 81 -46.65 22.95 -4.76
CA VAL G 81 -47.50 23.12 -5.94
C VAL G 81 -48.96 23.28 -5.51
N LYS G 82 -49.39 22.50 -4.49
CA LYS G 82 -50.74 22.60 -3.94
C LYS G 82 -51.02 24.01 -3.41
N SER G 83 -50.00 24.65 -2.79
CA SER G 83 -50.10 25.99 -2.23
C SER G 83 -50.37 27.10 -3.28
N LYS G 84 -50.17 26.81 -4.57
CA LYS G 84 -50.50 27.79 -5.62
C LYS G 84 -52.04 27.98 -5.74
N CYS G 85 -52.81 26.94 -5.35
CA CYS G 85 -54.27 26.96 -5.36
C CYS G 85 -54.87 27.44 -4.03
N ASN G 86 -54.06 27.99 -3.11
CA ASN G 86 -54.53 28.35 -1.78
C ASN G 86 -55.46 29.56 -1.68
N ASP G 87 -55.31 30.59 -2.55
CA ASP G 87 -56.21 31.73 -2.53
C ASP G 87 -57.61 31.31 -2.97
N ILE G 88 -57.69 30.52 -4.05
CA ILE G 88 -58.93 29.97 -4.60
C ILE G 88 -59.57 28.99 -3.58
N LYS G 89 -58.73 28.19 -2.88
CA LYS G 89 -59.14 27.24 -1.85
C LYS G 89 -59.79 27.99 -0.67
N ASN G 90 -59.15 29.07 -0.21
CA ASN G 90 -59.64 29.88 0.91
C ASN G 90 -60.92 30.62 0.55
N ASP G 91 -61.06 31.03 -0.72
CA ASP G 91 -62.24 31.69 -1.25
C ASP G 91 -63.44 30.73 -1.19
N LEU G 92 -63.22 29.43 -1.51
CA LEU G 92 -64.25 28.42 -1.46
C LEU G 92 -64.67 28.15 -0.01
N ILE G 93 -63.70 28.14 0.97
CA ILE G 93 -63.98 27.94 2.40
C ILE G 93 -64.94 29.04 2.89
N ALA G 94 -64.67 30.29 2.54
CA ALA G 94 -65.50 31.43 2.92
C ALA G 94 -66.94 31.29 2.43
N THR G 95 -67.13 30.75 1.22
CA THR G 95 -68.48 30.54 0.67
C THR G 95 -69.21 29.41 1.41
N ILE G 96 -68.49 28.30 1.70
CA ILE G 96 -69.05 27.15 2.44
C ILE G 96 -69.49 27.61 3.83
N LYS G 97 -68.66 28.42 4.50
CA LYS G 97 -68.91 28.97 5.82
C LYS G 97 -70.14 29.88 5.83
N LYS G 98 -70.33 30.68 4.76
CA LYS G 98 -71.51 31.55 4.60
C LYS G 98 -72.76 30.72 4.34
N LEU G 99 -72.66 29.70 3.48
CA LEU G 99 -73.77 28.81 3.17
C LEU G 99 -74.17 27.90 4.34
N GLU G 100 -73.29 27.73 5.33
CA GLU G 100 -73.58 26.88 6.49
C GLU G 100 -74.02 27.66 7.71
N HIS G 101 -73.71 28.98 7.77
CA HIS G 101 -74.07 29.82 8.90
C HIS G 101 -75.13 30.83 8.50
N PRO G 102 -76.42 30.50 8.73
CA PRO G 102 -77.49 31.43 8.36
C PRO G 102 -77.67 32.58 9.35
N PHE G 112 -80.16 32.94 -1.49
CA PHE G 112 -79.49 31.65 -1.35
C PHE G 112 -79.06 31.09 -2.70
N LYS G 113 -79.84 31.36 -3.76
CA LYS G 113 -79.49 30.87 -5.11
C LYS G 113 -78.15 31.46 -5.56
N LYS G 114 -77.90 32.74 -5.21
CA LYS G 114 -76.65 33.44 -5.53
C LYS G 114 -75.47 32.74 -4.86
N MET G 115 -75.65 32.36 -3.59
CA MET G 115 -74.66 31.67 -2.78
C MET G 115 -74.40 30.25 -3.31
N MET G 116 -75.44 29.55 -3.73
CA MET G 116 -75.29 28.20 -4.29
C MET G 116 -74.58 28.26 -5.67
N ASP G 117 -74.84 29.33 -6.46
CA ASP G 117 -74.18 29.57 -7.74
C ASP G 117 -72.69 29.86 -7.48
N GLU G 118 -72.41 30.69 -6.46
CA GLU G 118 -71.11 31.12 -5.97
C GLU G 118 -70.26 29.91 -5.55
N TYR G 119 -70.89 28.94 -4.85
CA TYR G 119 -70.22 27.72 -4.37
C TYR G 119 -69.82 26.83 -5.55
N ASN G 120 -70.71 26.69 -6.53
CA ASN G 120 -70.46 25.84 -7.68
C ASN G 120 -69.34 26.39 -8.54
N THR G 121 -69.28 27.72 -8.74
CA THR G 121 -68.24 28.29 -9.58
C THR G 121 -66.90 28.39 -8.81
N LYS G 122 -66.92 28.48 -7.46
CA LYS G 122 -65.67 28.50 -6.69
C LYS G 122 -65.04 27.11 -6.57
N LYS G 123 -65.88 26.06 -6.55
CA LYS G 123 -65.42 24.68 -6.54
C LYS G 123 -64.84 24.32 -7.91
N LYS G 124 -65.48 24.80 -9.00
CA LYS G 124 -65.03 24.59 -10.38
C LYS G 124 -63.66 25.28 -10.61
N LYS G 125 -63.47 26.45 -9.98
CA LYS G 125 -62.23 27.22 -10.02
C LYS G 125 -61.07 26.47 -9.33
N LEU G 126 -61.36 25.72 -8.24
CA LEU G 126 -60.36 24.95 -7.53
C LEU G 126 -59.91 23.79 -8.42
N ILE G 127 -60.87 23.09 -9.05
CA ILE G 127 -60.54 22.01 -9.98
C ILE G 127 -59.77 22.54 -11.20
N LYS G 128 -60.10 23.77 -11.67
CA LYS G 128 -59.40 24.37 -12.80
C LYS G 128 -57.96 24.71 -12.41
N CYS G 129 -57.74 25.17 -11.17
CA CYS G 129 -56.42 25.50 -10.66
C CYS G 129 -55.53 24.24 -10.54
N ILE G 130 -56.15 23.11 -10.18
CA ILE G 130 -55.47 21.84 -10.09
C ILE G 130 -55.03 21.42 -11.49
N LYS G 131 -55.94 21.47 -12.46
CA LYS G 131 -55.67 21.13 -13.86
C LYS G 131 -54.62 22.06 -14.49
N ASN G 132 -54.61 23.33 -14.08
CA ASN G 132 -53.68 24.34 -14.59
C ASN G 132 -52.24 24.05 -14.18
N HIS G 133 -52.06 23.40 -13.02
CA HIS G 133 -50.73 23.05 -12.51
C HIS G 133 -50.43 21.54 -12.63
N GLU G 134 -51.17 20.81 -13.47
CA GLU G 134 -51.01 19.36 -13.65
C GLU G 134 -49.58 18.94 -13.98
N ASN G 135 -48.90 19.63 -14.90
CA ASN G 135 -47.51 19.29 -15.28
C ASN G 135 -46.52 19.52 -14.14
N ASP G 136 -46.81 20.46 -13.24
CA ASP G 136 -45.98 20.74 -12.07
C ASP G 136 -46.03 19.52 -11.13
N PHE G 137 -47.24 18.94 -10.94
CA PHE G 137 -47.47 17.75 -10.13
C PHE G 137 -46.83 16.55 -10.83
N ASN G 138 -47.02 16.40 -12.14
CA ASN G 138 -46.46 15.34 -12.98
C ASN G 138 -44.95 15.33 -12.91
N LYS G 139 -44.31 16.51 -12.88
CA LYS G 139 -42.85 16.62 -12.78
C LYS G 139 -42.36 16.01 -11.45
N ILE G 140 -43.09 16.28 -10.35
CA ILE G 140 -42.77 15.76 -9.02
C ILE G 140 -43.05 14.26 -8.94
N CYS G 141 -44.14 13.82 -9.56
CA CYS G 141 -44.49 12.41 -9.60
C CYS G 141 -43.44 11.62 -10.40
N MET G 142 -42.88 12.22 -11.47
CA MET G 142 -41.86 11.58 -12.28
C MET G 142 -40.52 11.53 -11.58
N ASP G 143 -40.21 12.49 -10.68
CA ASP G 143 -38.98 12.46 -9.91
C ASP G 143 -39.03 11.24 -8.97
N MET G 144 -40.20 11.01 -8.32
CA MET G 144 -40.43 9.90 -7.42
C MET G 144 -40.38 8.55 -8.17
N LYS G 145 -40.94 8.50 -9.39
CA LYS G 145 -40.90 7.30 -10.21
C LYS G 145 -39.46 7.00 -10.62
N ASN G 146 -38.71 7.99 -11.09
CA ASN G 146 -37.33 7.79 -11.52
C ASN G 146 -36.43 7.32 -10.38
N TYR G 147 -36.71 7.77 -9.15
CA TYR G 147 -35.97 7.37 -7.95
C TYR G 147 -36.29 5.92 -7.56
N GLY G 148 -37.57 5.57 -7.55
CA GLY G 148 -38.00 4.23 -7.19
C GLY G 148 -37.53 3.22 -8.23
N THR G 149 -37.67 3.58 -9.50
CA THR G 149 -37.27 2.75 -10.63
C THR G 149 -35.76 2.52 -10.65
N ASN G 150 -34.95 3.53 -10.28
CA ASN G 150 -33.50 3.36 -10.22
C ASN G 150 -33.11 2.34 -9.14
N LEU G 151 -33.74 2.42 -7.96
CA LEU G 151 -33.47 1.46 -6.88
C LEU G 151 -33.94 0.06 -7.30
N PHE G 152 -35.10 -0.02 -7.96
CA PHE G 152 -35.66 -1.27 -8.43
C PHE G 152 -34.79 -1.94 -9.46
N GLU G 153 -34.14 -1.14 -10.32
CA GLU G 153 -33.24 -1.65 -11.35
C GLU G 153 -31.89 -2.11 -10.77
N GLN G 154 -31.47 -1.55 -9.63
CA GLN G 154 -30.26 -1.90 -8.91
C GLN G 154 -30.42 -3.16 -8.05
N LEU G 155 -31.66 -3.71 -7.95
CA LEU G 155 -31.97 -4.94 -7.21
C LEU G 155 -31.18 -6.07 -7.85
N SER G 156 -30.40 -6.82 -7.06
CA SER G 156 -29.63 -7.93 -7.61
C SER G 156 -29.62 -9.14 -6.69
N CYS G 157 -29.50 -10.32 -7.28
CA CYS G 157 -29.42 -11.56 -6.52
C CYS G 157 -28.12 -12.22 -6.92
N TYR G 158 -27.46 -12.92 -5.98
CA TYR G 158 -26.25 -13.67 -6.29
C TYR G 158 -26.59 -14.78 -7.31
N ASN G 159 -27.72 -15.45 -7.08
CA ASN G 159 -28.23 -16.46 -7.98
C ASN G 159 -29.60 -15.98 -8.42
N ASN G 160 -29.73 -15.60 -9.71
CA ASN G 160 -31.00 -15.12 -10.23
C ASN G 160 -32.10 -16.21 -10.29
N ASN G 161 -31.78 -17.45 -9.87
CA ASN G 161 -32.76 -18.54 -9.75
C ASN G 161 -33.25 -18.68 -8.29
N PHE G 162 -32.51 -18.11 -7.30
CA PHE G 162 -32.79 -18.17 -5.87
C PHE G 162 -32.65 -16.79 -5.23
N CYS G 163 -33.58 -15.90 -5.56
CA CYS G 163 -33.64 -14.55 -4.99
C CYS G 163 -34.42 -14.66 -3.71
N ASN G 164 -33.91 -14.11 -2.62
CA ASN G 164 -34.60 -14.11 -1.34
C ASN G 164 -35.74 -13.07 -1.31
N THR G 165 -36.76 -13.30 -0.47
CA THR G 165 -37.91 -12.39 -0.33
C THR G 165 -37.93 -11.75 1.07
N ASN G 166 -36.76 -11.58 1.69
CA ASN G 166 -36.64 -10.99 3.04
C ASN G 166 -37.09 -9.53 3.06
N GLY G 167 -36.83 -8.79 1.98
CA GLY G 167 -37.21 -7.39 1.87
C GLY G 167 -38.72 -7.20 1.83
N ILE G 168 -39.44 -8.13 1.17
CA ILE G 168 -40.91 -8.10 1.09
C ILE G 168 -41.49 -8.20 2.51
N ARG G 169 -40.92 -9.09 3.31
CA ARG G 169 -41.31 -9.28 4.69
C ARG G 169 -41.00 -8.05 5.54
N TYR G 170 -39.77 -7.48 5.47
CA TYR G 170 -39.42 -6.32 6.29
C TYR G 170 -40.30 -5.13 5.99
N HIS G 171 -40.50 -4.85 4.70
CA HIS G 171 -41.35 -3.74 4.30
C HIS G 171 -42.82 -3.97 4.72
N TYR G 172 -43.34 -5.20 4.54
CA TYR G 172 -44.72 -5.49 4.96
C TYR G 172 -44.88 -5.32 6.48
N ASP G 173 -43.93 -5.85 7.29
CA ASP G 173 -44.01 -5.74 8.75
C ASP G 173 -43.97 -4.28 9.19
N GLU G 174 -43.17 -3.46 8.52
CA GLU G 174 -42.97 -2.06 8.89
C GLU G 174 -44.08 -1.08 8.45
N TYR G 175 -44.54 -1.17 7.20
CA TYR G 175 -45.48 -0.22 6.67
C TYR G 175 -46.91 -0.72 6.47
N ILE G 176 -47.11 -2.04 6.32
CA ILE G 176 -48.43 -2.55 5.97
C ILE G 176 -49.19 -3.30 7.08
N HIS G 177 -48.53 -4.25 7.74
CA HIS G 177 -49.16 -5.13 8.72
C HIS G 177 -50.09 -4.44 9.74
N LYS G 178 -49.63 -3.36 10.40
CA LYS G 178 -50.44 -2.67 11.39
C LYS G 178 -51.71 -2.04 10.80
N LEU G 179 -51.67 -1.55 9.55
CA LEU G 179 -52.86 -1.03 8.88
C LEU G 179 -53.86 -2.18 8.61
N ILE G 180 -53.38 -3.39 8.24
CA ILE G 180 -54.27 -4.53 8.00
C ILE G 180 -55.00 -4.89 9.32
N LEU G 181 -54.26 -4.96 10.45
CA LEU G 181 -54.79 -5.28 11.77
C LEU G 181 -55.84 -4.28 12.23
N SER G 182 -55.55 -2.99 11.99
CA SER G 182 -56.41 -1.86 12.35
C SER G 182 -57.72 -1.91 11.57
N VAL G 183 -57.66 -2.26 10.28
CA VAL G 183 -58.81 -2.40 9.42
C VAL G 183 -59.68 -3.54 9.93
N LYS G 184 -59.07 -4.69 10.22
CA LYS G 184 -59.75 -5.87 10.72
C LYS G 184 -60.36 -5.71 12.11
N SER G 185 -59.86 -4.74 12.89
CA SER G 185 -60.40 -4.48 14.23
C SER G 185 -61.64 -3.55 14.18
N LYS G 186 -61.98 -2.99 13.00
CA LYS G 186 -63.10 -2.08 12.82
C LYS G 186 -64.21 -2.71 11.99
N ASN G 187 -65.42 -2.19 12.13
CA ASN G 187 -66.56 -2.62 11.33
C ASN G 187 -66.87 -1.44 10.40
N LEU G 188 -66.16 -1.34 9.28
CA LEU G 188 -66.37 -0.25 8.31
C LEU G 188 -67.75 -0.26 7.66
N ASN G 189 -68.37 -1.44 7.57
CA ASN G 189 -69.71 -1.59 7.02
C ASN G 189 -70.74 -1.07 8.00
N LYS G 190 -70.53 -1.28 9.33
CA LYS G 190 -71.38 -0.75 10.38
C LYS G 190 -71.24 0.77 10.42
N ASP G 191 -70.04 1.32 10.16
CA ASP G 191 -69.83 2.76 10.09
C ASP G 191 -70.70 3.36 8.98
N LEU G 192 -70.76 2.68 7.82
CA LEU G 192 -71.59 3.11 6.70
C LEU G 192 -73.07 3.12 7.11
N SER G 193 -73.52 2.08 7.83
CA SER G 193 -74.88 1.91 8.31
C SER G 193 -75.24 3.04 9.29
N ASP G 194 -74.29 3.40 10.18
CA ASP G 194 -74.50 4.47 11.15
C ASP G 194 -74.66 5.83 10.45
N MET G 195 -73.94 6.02 9.35
CA MET G 195 -74.00 7.23 8.57
C MET G 195 -75.29 7.32 7.80
N THR G 196 -75.80 6.18 7.26
CA THR G 196 -77.08 6.21 6.55
C THR G 196 -78.22 6.54 7.53
N ASN G 197 -78.11 6.08 8.80
CA ASN G 197 -79.10 6.36 9.84
C ASN G 197 -79.12 7.86 10.12
N ILE G 198 -77.94 8.49 10.22
CA ILE G 198 -77.82 9.94 10.42
C ILE G 198 -78.43 10.71 9.23
N LEU G 199 -78.09 10.29 8.00
CA LEU G 199 -78.62 10.94 6.80
C LEU G 199 -80.15 10.83 6.74
N GLN G 200 -80.70 9.66 7.10
CA GLN G 200 -82.14 9.41 7.09
C GLN G 200 -82.89 10.28 8.11
N GLN G 201 -82.26 10.55 9.27
CA GLN G 201 -82.81 11.41 10.31
C GLN G 201 -82.87 12.86 9.84
N SER G 202 -81.88 13.30 9.07
CA SER G 202 -81.86 14.65 8.50
C SER G 202 -82.97 14.78 7.45
N GLU G 203 -83.17 13.74 6.63
CA GLU G 203 -84.20 13.68 5.60
C GLU G 203 -85.57 13.79 6.26
N LEU G 204 -85.77 13.07 7.40
CA LEU G 204 -87.02 13.06 8.15
C LEU G 204 -87.34 14.44 8.72
N LEU G 205 -86.34 15.11 9.28
CA LEU G 205 -86.43 16.45 9.85
C LEU G 205 -86.76 17.46 8.74
N LEU G 206 -86.10 17.33 7.60
CA LEU G 206 -86.27 18.17 6.42
C LEU G 206 -87.67 18.03 5.80
N THR G 207 -88.17 16.79 5.72
CA THR G 207 -89.46 16.43 5.16
C THR G 207 -90.60 17.05 5.97
N ASN G 208 -90.55 16.91 7.30
CA ASN G 208 -91.57 17.44 8.19
C ASN G 208 -91.44 18.96 8.47
N LEU G 209 -90.45 19.63 7.90
CA LEU G 209 -90.27 21.06 8.06
C LEU G 209 -91.02 21.81 6.95
N TYR G 216 -87.25 27.96 4.34
CA TYR G 216 -86.79 29.34 4.15
C TYR G 216 -85.22 29.35 4.17
N ILE G 217 -84.52 30.28 4.85
CA ILE G 217 -83.06 30.29 4.86
C ILE G 217 -82.50 29.06 5.61
N TYR G 218 -83.07 28.72 6.79
CA TYR G 218 -82.60 27.56 7.55
C TYR G 218 -82.82 26.25 6.81
N ILE G 219 -83.94 26.12 6.11
CA ILE G 219 -84.24 24.92 5.35
C ILE G 219 -83.22 24.73 4.20
N ASP G 220 -82.81 25.83 3.59
CA ASP G 220 -81.84 25.83 2.50
C ASP G 220 -80.44 25.48 3.01
N THR G 221 -80.05 25.95 4.22
CA THR G 221 -78.74 25.60 4.77
C THR G 221 -78.73 24.12 5.25
N ILE G 222 -79.88 23.60 5.73
CA ILE G 222 -79.99 22.19 6.10
C ILE G 222 -79.92 21.33 4.83
N LYS G 223 -80.56 21.77 3.73
CA LYS G 223 -80.56 21.09 2.44
C LYS G 223 -79.15 21.02 1.84
N PHE G 224 -78.37 22.12 1.98
CA PHE G 224 -77.01 22.21 1.49
C PHE G 224 -76.07 21.31 2.31
N ILE G 225 -76.17 21.36 3.66
CA ILE G 225 -75.34 20.54 4.52
C ILE G 225 -75.66 19.07 4.34
N HIS G 226 -76.95 18.73 4.16
CA HIS G 226 -77.33 17.33 3.92
C HIS G 226 -76.81 16.81 2.57
N LYS G 227 -76.76 17.71 1.55
CA LYS G 227 -76.26 17.36 0.24
C LYS G 227 -74.75 17.11 0.30
N GLU G 228 -74.01 17.93 1.08
CA GLU G 228 -72.56 17.73 1.27
C GLU G 228 -72.33 16.38 1.96
N MET G 229 -73.08 16.12 3.05
CA MET G 229 -72.96 14.88 3.82
C MET G 229 -73.28 13.64 3.00
N LYS G 230 -74.20 13.73 2.03
CA LYS G 230 -74.56 12.61 1.18
C LYS G 230 -73.46 12.34 0.14
N HIS G 231 -72.78 13.39 -0.35
CA HIS G 231 -71.68 13.27 -1.29
C HIS G 231 -70.48 12.68 -0.56
N ILE G 232 -70.21 13.15 0.68
CA ILE G 232 -69.15 12.67 1.53
C ILE G 232 -69.39 11.17 1.82
N PHE G 233 -70.63 10.82 2.18
CA PHE G 233 -71.00 9.43 2.40
C PHE G 233 -70.75 8.56 1.14
N ASN G 234 -71.11 9.04 -0.05
CA ASN G 234 -70.91 8.28 -1.29
C ASN G 234 -69.42 8.03 -1.56
N ARG G 235 -68.55 8.97 -1.18
CA ARG G 235 -67.12 8.81 -1.32
C ARG G 235 -66.58 7.83 -0.24
N ILE G 236 -67.14 7.87 0.98
CA ILE G 236 -66.77 6.94 2.06
C ILE G 236 -67.13 5.52 1.65
N GLU G 237 -68.31 5.33 1.02
CA GLU G 237 -68.77 4.02 0.56
C GLU G 237 -67.86 3.47 -0.54
N TYR G 238 -67.39 4.34 -1.43
CA TYR G 238 -66.52 3.99 -2.54
C TYR G 238 -65.18 3.48 -2.02
N HIS G 239 -64.57 4.24 -1.10
CA HIS G 239 -63.29 3.92 -0.48
C HIS G 239 -63.38 2.72 0.45
N THR G 240 -64.49 2.55 1.21
CA THR G 240 -64.62 1.39 2.10
C THR G 240 -64.65 0.10 1.27
N LYS G 241 -65.28 0.14 0.08
CA LYS G 241 -65.34 -1.01 -0.81
C LYS G 241 -63.92 -1.41 -1.23
N ILE G 242 -63.06 -0.43 -1.51
CA ILE G 242 -61.69 -0.72 -1.92
C ILE G 242 -60.90 -1.28 -0.75
N ILE G 243 -61.02 -0.71 0.46
CA ILE G 243 -60.34 -1.21 1.67
C ILE G 243 -60.75 -2.66 1.97
N ASN G 244 -62.05 -3.00 1.88
CA ASN G 244 -62.51 -4.36 2.18
C ASN G 244 -61.96 -5.36 1.16
N ASP G 245 -61.93 -4.95 -0.13
CA ASP G 245 -61.42 -5.75 -1.23
C ASP G 245 -59.89 -5.96 -1.08
N LYS G 246 -59.13 -4.86 -0.90
CA LYS G 246 -57.68 -4.92 -0.82
C LYS G 246 -57.16 -5.53 0.47
N THR G 247 -57.95 -5.54 1.55
CA THR G 247 -57.52 -6.19 2.79
C THR G 247 -57.48 -7.70 2.58
N LYS G 248 -58.52 -8.24 1.92
CA LYS G 248 -58.58 -9.67 1.63
C LYS G 248 -57.47 -10.03 0.64
N ILE G 249 -57.27 -9.18 -0.39
CA ILE G 249 -56.25 -9.40 -1.42
C ILE G 249 -54.83 -9.33 -0.86
N ILE G 250 -54.51 -8.32 -0.02
CA ILE G 250 -53.18 -8.17 0.59
C ILE G 250 -52.88 -9.35 1.53
N GLN G 251 -53.87 -9.77 2.32
CA GLN G 251 -53.70 -10.90 3.23
C GLN G 251 -53.42 -12.20 2.49
N ASP G 252 -54.09 -12.43 1.35
CA ASP G 252 -53.86 -13.65 0.56
C ASP G 252 -52.50 -13.62 -0.12
N LYS G 253 -52.18 -12.49 -0.78
CA LYS G 253 -50.96 -12.33 -1.58
C LYS G 253 -49.67 -12.33 -0.78
N ILE G 254 -49.65 -11.73 0.43
CA ILE G 254 -48.44 -11.70 1.26
C ILE G 254 -47.97 -13.11 1.60
N LYS G 255 -48.91 -14.03 1.85
CA LYS G 255 -48.64 -15.43 2.15
C LYS G 255 -47.99 -16.19 1.00
N LEU G 256 -48.19 -15.75 -0.24
CA LEU G 256 -47.60 -16.39 -1.41
C LEU G 256 -46.23 -15.79 -1.80
N ASN G 257 -45.90 -14.60 -1.26
CA ASN G 257 -44.69 -13.85 -1.59
C ASN G 257 -43.56 -13.91 -0.55
N ILE G 258 -43.69 -14.68 0.54
CA ILE G 258 -42.71 -14.73 1.64
C ILE G 258 -42.25 -16.15 1.98
N TRP G 259 -41.12 -16.28 2.75
CA TRP G 259 -40.49 -17.55 3.21
C TRP G 259 -40.29 -18.56 2.08
N ARG G 260 -39.88 -18.03 0.94
CA ARG G 260 -39.76 -18.64 -0.36
C ARG G 260 -38.66 -17.90 -1.12
N THR G 261 -38.15 -18.52 -2.16
CA THR G 261 -37.24 -17.84 -3.10
C THR G 261 -37.96 -17.78 -4.44
N PHE G 262 -37.57 -16.81 -5.27
CA PHE G 262 -38.13 -16.70 -6.62
C PHE G 262 -37.01 -16.53 -7.63
N GLN G 263 -37.32 -16.74 -8.91
CA GLN G 263 -36.41 -16.40 -9.99
C GLN G 263 -36.47 -14.84 -10.06
N LYS G 264 -35.36 -14.16 -10.38
CA LYS G 264 -35.31 -12.69 -10.44
C LYS G 264 -36.51 -12.03 -11.15
N ASP G 265 -36.91 -12.54 -12.32
CA ASP G 265 -38.05 -11.99 -13.05
C ASP G 265 -39.36 -12.09 -12.26
N GLU G 266 -39.58 -13.21 -11.57
CA GLU G 266 -40.77 -13.41 -10.78
C GLU G 266 -40.76 -12.57 -9.52
N LEU G 267 -39.60 -12.41 -8.90
CA LEU G 267 -39.45 -11.59 -7.70
C LEU G 267 -39.79 -10.13 -8.02
N LEU G 268 -39.28 -9.62 -9.16
CA LEU G 268 -39.53 -8.24 -9.57
C LEU G 268 -41.00 -7.99 -9.88
N LYS G 269 -41.64 -8.96 -10.56
CA LYS G 269 -43.06 -8.85 -10.87
C LYS G 269 -43.95 -8.90 -9.61
N ARG G 270 -43.53 -9.67 -8.61
CA ARG G 270 -44.29 -9.77 -7.37
C ARG G 270 -44.08 -8.54 -6.48
N ILE G 271 -42.95 -7.83 -6.62
CA ILE G 271 -42.71 -6.58 -5.91
C ILE G 271 -43.59 -5.47 -6.52
N LEU G 272 -43.75 -5.45 -7.85
CA LEU G 272 -44.61 -4.48 -8.52
C LEU G 272 -46.07 -4.77 -8.18
N ASP G 273 -46.45 -6.06 -8.16
CA ASP G 273 -47.81 -6.47 -7.82
C ASP G 273 -48.19 -6.07 -6.38
N MET G 274 -47.29 -6.32 -5.39
CA MET G 274 -47.57 -5.93 -4.00
C MET G 274 -47.61 -4.42 -3.87
N SER G 275 -46.65 -3.68 -4.45
CA SER G 275 -46.65 -2.22 -4.39
C SER G 275 -47.92 -1.59 -4.96
N ASN G 276 -48.54 -2.26 -5.96
CA ASN G 276 -49.79 -1.83 -6.55
C ASN G 276 -50.95 -2.04 -5.55
N GLU G 277 -51.02 -3.25 -4.96
CA GLU G 277 -52.01 -3.64 -3.96
C GLU G 277 -51.94 -2.70 -2.76
N TYR G 278 -50.72 -2.41 -2.25
CA TYR G 278 -50.52 -1.55 -1.09
C TYR G 278 -50.96 -0.12 -1.32
N SER G 279 -50.60 0.44 -2.49
CA SER G 279 -50.92 1.83 -2.84
C SER G 279 -52.44 2.06 -2.98
N LEU G 280 -53.16 1.09 -3.58
CA LEU G 280 -54.60 1.17 -3.73
C LEU G 280 -55.28 1.08 -2.34
N PHE G 281 -54.76 0.22 -1.46
CA PHE G 281 -55.24 0.05 -0.11
C PHE G 281 -54.99 1.29 0.76
N ILE G 282 -53.74 1.78 0.80
CA ILE G 282 -53.36 2.93 1.62
C ILE G 282 -54.09 4.20 1.19
N THR G 283 -54.27 4.42 -0.15
CA THR G 283 -54.98 5.58 -0.68
C THR G 283 -56.42 5.67 -0.14
N SER G 284 -57.21 4.60 -0.29
CA SER G 284 -58.60 4.62 0.12
C SER G 284 -58.74 4.48 1.65
N ASP G 285 -57.71 3.95 2.38
CA ASP G 285 -57.73 3.89 3.84
C ASP G 285 -57.55 5.31 4.41
N HIS G 286 -56.59 6.05 3.87
CA HIS G 286 -56.29 7.41 4.26
C HIS G 286 -57.47 8.35 3.92
N LEU G 287 -58.03 8.21 2.70
CA LEU G 287 -59.15 9.03 2.26
C LEU G 287 -60.44 8.73 3.00
N ARG G 288 -60.70 7.45 3.31
CA ARG G 288 -61.92 7.07 4.05
C ARG G 288 -61.89 7.67 5.44
N GLN G 289 -60.73 7.71 6.10
CA GLN G 289 -60.63 8.29 7.43
C GLN G 289 -60.82 9.80 7.37
N MET G 290 -60.20 10.46 6.38
CA MET G 290 -60.35 11.91 6.20
C MET G 290 -61.81 12.31 5.91
N LEU G 291 -62.53 11.51 5.09
CA LEU G 291 -63.94 11.75 4.74
C LEU G 291 -64.85 11.44 5.92
N TYR G 292 -64.52 10.43 6.74
CA TYR G 292 -65.25 10.06 7.95
C TYR G 292 -65.23 11.25 8.92
N ASN G 293 -64.06 11.88 9.08
CA ASN G 293 -63.89 13.05 9.95
C ASN G 293 -64.70 14.23 9.43
N THR G 294 -64.75 14.41 8.11
CA THR G 294 -65.48 15.50 7.47
C THR G 294 -66.98 15.30 7.69
N PHE G 295 -67.45 14.05 7.53
CA PHE G 295 -68.87 13.71 7.74
C PHE G 295 -69.34 14.08 9.15
N TYR G 296 -68.56 13.71 10.19
CA TYR G 296 -68.95 14.00 11.58
C TYR G 296 -68.70 15.46 11.98
N SER G 297 -67.80 16.17 11.30
CA SER G 297 -67.62 17.60 11.54
C SER G 297 -68.86 18.36 11.00
N LYS G 298 -69.37 17.96 9.83
CA LYS G 298 -70.57 18.58 9.26
C LYS G 298 -71.83 18.19 10.04
N GLU G 299 -71.85 16.96 10.59
CA GLU G 299 -72.95 16.45 11.41
C GLU G 299 -73.04 17.25 12.72
N LYS G 300 -71.89 17.62 13.30
CA LYS G 300 -71.82 18.40 14.54
C LYS G 300 -72.40 19.80 14.27
N HIS G 301 -72.06 20.40 13.10
CA HIS G 301 -72.57 21.72 12.74
C HIS G 301 -74.07 21.70 12.42
N LEU G 302 -74.54 20.64 11.76
CA LEU G 302 -75.95 20.45 11.42
C LEU G 302 -76.79 20.34 12.70
N ASN G 303 -76.30 19.62 13.71
CA ASN G 303 -77.00 19.45 14.99
C ASN G 303 -77.15 20.76 15.73
N ASN G 304 -76.21 21.69 15.58
CA ASN G 304 -76.28 23.03 16.17
C ASN G 304 -77.35 23.87 15.47
N ILE G 305 -77.51 23.70 14.14
CA ILE G 305 -78.55 24.38 13.36
C ILE G 305 -79.92 23.84 13.76
N PHE G 306 -80.03 22.52 13.96
CA PHE G 306 -81.26 21.87 14.40
C PHE G 306 -81.64 22.39 15.80
N HIS G 307 -80.63 22.60 16.65
CA HIS G 307 -80.82 23.14 17.99
C HIS G 307 -81.34 24.56 17.94
N HIS G 308 -80.70 25.44 17.16
CA HIS G 308 -81.12 26.83 17.05
C HIS G 308 -82.54 26.92 16.48
N LEU G 309 -82.83 26.11 15.46
CA LEU G 309 -84.11 26.02 14.78
C LEU G 309 -85.24 25.59 15.72
N ILE G 310 -84.97 24.63 16.60
CA ILE G 310 -85.99 24.11 17.50
C ILE G 310 -86.08 24.92 18.82
N TYR G 311 -84.99 25.53 19.27
CA TYR G 311 -84.92 26.29 20.53
C TYR G 311 -85.09 27.81 20.34
N VAL G 312 -84.10 28.49 19.71
CA VAL G 312 -84.15 29.94 19.49
C VAL G 312 -85.30 30.31 18.54
N LEU G 313 -85.45 29.59 17.42
CA LEU G 313 -86.51 29.87 16.46
C LEU G 313 -87.90 29.44 16.97
N GLN G 314 -87.99 28.34 17.75
CA GLN G 314 -89.28 27.88 18.28
C GLN G 314 -89.23 27.49 19.77
N GLN H 3 -39.72 -6.99 21.88
CA GLN H 3 -39.39 -7.72 23.10
C GLN H 3 -40.32 -8.93 23.23
N LEU H 4 -39.78 -10.05 23.71
CA LEU H 4 -40.56 -11.26 23.91
C LEU H 4 -40.60 -11.57 25.41
N VAL H 5 -41.79 -11.84 25.95
CA VAL H 5 -41.94 -12.14 27.37
C VAL H 5 -42.54 -13.52 27.57
N GLN H 6 -41.80 -14.38 28.26
CA GLN H 6 -42.21 -15.76 28.52
C GLN H 6 -42.84 -15.97 29.89
N SER H 7 -43.54 -17.09 30.06
CA SER H 7 -44.15 -17.51 31.31
C SER H 7 -43.05 -17.90 32.38
N GLY H 8 -43.47 -18.08 33.62
CA GLY H 8 -42.57 -18.36 34.73
C GLY H 8 -41.99 -19.75 34.89
N ALA H 9 -41.04 -19.86 35.84
CA ALA H 9 -40.33 -21.09 36.15
C ALA H 9 -41.23 -22.22 36.58
N GLU H 10 -40.84 -23.44 36.25
CA GLU H 10 -41.59 -24.64 36.55
C GLU H 10 -40.68 -25.74 37.11
N VAL H 11 -41.27 -26.60 37.94
CA VAL H 11 -40.68 -27.82 38.49
C VAL H 11 -41.71 -28.89 38.19
N LYS H 12 -41.38 -29.86 37.33
CA LYS H 12 -42.33 -30.90 36.94
C LYS H 12 -41.82 -32.30 37.24
N LYS H 13 -42.76 -33.24 37.41
CA LYS H 13 -42.41 -34.65 37.66
C LYS H 13 -42.14 -35.32 36.28
N PRO H 14 -41.36 -36.42 36.26
CA PRO H 14 -41.18 -37.13 34.98
C PRO H 14 -42.50 -37.73 34.50
N GLY H 15 -42.72 -37.69 33.19
CA GLY H 15 -43.96 -38.19 32.61
C GLY H 15 -45.04 -37.13 32.44
N SER H 16 -44.83 -35.93 33.00
CA SER H 16 -45.79 -34.85 32.87
C SER H 16 -45.52 -33.97 31.62
N SER H 17 -46.33 -32.93 31.40
CA SER H 17 -46.19 -32.02 30.27
C SER H 17 -45.90 -30.61 30.79
N VAL H 18 -45.29 -29.78 29.96
CA VAL H 18 -45.06 -28.38 30.31
C VAL H 18 -45.41 -27.53 29.10
N LYS H 19 -46.14 -26.43 29.32
CA LYS H 19 -46.50 -25.54 28.22
C LYS H 19 -45.94 -24.15 28.49
N VAL H 20 -45.01 -23.68 27.65
CA VAL H 20 -44.38 -22.37 27.81
C VAL H 20 -44.98 -21.35 26.82
N SER H 21 -45.30 -20.14 27.30
CA SER H 21 -45.86 -19.08 26.46
C SER H 21 -44.79 -18.04 26.10
N CYS H 22 -45.04 -17.29 25.04
CA CYS H 22 -44.11 -16.30 24.54
C CYS H 22 -44.91 -15.16 23.91
N LYS H 23 -45.00 -14.02 24.59
CA LYS H 23 -45.78 -12.90 24.11
C LYS H 23 -44.95 -11.81 23.48
N ALA H 24 -45.40 -11.34 22.33
CA ALA H 24 -44.75 -10.23 21.65
C ALA H 24 -45.25 -8.94 22.31
N SER H 25 -44.33 -8.00 22.58
CA SER H 25 -44.67 -6.72 23.21
C SER H 25 -45.65 -5.91 22.40
N GLY H 26 -45.50 -5.94 21.09
CA GLY H 26 -46.35 -5.19 20.19
C GLY H 26 -47.68 -5.82 19.84
N GLY H 27 -47.94 -7.03 20.32
CA GLY H 27 -49.21 -7.69 20.07
C GLY H 27 -49.30 -8.62 18.88
N THR H 28 -48.27 -8.69 18.00
CA THR H 28 -48.26 -9.62 16.85
C THR H 28 -46.86 -10.09 16.51
N PHE H 29 -46.77 -11.21 15.79
CA PHE H 29 -45.54 -11.69 15.23
C PHE H 29 -45.45 -11.33 13.74
N SER H 30 -46.26 -10.34 13.24
CA SER H 30 -46.35 -9.86 11.86
C SER H 30 -46.14 -11.00 10.82
N SER H 31 -45.10 -10.98 9.97
CA SER H 31 -44.86 -12.07 9.02
C SER H 31 -43.57 -12.86 9.31
N TYR H 32 -43.03 -12.74 10.53
CA TYR H 32 -41.79 -13.39 10.86
C TYR H 32 -41.97 -14.72 11.65
N ALA H 33 -40.87 -15.38 11.98
CA ALA H 33 -40.88 -16.66 12.67
C ALA H 33 -40.44 -16.55 14.13
N ILE H 34 -40.99 -17.43 14.97
CA ILE H 34 -40.58 -17.57 16.37
C ILE H 34 -40.04 -18.97 16.51
N ASN H 35 -38.82 -19.10 17.03
CA ASN H 35 -38.22 -20.42 17.25
C ASN H 35 -38.02 -20.70 18.74
N TRP H 36 -38.04 -21.96 19.11
CA TRP H 36 -37.86 -22.40 20.48
C TRP H 36 -36.51 -23.11 20.60
N VAL H 37 -35.67 -22.63 21.52
CA VAL H 37 -34.32 -23.13 21.77
C VAL H 37 -34.14 -23.41 23.26
N ARG H 38 -33.64 -24.59 23.63
CA ARG H 38 -33.42 -24.90 25.04
C ARG H 38 -31.92 -25.05 25.33
N GLN H 39 -31.57 -24.94 26.61
CA GLN H 39 -30.19 -25.08 27.03
C GLN H 39 -30.10 -25.83 28.35
N ALA H 40 -29.70 -27.09 28.26
CA ALA H 40 -29.49 -27.97 29.41
C ALA H 40 -28.21 -27.58 30.16
N PRO H 41 -28.16 -27.84 31.48
CA PRO H 41 -26.96 -27.49 32.26
C PRO H 41 -25.57 -27.88 31.68
N GLY H 42 -25.42 -29.09 31.13
CA GLY H 42 -24.13 -29.49 30.57
C GLY H 42 -24.07 -29.49 29.04
N GLN H 43 -24.99 -28.79 28.39
CA GLN H 43 -25.04 -28.81 26.93
C GLN H 43 -25.10 -27.40 26.31
N GLY H 44 -24.96 -27.36 24.99
CA GLY H 44 -25.13 -26.13 24.23
C GLY H 44 -26.59 -25.97 23.84
N PRO H 45 -26.95 -24.90 23.11
CA PRO H 45 -28.34 -24.70 22.73
C PRO H 45 -28.83 -25.80 21.79
N GLU H 46 -30.09 -26.13 21.92
CA GLU H 46 -30.70 -27.18 21.14
C GLU H 46 -32.02 -26.65 20.62
N TRP H 47 -32.15 -26.56 19.31
CA TRP H 47 -33.37 -26.08 18.65
C TRP H 47 -34.45 -27.15 18.73
N LEU H 48 -35.65 -26.77 19.18
CA LEU H 48 -36.77 -27.69 19.31
C LEU H 48 -37.72 -27.59 18.13
N GLY H 49 -37.94 -26.38 17.65
CA GLY H 49 -38.85 -26.13 16.55
C GLY H 49 -39.22 -24.68 16.41
N GLY H 50 -40.00 -24.37 15.39
CA GLY H 50 -40.45 -23.01 15.16
C GLY H 50 -41.79 -22.88 14.47
N ILE H 51 -42.34 -21.66 14.46
CA ILE H 51 -43.61 -21.39 13.82
C ILE H 51 -43.59 -20.04 13.10
N ILE H 52 -44.20 -19.98 11.90
CA ILE H 52 -44.42 -18.74 11.15
C ILE H 52 -45.92 -18.54 11.27
N PRO H 53 -46.37 -17.82 12.31
CA PRO H 53 -47.81 -17.66 12.54
C PRO H 53 -48.64 -17.16 11.34
N ILE H 54 -48.13 -16.23 10.51
CA ILE H 54 -48.89 -15.72 9.36
C ILE H 54 -49.17 -16.83 8.31
N LEU H 55 -48.34 -17.86 8.25
CA LEU H 55 -48.54 -18.98 7.31
C LEU H 55 -49.12 -20.22 7.96
N ASP H 56 -49.17 -20.27 9.32
CA ASP H 56 -49.56 -21.42 10.13
C ASP H 56 -48.63 -22.60 9.78
N ARG H 57 -47.34 -22.32 9.74
CA ARG H 57 -46.35 -23.30 9.35
C ARG H 57 -45.45 -23.63 10.53
N VAL H 58 -45.46 -24.90 10.96
CA VAL H 58 -44.59 -25.35 12.06
C VAL H 58 -43.49 -26.28 11.52
N ASN H 59 -42.31 -26.17 12.10
CA ASN H 59 -41.16 -26.99 11.73
C ASN H 59 -40.60 -27.56 13.03
N TYR H 60 -40.43 -28.88 13.14
CA TYR H 60 -39.92 -29.48 14.39
C TYR H 60 -38.60 -30.21 14.18
N ALA H 61 -37.74 -30.21 15.22
CA ALA H 61 -36.49 -30.97 15.18
C ALA H 61 -36.89 -32.44 15.28
N GLN H 62 -36.26 -33.31 14.46
CA GLN H 62 -36.58 -34.74 14.39
C GLN H 62 -36.56 -35.45 15.74
N LYS H 63 -35.60 -35.11 16.62
CA LYS H 63 -35.54 -35.76 17.93
C LYS H 63 -36.68 -35.36 18.90
N PHE H 64 -37.40 -34.28 18.57
CA PHE H 64 -38.51 -33.81 19.39
C PHE H 64 -39.89 -34.02 18.75
N GLN H 65 -39.95 -34.55 17.51
CA GLN H 65 -41.22 -34.81 16.83
C GLN H 65 -42.07 -35.80 17.64
N GLY H 66 -43.31 -35.42 17.90
CA GLY H 66 -44.21 -36.22 18.70
C GLY H 66 -44.29 -35.72 20.13
N ARG H 67 -43.19 -35.19 20.67
CA ARG H 67 -43.15 -34.69 22.04
C ARG H 67 -43.37 -33.18 22.16
N VAL H 68 -43.05 -32.43 21.08
CA VAL H 68 -43.16 -30.98 21.04
C VAL H 68 -44.34 -30.55 20.17
N THR H 69 -45.13 -29.62 20.68
CA THR H 69 -46.22 -29.04 19.92
C THR H 69 -46.06 -27.54 19.98
N ILE H 70 -45.89 -26.90 18.83
CA ILE H 70 -45.77 -25.45 18.77
C ILE H 70 -47.01 -24.85 18.13
N THR H 71 -47.65 -23.91 18.83
CA THR H 71 -48.89 -23.25 18.41
C THR H 71 -48.77 -21.71 18.56
N ALA H 72 -49.73 -20.97 17.99
CA ALA H 72 -49.74 -19.51 18.10
C ALA H 72 -51.17 -19.00 18.18
N ASP H 73 -51.35 -17.89 18.89
CA ASP H 73 -52.60 -17.18 19.07
C ASP H 73 -52.97 -16.50 17.73
N GLU H 74 -54.29 -16.48 17.37
CA GLU H 74 -54.73 -15.84 16.12
C GLU H 74 -54.42 -14.34 16.10
N LEU H 75 -54.85 -13.61 17.13
CA LEU H 75 -54.61 -12.16 17.18
C LEU H 75 -53.76 -11.73 18.40
N GLY H 76 -53.74 -12.56 19.44
CA GLY H 76 -53.05 -12.30 20.68
C GLY H 76 -51.56 -12.00 20.63
N GLY H 77 -50.84 -12.53 19.65
CA GLY H 77 -49.40 -12.34 19.58
C GLY H 77 -48.68 -13.16 20.63
N THR H 78 -49.15 -14.39 20.86
CA THR H 78 -48.57 -15.31 21.83
C THR H 78 -48.28 -16.66 21.18
N ALA H 79 -47.05 -17.13 21.33
CA ALA H 79 -46.66 -18.44 20.82
C ALA H 79 -46.49 -19.41 22.00
N TYR H 80 -46.63 -20.69 21.72
CA TYR H 80 -46.59 -21.71 22.75
C TYR H 80 -45.78 -22.89 22.33
N MET H 81 -45.15 -23.54 23.30
CA MET H 81 -44.44 -24.77 23.05
C MET H 81 -44.83 -25.71 24.19
N GLU H 82 -45.42 -26.85 23.86
CA GLU H 82 -45.79 -27.88 24.81
C GLU H 82 -44.92 -29.12 24.66
N LEU H 83 -44.14 -29.43 25.70
CA LEU H 83 -43.27 -30.58 25.72
C LEU H 83 -43.86 -31.62 26.65
N THR H 84 -44.26 -32.80 26.10
CA THR H 84 -44.88 -33.89 26.86
C THR H 84 -43.88 -35.00 27.22
N SER H 85 -44.29 -35.93 28.13
CA SER H 85 -43.49 -37.08 28.57
C SER H 85 -42.12 -36.64 29.05
N LEU H 86 -42.09 -35.66 29.95
CA LEU H 86 -40.87 -35.07 30.47
C LEU H 86 -39.93 -36.07 31.13
N ARG H 87 -38.64 -35.94 30.85
CA ARG H 87 -37.58 -36.75 31.44
C ARG H 87 -36.60 -35.81 32.15
N SER H 88 -35.69 -36.34 33.00
CA SER H 88 -34.70 -35.49 33.67
C SER H 88 -33.79 -34.75 32.67
N GLU H 89 -33.61 -35.31 31.45
CA GLU H 89 -32.85 -34.70 30.35
C GLU H 89 -33.51 -33.39 29.84
N ASP H 90 -34.80 -33.21 30.10
CA ASP H 90 -35.54 -32.02 29.70
C ASP H 90 -35.31 -30.81 30.61
N THR H 91 -34.55 -30.94 31.72
CA THR H 91 -34.23 -29.81 32.59
C THR H 91 -33.38 -28.84 31.81
N ALA H 92 -33.88 -27.64 31.56
CA ALA H 92 -33.18 -26.66 30.73
C ALA H 92 -33.81 -25.24 30.87
N MET H 93 -33.11 -24.22 30.35
CA MET H 93 -33.63 -22.90 30.19
C MET H 93 -34.27 -22.96 28.78
N TYR H 94 -35.58 -22.69 28.67
CA TYR H 94 -36.26 -22.73 27.37
C TYR H 94 -36.49 -21.30 26.88
N TYR H 95 -36.14 -21.01 25.63
CA TYR H 95 -36.27 -19.67 25.08
C TYR H 95 -37.09 -19.66 23.81
N CYS H 96 -37.83 -18.59 23.61
CA CYS H 96 -38.45 -18.30 22.34
C CYS H 96 -37.59 -17.15 21.78
N ALA H 97 -37.48 -17.08 20.45
CA ALA H 97 -36.64 -16.07 19.82
C ALA H 97 -37.04 -15.79 18.38
N ARG H 98 -36.71 -14.57 17.91
CA ARG H 98 -36.76 -14.26 16.51
C ARG H 98 -35.29 -14.44 16.16
N LEU H 99 -34.94 -15.55 15.52
CA LEU H 99 -33.54 -15.87 15.26
C LEU H 99 -32.95 -15.35 13.98
N ALA H 100 -31.83 -14.65 14.11
CA ALA H 100 -30.97 -14.19 13.02
C ALA H 100 -31.69 -13.90 11.69
N ASP H 101 -32.53 -12.89 11.71
CA ASP H 101 -33.34 -12.51 10.57
C ASP H 101 -32.94 -11.12 10.08
N GLY H 102 -31.86 -11.03 9.31
CA GLY H 102 -31.36 -9.74 8.86
C GLY H 102 -30.93 -8.88 10.04
N PRO H 103 -31.48 -7.66 10.15
CA PRO H 103 -31.14 -6.83 11.31
C PRO H 103 -31.95 -7.17 12.57
N PHE H 104 -32.74 -8.26 12.54
CA PHE H 104 -33.62 -8.65 13.63
C PHE H 104 -33.23 -9.94 14.33
N ASP H 105 -32.85 -9.82 15.59
CA ASP H 105 -32.55 -10.96 16.45
C ASP H 105 -32.89 -10.57 17.86
N TYR H 106 -33.84 -11.25 18.48
CA TYR H 106 -34.22 -10.96 19.86
C TYR H 106 -34.77 -12.18 20.55
N TRP H 107 -34.65 -12.22 21.86
CA TRP H 107 -35.00 -13.41 22.62
C TRP H 107 -35.88 -13.10 23.81
N GLY H 108 -36.61 -14.10 24.26
CA GLY H 108 -37.32 -14.01 25.52
C GLY H 108 -36.32 -14.10 26.66
N GLN H 109 -36.78 -13.88 27.89
CA GLN H 109 -35.92 -13.92 29.07
C GLN H 109 -35.52 -15.36 29.49
N GLY H 110 -36.22 -16.35 28.97
CA GLY H 110 -35.97 -17.75 29.29
C GLY H 110 -36.96 -18.24 30.33
N THR H 111 -37.29 -19.51 30.25
CA THR H 111 -38.18 -20.15 31.19
C THR H 111 -37.47 -21.38 31.72
N GLN H 112 -37.20 -21.37 33.02
CA GLN H 112 -36.54 -22.46 33.70
C GLN H 112 -37.49 -23.61 33.91
N VAL H 113 -37.22 -24.76 33.29
CA VAL H 113 -38.03 -25.95 33.50
C VAL H 113 -37.15 -26.99 34.19
N ILE H 114 -37.47 -27.37 35.42
CA ILE H 114 -36.70 -28.37 36.14
C ILE H 114 -37.52 -29.64 36.24
N VAL H 115 -37.01 -30.77 35.69
CA VAL H 115 -37.69 -32.05 35.81
C VAL H 115 -37.09 -32.81 37.00
N SER H 116 -37.89 -32.95 38.06
CA SER H 116 -37.49 -33.56 39.32
C SER H 116 -37.67 -35.07 39.32
N SER H 132 -28.55 -34.39 14.88
CA SER H 132 -28.91 -33.40 13.86
C SER H 132 -28.23 -33.66 12.51
N ASN H 133 -28.80 -33.10 11.42
CA ASN H 133 -28.27 -33.26 10.07
C ASN H 133 -26.94 -32.52 9.92
N ILE H 134 -26.90 -31.22 10.27
CA ILE H 134 -25.64 -30.48 10.24
C ILE H 134 -25.13 -30.37 11.69
N VAL H 135 -23.94 -30.94 11.96
CA VAL H 135 -23.34 -30.94 13.29
C VAL H 135 -22.28 -29.82 13.37
N MET H 136 -22.28 -29.07 14.46
CA MET H 136 -21.37 -27.95 14.67
C MET H 136 -20.37 -28.33 15.75
N THR H 137 -19.08 -28.29 15.41
CA THR H 137 -18.00 -28.66 16.29
C THR H 137 -17.23 -27.43 16.68
N GLN H 138 -17.36 -26.99 17.92
CA GLN H 138 -16.71 -25.77 18.41
C GLN H 138 -15.41 -26.07 19.16
N THR H 139 -14.41 -25.23 18.96
CA THR H 139 -13.07 -25.39 19.53
C THR H 139 -12.47 -24.04 19.96
N PRO H 140 -11.95 -23.93 21.20
CA PRO H 140 -11.95 -24.93 22.28
C PRO H 140 -13.23 -24.86 23.13
N LEU H 141 -13.35 -25.70 24.15
CA LEU H 141 -14.51 -25.67 25.03
C LEU H 141 -14.44 -24.53 26.06
N SER H 142 -13.23 -24.12 26.44
CA SER H 142 -13.02 -23.04 27.40
C SER H 142 -11.77 -22.25 27.06
N LEU H 143 -11.76 -20.98 27.40
CA LEU H 143 -10.66 -20.08 27.09
C LEU H 143 -10.44 -19.11 28.25
N SER H 144 -9.24 -19.12 28.81
CA SER H 144 -8.91 -18.24 29.91
C SER H 144 -7.82 -17.29 29.42
N VAL H 145 -8.19 -16.01 29.21
CA VAL H 145 -7.26 -14.99 28.71
C VAL H 145 -7.15 -13.80 29.66
N SER H 146 -6.01 -13.09 29.59
CA SER H 146 -5.74 -11.89 30.35
C SER H 146 -6.52 -10.70 29.73
N PRO H 147 -6.76 -9.60 30.48
CA PRO H 147 -7.49 -8.47 29.89
C PRO H 147 -6.68 -7.87 28.72
N GLY H 148 -7.34 -7.70 27.58
CA GLY H 148 -6.70 -7.17 26.39
C GLY H 148 -5.97 -8.19 25.53
N GLN H 149 -5.87 -9.45 26.01
CA GLN H 149 -5.24 -10.55 25.26
C GLN H 149 -6.22 -10.99 24.17
N PRO H 150 -5.73 -11.26 22.94
CA PRO H 150 -6.65 -11.71 21.88
C PRO H 150 -7.25 -13.09 22.14
N ALA H 151 -8.37 -13.40 21.47
CA ALA H 151 -9.04 -14.70 21.60
C ALA H 151 -9.54 -15.19 20.24
N SER H 152 -9.49 -16.50 20.02
CA SER H 152 -9.94 -17.11 18.77
CA SER H 152 -9.95 -17.11 18.76
C SER H 152 -10.81 -18.32 19.05
N ILE H 153 -11.94 -18.43 18.36
CA ILE H 153 -12.85 -19.55 18.53
C ILE H 153 -13.17 -20.10 17.14
N SER H 154 -13.09 -21.41 16.97
CA SER H 154 -13.35 -22.05 15.69
C SER H 154 -14.63 -22.86 15.72
N CYS H 155 -15.26 -22.98 14.57
CA CYS H 155 -16.44 -23.80 14.42
C CYS H 155 -16.33 -24.53 13.10
N LYS H 156 -16.55 -25.85 13.13
CA LYS H 156 -16.51 -26.67 11.93
C LYS H 156 -17.85 -27.36 11.74
N SER H 157 -18.40 -27.30 10.52
CA SER H 157 -19.69 -27.90 10.27
C SER H 157 -19.56 -29.22 9.51
N SER H 158 -20.45 -30.19 9.78
CA SER H 158 -20.39 -31.49 9.10
C SER H 158 -20.75 -31.41 7.61
N GLN H 159 -21.42 -30.33 7.20
CA GLN H 159 -21.83 -30.03 5.83
C GLN H 159 -21.57 -28.55 5.58
N SER H 160 -21.43 -28.17 4.32
CA SER H 160 -21.24 -26.76 3.95
C SER H 160 -22.47 -25.87 4.32
N LEU H 161 -22.19 -24.67 4.87
CA LEU H 161 -23.20 -23.68 5.24
C LEU H 161 -23.54 -22.70 4.09
N LEU H 162 -22.85 -22.83 2.93
CA LEU H 162 -23.10 -22.04 1.73
C LEU H 162 -24.37 -22.56 1.06
N HIS H 163 -25.30 -21.65 0.81
CA HIS H 163 -26.57 -21.94 0.18
C HIS H 163 -26.52 -21.54 -1.29
N SER H 164 -27.42 -22.13 -2.13
CA SER H 164 -27.54 -21.79 -3.55
C SER H 164 -27.76 -20.28 -3.78
N ASP H 165 -28.34 -19.57 -2.79
CA ASP H 165 -28.57 -18.13 -2.85
C ASP H 165 -27.31 -17.27 -2.66
N GLY H 166 -26.17 -17.91 -2.36
CA GLY H 166 -24.89 -17.24 -2.18
C GLY H 166 -24.59 -16.72 -0.80
N GLN H 167 -25.46 -17.05 0.16
CA GLN H 167 -25.23 -16.68 1.56
C GLN H 167 -24.67 -17.88 2.29
N THR H 168 -23.84 -17.63 3.28
CA THR H 168 -23.25 -18.69 4.10
C THR H 168 -23.85 -18.49 5.47
N TYR H 169 -24.73 -19.41 5.89
CA TYR H 169 -25.52 -19.24 7.11
C TYR H 169 -24.82 -19.67 8.40
N MET H 170 -23.83 -18.89 8.75
CA MET H 170 -22.98 -19.05 9.91
C MET H 170 -23.20 -17.85 10.85
N TYR H 171 -23.47 -18.11 12.12
CA TYR H 171 -23.74 -17.06 13.10
C TYR H 171 -22.92 -17.27 14.37
N TRP H 172 -22.65 -16.19 15.09
CA TRP H 172 -21.95 -16.26 16.37
C TRP H 172 -22.77 -15.52 17.42
N TYR H 173 -23.07 -16.20 18.54
CA TYR H 173 -23.82 -15.66 19.67
C TYR H 173 -22.94 -15.58 20.91
N LEU H 174 -23.24 -14.64 21.80
CA LEU H 174 -22.55 -14.53 23.09
C LEU H 174 -23.64 -14.54 24.15
N GLN H 175 -23.53 -15.41 25.15
CA GLN H 175 -24.47 -15.42 26.27
C GLN H 175 -23.74 -14.98 27.53
N LYS H 176 -23.93 -13.73 27.94
CA LYS H 176 -23.30 -13.21 29.14
C LYS H 176 -24.01 -13.79 30.38
N PRO H 177 -23.33 -13.89 31.54
CA PRO H 177 -23.98 -14.44 32.73
C PRO H 177 -25.29 -13.74 33.11
N GLY H 178 -26.31 -14.55 33.41
CA GLY H 178 -27.64 -14.07 33.78
C GLY H 178 -28.37 -13.35 32.66
N GLN H 179 -27.96 -13.60 31.40
CA GLN H 179 -28.55 -12.96 30.23
C GLN H 179 -28.91 -13.99 29.14
N SER H 180 -29.79 -13.60 28.24
CA SER H 180 -30.15 -14.43 27.10
C SER H 180 -29.03 -14.33 26.04
N PRO H 181 -28.92 -15.31 25.12
CA PRO H 181 -27.91 -15.20 24.06
C PRO H 181 -28.14 -13.95 23.20
N GLN H 182 -27.06 -13.33 22.71
CA GLN H 182 -27.17 -12.15 21.87
C GLN H 182 -26.36 -12.35 20.59
N LEU H 183 -26.92 -11.96 19.44
CA LEU H 183 -26.25 -12.12 18.16
C LEU H 183 -25.09 -11.17 18.01
N LEU H 184 -23.92 -11.68 17.65
CA LEU H 184 -22.74 -10.85 17.45
C LEU H 184 -22.43 -10.71 15.97
N ILE H 185 -22.40 -11.84 15.24
CA ILE H 185 -22.03 -11.86 13.84
C ILE H 185 -23.02 -12.70 13.03
N SER H 186 -23.50 -12.14 11.92
CA SER H 186 -24.45 -12.77 11.01
C SER H 186 -23.80 -13.14 9.70
N GLU H 187 -24.23 -14.25 9.10
CA GLU H 187 -23.76 -14.73 7.80
C GLU H 187 -22.23 -14.61 7.60
N VAL H 188 -21.46 -15.29 8.48
CA VAL H 188 -19.99 -15.39 8.52
C VAL H 188 -19.30 -14.16 9.11
N SER H 189 -19.49 -12.96 8.55
CA SER H 189 -18.70 -11.79 8.99
C SER H 189 -19.42 -10.46 9.26
N SER H 190 -20.75 -10.38 9.17
CA SER H 190 -21.44 -9.10 9.39
C SER H 190 -21.66 -8.84 10.86
N ARG H 191 -21.06 -7.79 11.42
CA ARG H 191 -21.26 -7.46 12.82
C ARG H 191 -22.68 -6.93 13.05
N PHE H 192 -23.34 -7.41 14.09
CA PHE H 192 -24.67 -6.93 14.44
C PHE H 192 -24.56 -5.48 14.98
N SER H 193 -25.64 -4.68 14.90
CA SER H 193 -25.61 -3.30 15.41
C SER H 193 -25.29 -3.27 16.92
N GLY H 194 -24.38 -2.40 17.30
CA GLY H 194 -23.94 -2.30 18.68
C GLY H 194 -22.70 -3.15 19.00
N VAL H 195 -22.35 -4.09 18.11
CA VAL H 195 -21.20 -4.96 18.32
C VAL H 195 -19.91 -4.23 17.97
N PRO H 196 -18.99 -4.08 18.94
CA PRO H 196 -17.74 -3.36 18.66
C PRO H 196 -16.84 -4.02 17.61
N ASP H 197 -15.99 -3.22 16.94
CA ASP H 197 -15.08 -3.67 15.90
C ASP H 197 -14.04 -4.74 16.35
N ARG H 198 -13.91 -4.96 17.68
CA ARG H 198 -13.03 -6.00 18.26
C ARG H 198 -13.44 -7.40 17.76
N PHE H 199 -14.74 -7.59 17.55
CA PHE H 199 -15.27 -8.86 17.10
C PHE H 199 -15.23 -8.91 15.58
N SER H 200 -14.80 -10.05 15.05
CA SER H 200 -14.74 -10.25 13.60
C SER H 200 -14.94 -11.72 13.26
N GLY H 201 -15.61 -11.98 12.15
CA GLY H 201 -15.88 -13.32 11.71
C GLY H 201 -15.26 -13.60 10.37
N SER H 202 -14.86 -14.84 10.15
CA SER H 202 -14.27 -15.25 8.88
C SER H 202 -14.56 -16.73 8.62
N GLY H 203 -14.30 -17.17 7.40
CA GLY H 203 -14.51 -18.56 7.03
C GLY H 203 -15.36 -18.73 5.81
N SER H 204 -15.51 -19.97 5.38
CA SER H 204 -16.29 -20.36 4.22
C SER H 204 -16.51 -21.87 4.25
N GLY H 205 -17.57 -22.33 3.59
CA GLY H 205 -17.88 -23.75 3.51
C GLY H 205 -18.16 -24.40 4.84
N THR H 206 -17.14 -25.07 5.41
CA THR H 206 -17.26 -25.81 6.66
C THR H 206 -16.43 -25.28 7.80
N THR H 207 -15.47 -24.37 7.57
CA THR H 207 -14.64 -23.90 8.69
C THR H 207 -14.82 -22.41 8.87
N PHE H 208 -15.07 -22.00 10.13
CA PHE H 208 -15.35 -20.60 10.49
C PHE H 208 -14.61 -20.19 11.75
N THR H 209 -14.30 -18.89 11.89
CA THR H 209 -13.56 -18.42 13.06
C THR H 209 -14.09 -17.07 13.55
N LEU H 210 -14.20 -16.93 14.88
CA LEU H 210 -14.56 -15.71 15.56
C LEU H 210 -13.31 -15.21 16.27
N LYS H 211 -12.95 -13.94 16.06
CA LYS H 211 -11.78 -13.37 16.69
C LYS H 211 -12.15 -12.15 17.51
N ILE H 212 -11.50 -12.00 18.66
CA ILE H 212 -11.71 -10.84 19.51
C ILE H 212 -10.30 -10.26 19.66
N SER H 213 -10.02 -9.14 18.95
CA SER H 213 -8.70 -8.50 18.92
C SER H 213 -8.16 -8.22 20.31
N ARG H 214 -9.03 -7.82 21.23
CA ARG H 214 -8.67 -7.57 22.62
C ARG H 214 -9.86 -7.91 23.50
N VAL H 215 -9.64 -8.71 24.55
CA VAL H 215 -10.74 -9.15 25.39
C VAL H 215 -11.01 -8.19 26.56
N GLU H 216 -12.20 -7.59 26.54
CA GLU H 216 -12.71 -6.68 27.57
C GLU H 216 -13.45 -7.50 28.66
N ALA H 217 -13.61 -6.90 29.85
CA ALA H 217 -14.33 -7.53 30.95
C ALA H 217 -15.76 -7.92 30.56
N GLU H 218 -16.39 -7.10 29.70
CA GLU H 218 -17.74 -7.24 29.14
C GLU H 218 -17.90 -8.48 28.24
N ASP H 219 -16.80 -8.97 27.65
CA ASP H 219 -16.81 -10.11 26.73
C ASP H 219 -16.92 -11.49 27.42
N VAL H 220 -17.00 -11.52 28.74
CA VAL H 220 -17.12 -12.75 29.50
C VAL H 220 -18.48 -13.43 29.24
N GLY H 221 -18.44 -14.73 29.07
CA GLY H 221 -19.66 -15.51 28.86
C GLY H 221 -19.41 -16.73 28.00
N VAL H 222 -20.48 -17.28 27.43
CA VAL H 222 -20.34 -18.45 26.55
C VAL H 222 -20.67 -18.10 25.10
N TYR H 223 -19.71 -18.35 24.22
CA TYR H 223 -19.89 -18.08 22.80
C TYR H 223 -20.41 -19.32 22.12
N TYR H 224 -21.41 -19.18 21.25
CA TYR H 224 -21.96 -20.33 20.55
C TYR H 224 -22.10 -20.04 19.08
N CYS H 225 -21.60 -20.94 18.23
CA CYS H 225 -21.82 -20.83 16.80
C CYS H 225 -23.20 -21.44 16.49
N MET H 226 -23.91 -20.83 15.55
CA MET H 226 -25.20 -21.33 15.13
C MET H 226 -25.22 -21.39 13.63
N GLN H 227 -25.85 -22.42 13.11
CA GLN H 227 -25.99 -22.57 11.68
C GLN H 227 -27.48 -22.45 11.27
N ALA H 228 -27.74 -21.81 10.12
CA ALA H 228 -29.11 -21.70 9.57
C ALA H 228 -29.18 -22.18 8.10
N LYS H 229 -28.24 -23.06 7.67
CA LYS H 229 -28.26 -23.64 6.32
C LYS H 229 -29.41 -24.65 6.26
N ASP H 230 -29.53 -25.47 7.29
CA ASP H 230 -30.60 -26.42 7.56
C ASP H 230 -31.07 -25.97 8.99
N PRO H 231 -31.92 -24.92 9.08
CA PRO H 231 -32.26 -24.34 10.40
C PRO H 231 -32.82 -25.35 11.40
N TYR H 232 -32.25 -25.50 12.63
CA TYR H 232 -31.07 -24.84 13.21
C TYR H 232 -30.26 -25.84 14.04
N SER H 233 -28.97 -25.56 14.22
CA SER H 233 -28.10 -26.35 15.08
C SER H 233 -26.99 -25.46 15.63
N PHE H 234 -26.49 -25.80 16.81
CA PHE H 234 -25.51 -24.97 17.50
C PHE H 234 -24.26 -25.77 17.93
N GLY H 235 -23.20 -25.04 18.23
CA GLY H 235 -21.98 -25.63 18.76
C GLY H 235 -22.13 -25.83 20.27
N GLN H 236 -21.23 -26.62 20.86
CA GLN H 236 -21.23 -26.94 22.30
C GLN H 236 -20.99 -25.72 23.19
N GLY H 237 -20.30 -24.72 22.66
CA GLY H 237 -19.99 -23.51 23.41
C GLY H 237 -18.54 -23.35 23.78
N THR H 238 -18.11 -22.09 23.92
CA THR H 238 -16.76 -21.76 24.35
C THR H 238 -16.90 -20.77 25.48
N LYS H 239 -16.63 -21.25 26.71
CA LYS H 239 -16.72 -20.41 27.89
C LYS H 239 -15.49 -19.53 27.93
N LEU H 240 -15.66 -18.21 27.97
CA LEU H 240 -14.54 -17.28 28.01
C LEU H 240 -14.45 -16.61 29.38
N GLU H 241 -13.28 -16.68 30.02
CA GLU H 241 -13.06 -16.07 31.32
C GLU H 241 -11.91 -15.07 31.24
N ILE H 242 -11.95 -14.03 32.10
CA ILE H 242 -10.87 -13.04 32.16
C ILE H 242 -9.99 -13.27 33.42
N LYS H 243 -8.79 -13.82 33.19
CA LYS H 243 -7.72 -14.10 34.16
C LYS H 243 -6.58 -14.77 33.41
#